data_6LCL
#
_entry.id   6LCL
#
_cell.length_a   118.446
_cell.length_b   205.010
_cell.length_c   163.392
_cell.angle_alpha   90.000
_cell.angle_beta   90.000
_cell.angle_gamma   90.000
#
_symmetry.space_group_name_H-M   'C 2 2 21'
#
loop_
_entity.id
_entity.type
_entity.pdbx_description
1 polymer Alpha-galactosidase
2 branched alpha-D-galactopyranose-(1-6)-alpha-D-galactopyranose
#
_entity_poly.entity_id   1
_entity_poly.type   'polypeptide(L)'
_entity_poly.pdbx_seq_one_letter_code
;GSHMRLNLGGAEVFLRAEGLEEAPGGVRLWGREVRVFPPFPAKGFFRHGWQSWSLAAWVDPAQAPTPLLPEARRPQADDP
FLLEAGAWWGSGVGALRGPDGRALLLGALDLGARVLGREDLLLGRYAGKGGAWFLAYGPEEEVFAAYARLLPRRLSGRPP
RVWCSWYSFYTRIGEDLLLRVLDEVAAFSFEVFQIDDGWQRALGDWEPNDRFPRGMAFLAERIRERGLRAGLWFAPFLVT
ADSPLFQKRPDWVLRDGEGRPVRAGFNWGRPLYALDAGNEEVVEWAADLVRKALAWGYDYLKLDFLYAAALPGAEGEARY
RKAMARLREAAGEAYLLFCGAPVLASLGLADGLRVGPDVAPYWDNEERSFWLADPTGPGLRNALRSTLHRLWLMENVHVD
PDVVYFRTRFNLLSPEEMRLQEALAHFTGFKATSDPPSWLLPEEKGRLEAFLAREVPVRRLGPYRFRVGEEEVDYAPLL
;
_entity_poly.pdbx_strand_id   A,C,E
#
loop_
_chem_comp.id
_chem_comp.type
_chem_comp.name
_chem_comp.formula
GLA D-saccharide, alpha linking alpha-D-galactopyranose 'C6 H12 O6'
#
# COMPACT_ATOMS: atom_id res chain seq x y z
N GLY A 1 -7.01 -14.74 63.39
CA GLY A 1 -6.28 -13.62 63.99
C GLY A 1 -7.11 -12.37 64.30
N SER A 2 -6.59 -11.21 63.93
CA SER A 2 -7.23 -9.95 64.30
C SER A 2 -8.36 -9.58 63.33
N HIS A 3 -9.38 -8.91 63.85
CA HIS A 3 -10.43 -8.34 63.01
C HIS A 3 -10.01 -6.99 62.46
N MET A 4 -10.34 -6.73 61.20
CA MET A 4 -9.85 -5.57 60.48
C MET A 4 -10.91 -5.05 59.51
N ARG A 5 -10.87 -3.75 59.27
CA ARG A 5 -11.85 -3.05 58.46
C ARG A 5 -11.14 -2.34 57.32
N LEU A 6 -11.70 -2.40 56.11
CA LEU A 6 -10.97 -1.88 54.96
C LEU A 6 -11.94 -1.19 53.99
N ASN A 7 -11.42 -0.14 53.34
CA ASN A 7 -12.10 0.59 52.25
C ASN A 7 -11.46 0.14 50.93
N LEU A 8 -12.05 -0.88 50.32
CA LEU A 8 -11.46 -1.61 49.19
C LEU A 8 -12.35 -1.37 47.98
N GLY A 9 -11.89 -0.55 47.05
CA GLY A 9 -12.68 -0.28 45.87
C GLY A 9 -14.01 0.36 46.21
N GLY A 10 -13.97 1.41 47.04
CA GLY A 10 -15.17 2.15 47.40
C GLY A 10 -16.24 1.32 48.09
N ALA A 11 -15.83 0.34 48.90
CA ALA A 11 -16.72 -0.52 49.64
C ALA A 11 -16.06 -0.89 50.96
N GLU A 12 -16.85 -1.10 52.00
CA GLU A 12 -16.33 -1.47 53.30
C GLU A 12 -16.30 -2.99 53.40
N VAL A 13 -15.10 -3.54 53.57
CA VAL A 13 -14.86 -4.97 53.58
C VAL A 13 -14.23 -5.33 54.92
N PHE A 14 -14.74 -6.40 55.55
CA PHE A 14 -14.26 -6.84 56.86
C PHE A 14 -13.51 -8.16 56.74
N LEU A 15 -12.39 -8.28 57.45
CA LEU A 15 -11.54 -9.43 57.28
C LEU A 15 -10.91 -9.82 58.60
N ARG A 16 -10.42 -11.06 58.67
CA ARG A 16 -9.60 -11.52 59.77
C ARG A 16 -8.29 -12.02 59.18
N ALA A 17 -7.19 -11.41 59.59
CA ALA A 17 -5.84 -11.87 59.23
C ALA A 17 -4.90 -11.47 60.35
N GLU A 18 -3.71 -12.07 60.35
CA GLU A 18 -2.68 -11.69 61.32
C GLU A 18 -1.79 -10.55 60.83
N GLY A 19 -2.22 -9.79 59.83
CA GLY A 19 -1.37 -8.74 59.29
C GLY A 19 -1.95 -8.20 58.01
N LEU A 20 -1.48 -7.01 57.64
CA LEU A 20 -2.03 -6.31 56.50
C LEU A 20 -1.07 -5.22 56.07
N GLU A 21 -0.90 -5.05 54.76
CA GLU A 21 -0.08 -3.94 54.26
C GLU A 21 -0.54 -3.61 52.86
N GLU A 22 -0.39 -2.33 52.48
CA GLU A 22 -0.92 -1.90 51.19
C GLU A 22 -0.17 -2.63 50.07
N ALA A 23 -0.80 -2.72 48.91
CA ALA A 23 -0.22 -3.44 47.78
C ALA A 23 -0.82 -2.88 46.49
N PRO A 24 -0.13 -3.04 45.36
CA PRO A 24 -0.64 -2.45 44.12
C PRO A 24 -1.99 -3.04 43.72
N GLY A 25 -3.05 -2.24 43.81
CA GLY A 25 -4.35 -2.65 43.32
C GLY A 25 -5.25 -3.31 44.33
N GLY A 26 -4.78 -3.47 45.57
CA GLY A 26 -5.54 -4.03 46.67
C GLY A 26 -4.66 -4.03 47.93
N VAL A 27 -4.75 -5.05 48.76
CA VAL A 27 -3.94 -5.13 49.97
C VAL A 27 -3.27 -6.50 50.06
N ARG A 28 -2.28 -6.59 50.95
CA ARG A 28 -1.55 -7.81 51.22
C ARG A 28 -1.85 -8.29 52.66
N LEU A 29 -2.71 -9.29 52.79
CA LEU A 29 -3.04 -9.92 54.05
C LEU A 29 -2.03 -11.00 54.39
N TRP A 30 -1.90 -11.27 55.68
CA TRP A 30 -1.04 -12.35 56.14
C TRP A 30 -1.83 -13.33 57.01
N GLY A 31 -1.24 -14.50 57.21
CA GLY A 31 -1.83 -15.47 58.12
C GLY A 31 -2.05 -16.80 57.46
N ARG A 32 -1.96 -17.88 58.23
CA ARG A 32 -2.18 -19.21 57.69
C ARG A 32 -3.63 -19.45 57.28
N GLU A 33 -4.59 -18.80 57.94
CA GLU A 33 -5.96 -18.75 57.44
C GLU A 33 -6.44 -17.30 57.56
N VAL A 34 -7.18 -16.87 56.55
CA VAL A 34 -7.76 -15.53 56.54
C VAL A 34 -9.19 -15.67 56.06
N ARG A 35 -10.06 -14.82 56.59
CA ARG A 35 -11.46 -14.82 56.19
C ARG A 35 -11.85 -13.42 55.74
N VAL A 36 -12.59 -13.34 54.63
CA VAL A 36 -12.98 -12.06 54.02
C VAL A 36 -14.49 -12.06 53.85
N PHE A 37 -15.13 -10.95 54.20
CA PHE A 37 -16.58 -10.91 54.16
C PHE A 37 -17.02 -9.93 53.10
N PRO A 38 -17.75 -10.39 52.10
CA PRO A 38 -18.09 -9.53 50.98
C PRO A 38 -19.12 -8.51 51.40
N PRO A 39 -19.00 -7.26 50.92
CA PRO A 39 -20.00 -6.23 51.24
C PRO A 39 -21.22 -6.30 50.33
N PHE A 40 -21.73 -7.50 50.10
CA PHE A 40 -22.86 -7.71 49.19
C PHE A 40 -23.27 -9.18 49.27
N PRO A 41 -24.50 -9.50 48.90
CA PRO A 41 -24.84 -10.89 48.62
C PRO A 41 -24.07 -11.41 47.40
N ALA A 42 -23.28 -12.45 47.62
CA ALA A 42 -22.46 -13.02 46.55
C ALA A 42 -23.33 -13.78 45.55
N LYS A 43 -23.27 -13.35 44.30
CA LYS A 43 -23.99 -14.06 43.26
C LYS A 43 -23.23 -15.26 42.70
N GLY A 44 -21.90 -15.29 42.84
CA GLY A 44 -21.16 -16.45 42.36
C GLY A 44 -19.75 -16.50 42.88
N PHE A 45 -19.13 -17.67 42.69
CA PHE A 45 -17.81 -17.97 43.22
C PHE A 45 -16.92 -18.53 42.12
N PHE A 46 -15.70 -18.01 42.00
CA PHE A 46 -14.76 -18.45 40.98
C PHE A 46 -14.03 -19.70 41.50
N ARG A 47 -14.48 -20.87 41.08
CA ARG A 47 -13.88 -22.11 41.53
C ARG A 47 -12.68 -22.39 40.62
N HIS A 48 -11.48 -22.28 41.16
CA HIS A 48 -10.28 -22.52 40.37
C HIS A 48 -9.73 -23.90 40.69
N GLY A 49 -9.80 -24.81 39.70
CA GLY A 49 -9.24 -26.14 39.85
C GLY A 49 -7.72 -26.12 39.96
N TRP A 50 -7.17 -27.23 40.47
CA TRP A 50 -5.75 -27.27 40.83
C TRP A 50 -4.83 -27.22 39.60
N GLN A 51 -5.04 -28.12 38.64
CA GLN A 51 -4.09 -28.33 37.54
C GLN A 51 -4.66 -27.95 36.17
N SER A 52 -3.90 -28.29 35.12
CA SER A 52 -4.28 -27.94 33.75
C SER A 52 -5.69 -28.40 33.43
N TRP A 53 -5.95 -29.69 33.57
CA TRP A 53 -7.20 -30.25 33.06
C TRP A 53 -8.39 -29.95 33.97
N SER A 54 -8.14 -29.45 35.18
CA SER A 54 -9.19 -29.25 36.17
C SER A 54 -10.14 -28.15 35.73
N LEU A 55 -11.26 -28.06 36.44
CA LEU A 55 -12.30 -27.12 36.06
C LEU A 55 -12.02 -25.73 36.65
N ALA A 56 -12.16 -24.71 35.80
CA ALA A 56 -12.04 -23.30 36.18
C ALA A 56 -13.24 -22.57 35.62
N ALA A 57 -14.19 -22.22 36.47
CA ALA A 57 -15.40 -21.53 36.05
C ALA A 57 -16.01 -20.84 37.27
N TRP A 58 -16.94 -19.93 36.98
CA TRP A 58 -17.82 -19.37 38.02
C TRP A 58 -18.94 -20.36 38.33
N VAL A 59 -19.21 -20.57 39.63
CA VAL A 59 -20.26 -21.48 40.05
C VAL A 59 -21.14 -20.80 41.09
N ASP A 60 -22.26 -21.47 41.35
CA ASP A 60 -23.24 -21.08 42.36
C ASP A 60 -22.78 -21.62 43.72
N PRO A 61 -22.42 -20.76 44.68
CA PRO A 61 -21.96 -21.28 45.98
C PRO A 61 -23.06 -22.00 46.75
N ALA A 62 -24.34 -21.67 46.49
CA ALA A 62 -25.45 -22.26 47.23
C ALA A 62 -25.58 -23.74 46.93
N GLN A 63 -25.63 -24.10 45.64
CA GLN A 63 -25.88 -25.47 45.25
C GLN A 63 -24.66 -26.35 45.52
N ALA A 64 -24.90 -27.63 45.84
CA ALA A 64 -23.80 -28.50 46.25
C ALA A 64 -22.98 -28.98 45.05
N PRO A 65 -21.66 -29.13 45.22
CA PRO A 65 -20.86 -29.79 44.18
C PRO A 65 -21.26 -31.25 44.01
N THR A 66 -21.10 -31.75 42.79
CA THR A 66 -21.44 -33.15 42.57
C THR A 66 -20.19 -34.03 42.60
N PRO A 67 -20.25 -35.21 43.18
CA PRO A 67 -19.09 -36.11 43.14
C PRO A 67 -18.67 -36.48 41.72
N LEU A 68 -17.36 -36.43 41.49
CA LEU A 68 -16.80 -36.88 40.22
C LEU A 68 -16.67 -38.41 40.23
N LEU A 69 -16.70 -39.01 39.04
CA LEU A 69 -16.78 -40.46 38.86
C LEU A 69 -16.07 -40.87 37.58
N PRO A 70 -15.51 -42.08 37.54
CA PRO A 70 -15.31 -43.00 38.66
C PRO A 70 -14.34 -42.46 39.67
N GLU A 71 -14.31 -43.00 40.88
CA GLU A 71 -13.30 -42.59 41.85
C GLU A 71 -11.89 -42.93 41.38
N ALA A 72 -11.76 -43.83 40.42
CA ALA A 72 -10.42 -44.19 39.94
C ALA A 72 -9.69 -42.99 39.37
N ARG A 73 -10.42 -42.04 38.80
CA ARG A 73 -9.84 -40.93 38.03
C ARG A 73 -9.78 -39.63 38.80
N ARG A 74 -10.11 -39.62 40.07
CA ARG A 74 -10.03 -38.36 40.80
C ARG A 74 -8.62 -37.79 40.91
N PRO A 75 -7.51 -38.59 41.01
CA PRO A 75 -6.21 -37.95 41.24
C PRO A 75 -5.67 -37.31 39.98
N GLN A 76 -6.11 -37.78 38.81
CA GLN A 76 -5.74 -37.13 37.57
C GLN A 76 -6.77 -36.11 37.10
N ALA A 77 -7.77 -35.79 37.90
CA ALA A 77 -8.72 -34.76 37.53
C ALA A 77 -8.47 -33.44 38.25
N ASP A 78 -8.16 -33.49 39.54
CA ASP A 78 -8.05 -32.29 40.36
C ASP A 78 -7.28 -32.63 41.63
N ASP A 79 -7.09 -31.62 42.50
CA ASP A 79 -6.63 -31.79 43.86
C ASP A 79 -7.64 -32.68 44.55
N PRO A 80 -7.29 -33.91 44.92
CA PRO A 80 -8.31 -34.83 45.45
C PRO A 80 -9.12 -34.20 46.58
N PHE A 81 -8.53 -33.30 47.38
CA PHE A 81 -9.29 -32.67 48.46
C PHE A 81 -10.48 -31.86 47.93
N LEU A 82 -10.28 -31.13 46.83
CA LEU A 82 -11.34 -30.27 46.30
C LEU A 82 -12.54 -31.09 45.81
N LEU A 83 -12.27 -32.26 45.24
CA LEU A 83 -13.34 -33.16 44.84
C LEU A 83 -14.03 -33.79 46.06
N GLU A 84 -13.23 -34.34 47.00
CA GLU A 84 -13.79 -35.04 48.17
C GLU A 84 -14.66 -34.13 49.03
N ALA A 85 -14.27 -32.87 49.17
CA ALA A 85 -14.97 -31.98 50.08
C ALA A 85 -16.40 -31.73 49.61
N GLY A 86 -17.29 -31.56 50.59
CA GLY A 86 -18.66 -31.20 50.30
C GLY A 86 -18.95 -29.72 50.23
N ALA A 87 -17.94 -28.86 50.32
CA ALA A 87 -18.10 -27.44 50.05
C ALA A 87 -17.37 -27.08 48.75
N TRP A 88 -17.49 -25.82 48.34
CA TRP A 88 -16.78 -25.31 47.16
C TRP A 88 -15.41 -24.80 47.56
N TRP A 89 -14.39 -25.63 47.41
CA TRP A 89 -13.02 -25.22 47.61
C TRP A 89 -12.33 -25.01 46.27
N GLY A 90 -11.37 -24.09 46.24
CA GLY A 90 -10.59 -23.79 45.07
C GLY A 90 -9.10 -23.84 45.41
N SER A 91 -8.29 -23.91 44.37
CA SER A 91 -6.83 -23.97 44.53
C SER A 91 -6.22 -22.60 44.31
N GLY A 92 -5.59 -22.07 45.34
CA GLY A 92 -4.73 -20.92 45.16
C GLY A 92 -5.48 -19.62 45.17
N VAL A 93 -6.50 -19.50 44.33
CA VAL A 93 -7.19 -18.23 44.20
C VAL A 93 -8.69 -18.49 44.11
N GLY A 94 -9.46 -17.62 44.76
CA GLY A 94 -10.90 -17.69 44.69
C GLY A 94 -11.44 -16.28 44.70
N ALA A 95 -12.72 -16.15 44.35
CA ALA A 95 -13.29 -14.83 44.15
C ALA A 95 -14.79 -14.92 44.25
N LEU A 96 -15.40 -13.88 44.81
CA LEU A 96 -16.85 -13.78 44.89
C LEU A 96 -17.30 -12.64 44.00
N ARG A 97 -18.44 -12.80 43.35
CA ARG A 97 -18.91 -11.88 42.32
C ARG A 97 -20.14 -11.12 42.82
N GLY A 98 -20.03 -9.78 42.88
CA GLY A 98 -21.14 -8.93 43.25
C GLY A 98 -22.13 -8.69 42.12
N PRO A 99 -23.42 -8.32 42.46
CA PRO A 99 -24.42 -8.13 41.41
C PRO A 99 -24.15 -6.94 40.49
N ASP A 100 -22.91 -6.46 40.46
CA ASP A 100 -22.53 -5.21 39.80
C ASP A 100 -21.42 -5.38 38.77
N GLY A 101 -21.10 -6.62 38.37
CA GLY A 101 -20.01 -6.80 37.42
C GLY A 101 -18.63 -6.68 38.01
N ARG A 102 -18.50 -6.91 39.32
CA ARG A 102 -17.26 -6.65 40.03
C ARG A 102 -16.99 -7.82 40.97
N ALA A 103 -15.71 -8.01 41.28
CA ALA A 103 -15.25 -9.21 41.97
C ALA A 103 -14.47 -8.85 43.22
N LEU A 104 -14.74 -9.59 44.30
CA LEU A 104 -13.90 -9.61 45.48
C LEU A 104 -12.99 -10.82 45.33
N LEU A 105 -11.68 -10.58 45.19
CA LEU A 105 -10.73 -11.62 44.88
C LEU A 105 -9.79 -11.84 46.07
N LEU A 106 -9.66 -13.11 46.47
CA LEU A 106 -8.66 -13.51 47.45
C LEU A 106 -7.72 -14.48 46.76
N GLY A 107 -6.45 -14.10 46.67
CA GLY A 107 -5.47 -14.95 46.04
C GLY A 107 -4.21 -15.13 46.85
N ALA A 108 -3.76 -16.37 46.98
CA ALA A 108 -2.49 -16.64 47.64
C ALA A 108 -1.33 -16.10 46.82
N LEU A 109 -0.21 -15.90 47.49
CA LEU A 109 1.05 -15.51 46.88
C LEU A 109 2.17 -16.49 47.17
N ASP A 110 1.89 -17.57 47.91
CA ASP A 110 2.82 -18.63 48.30
C ASP A 110 2.19 -19.98 47.98
N LEU A 111 2.99 -21.05 47.97
CA LEU A 111 2.51 -22.36 47.56
C LEU A 111 1.64 -23.01 48.64
N GLY A 112 0.80 -23.95 48.21
CA GLY A 112 0.08 -24.80 49.13
C GLY A 112 -1.23 -24.27 49.68
N ALA A 113 -1.89 -23.34 49.01
CA ALA A 113 -3.11 -22.76 49.53
C ALA A 113 -4.36 -23.26 48.80
N ARG A 114 -5.50 -23.10 49.47
CA ARG A 114 -6.81 -23.37 48.92
C ARG A 114 -7.73 -22.26 49.39
N VAL A 115 -8.83 -22.04 48.67
CA VAL A 115 -9.75 -20.97 49.02
C VAL A 115 -11.17 -21.49 49.00
N LEU A 116 -11.81 -21.47 50.15
CA LEU A 116 -13.21 -21.83 50.28
C LEU A 116 -14.09 -20.65 49.83
N GLY A 117 -15.23 -20.99 49.22
CA GLY A 117 -16.17 -20.00 48.75
C GLY A 117 -17.60 -20.25 49.18
N ARG A 118 -18.10 -19.40 50.08
CA ARG A 118 -19.48 -19.36 50.51
C ARG A 118 -20.17 -18.14 49.92
N GLU A 119 -21.48 -18.07 50.07
CA GLU A 119 -22.21 -16.90 49.63
C GLU A 119 -21.97 -15.70 50.54
N ASP A 120 -21.40 -15.92 51.73
CA ASP A 120 -21.14 -14.86 52.68
C ASP A 120 -19.66 -14.73 53.05
N LEU A 121 -18.75 -15.45 52.39
CA LEU A 121 -17.41 -15.60 52.93
C LEU A 121 -16.43 -16.13 51.87
N LEU A 122 -15.20 -15.62 51.93
CA LEU A 122 -14.06 -16.14 51.20
C LEU A 122 -13.02 -16.54 52.24
N LEU A 123 -12.71 -17.82 52.31
CA LEU A 123 -11.86 -18.37 53.36
C LEU A 123 -10.60 -18.92 52.70
N GLY A 124 -9.46 -18.29 52.96
CA GLY A 124 -8.17 -18.80 52.51
C GLY A 124 -7.49 -19.60 53.60
N ARG A 125 -6.87 -20.72 53.21
CA ARG A 125 -6.19 -21.59 54.17
C ARG A 125 -4.99 -22.25 53.50
N TYR A 126 -3.83 -22.18 54.17
CA TYR A 126 -2.62 -22.85 53.70
C TYR A 126 -2.56 -24.26 54.26
N ALA A 127 -2.19 -25.23 53.41
CA ALA A 127 -2.04 -26.60 53.87
C ALA A 127 -0.90 -26.72 54.87
N GLY A 128 0.27 -26.18 54.54
CA GLY A 128 1.42 -26.21 55.43
C GLY A 128 1.55 -24.95 56.25
N LYS A 129 2.80 -24.47 56.39
CA LYS A 129 3.05 -23.19 57.02
C LYS A 129 2.27 -22.09 56.29
N GLY A 130 1.86 -21.06 57.06
CA GLY A 130 1.16 -19.88 56.54
C GLY A 130 1.86 -19.12 55.42
N GLY A 131 1.35 -17.94 55.08
CA GLY A 131 1.92 -17.21 53.98
C GLY A 131 1.11 -15.96 53.69
N ALA A 132 1.38 -15.37 52.52
CA ALA A 132 0.84 -14.07 52.15
C ALA A 132 -0.37 -14.21 51.22
N TRP A 133 -1.24 -13.21 51.27
CA TRP A 133 -2.45 -13.20 50.46
C TRP A 133 -2.51 -11.89 49.72
N PHE A 134 -3.16 -11.89 48.56
CA PHE A 134 -3.54 -10.67 47.88
C PHE A 134 -5.06 -10.58 47.89
N LEU A 135 -5.59 -9.48 48.39
CA LEU A 135 -7.02 -9.26 48.42
C LEU A 135 -7.32 -8.02 47.61
N ALA A 136 -8.41 -8.05 46.85
CA ALA A 136 -8.73 -6.89 46.02
C ALA A 136 -10.18 -6.95 45.60
N TYR A 137 -10.78 -5.78 45.43
CA TYR A 137 -12.16 -5.70 45.00
C TYR A 137 -12.26 -4.65 43.90
N GLY A 138 -13.00 -4.97 42.85
CA GLY A 138 -13.10 -4.14 41.68
C GLY A 138 -13.62 -4.88 40.45
N PRO A 139 -13.41 -4.32 39.25
CA PRO A 139 -13.87 -5.00 38.02
C PRO A 139 -13.24 -6.38 37.88
N GLU A 140 -14.01 -7.30 37.29
CA GLU A 140 -13.56 -8.69 37.19
C GLU A 140 -12.16 -8.81 36.61
N GLU A 141 -11.90 -8.13 35.49
CA GLU A 141 -10.61 -8.25 34.82
C GLU A 141 -9.48 -7.57 35.58
N GLU A 142 -9.78 -6.46 36.27
CA GLU A 142 -8.69 -5.69 36.88
C GLU A 142 -8.09 -6.41 38.06
N VAL A 143 -8.90 -7.09 38.87
CA VAL A 143 -8.38 -7.71 40.08
C VAL A 143 -7.60 -8.97 39.74
N PHE A 144 -8.08 -9.75 38.77
CA PHE A 144 -7.27 -10.88 38.33
C PHE A 144 -5.99 -10.43 37.64
N ALA A 145 -6.04 -9.28 36.95
CA ALA A 145 -4.81 -8.73 36.36
C ALA A 145 -3.88 -8.19 37.44
N ALA A 146 -4.43 -7.53 38.48
CA ALA A 146 -3.60 -7.03 39.57
C ALA A 146 -3.00 -8.19 40.35
N TYR A 147 -3.76 -9.27 40.51
CA TYR A 147 -3.24 -10.44 41.22
C TYR A 147 -2.08 -11.04 40.45
N ALA A 148 -2.26 -11.26 39.14
CA ALA A 148 -1.20 -11.94 38.40
C ALA A 148 0.06 -11.10 38.32
N ARG A 149 -0.05 -9.78 38.55
CA ARG A 149 1.13 -8.94 38.56
C ARG A 149 2.03 -9.20 39.74
N LEU A 150 1.60 -10.06 40.68
CA LEU A 150 2.33 -10.35 41.89
C LEU A 150 2.86 -11.77 41.93
N LEU A 151 2.73 -12.50 40.81
CA LEU A 151 3.18 -13.88 40.72
C LEU A 151 4.39 -13.98 39.78
N PRO A 152 5.23 -15.01 39.89
CA PRO A 152 6.36 -15.14 38.96
C PRO A 152 5.92 -15.02 37.51
N ARG A 153 6.84 -14.59 36.66
CA ARG A 153 6.58 -14.71 35.24
C ARG A 153 7.83 -15.15 34.50
N ARG A 154 7.60 -15.81 33.38
CA ARG A 154 8.61 -16.24 32.46
C ARG A 154 8.00 -16.12 31.06
N LEU A 155 7.73 -14.89 30.63
CA LEU A 155 7.40 -14.60 29.24
C LEU A 155 8.70 -14.47 28.45
N SER A 156 8.90 -15.39 27.51
CA SER A 156 10.14 -15.55 26.74
C SER A 156 9.79 -15.49 25.24
N GLY A 157 9.50 -14.27 24.78
CA GLY A 157 9.13 -13.98 23.41
C GLY A 157 7.76 -14.56 23.07
N ARG A 158 7.52 -14.69 21.77
CA ARG A 158 6.28 -15.23 21.24
C ARG A 158 6.23 -16.75 21.40
N PRO A 159 5.05 -17.33 21.55
CA PRO A 159 4.94 -18.79 21.71
C PRO A 159 5.06 -19.52 20.39
N PRO A 160 5.83 -20.61 20.34
CA PRO A 160 6.15 -21.24 19.04
C PRO A 160 4.90 -21.76 18.34
N ARG A 161 5.11 -22.09 17.06
CA ARG A 161 4.06 -22.67 16.22
C ARG A 161 4.39 -24.14 16.07
N VAL A 162 3.49 -25.01 16.52
CA VAL A 162 3.87 -26.38 16.81
C VAL A 162 3.00 -27.35 16.02
N TRP A 163 3.64 -28.34 15.41
CA TRP A 163 2.90 -29.51 14.96
C TRP A 163 3.09 -30.61 16.01
N CYS A 164 2.01 -30.94 16.71
CA CYS A 164 1.97 -32.01 17.70
C CYS A 164 1.51 -33.29 17.03
N SER A 165 2.02 -34.44 17.49
CA SER A 165 1.66 -35.69 16.83
C SER A 165 0.46 -36.39 17.45
N TRP A 166 -0.16 -35.80 18.48
CA TRP A 166 -1.09 -36.55 19.35
C TRP A 166 -2.52 -36.55 18.82
N TYR A 167 -3.10 -35.38 18.56
CA TYR A 167 -4.53 -35.27 18.28
C TYR A 167 -4.91 -35.73 16.88
N SER A 168 -4.06 -36.59 16.32
CA SER A 168 -4.28 -37.31 15.06
C SER A 168 -4.00 -38.80 15.27
N PHE A 169 -2.73 -39.11 15.38
CA PHE A 169 -2.26 -40.48 15.47
C PHE A 169 -2.35 -41.07 16.87
N TYR A 170 -2.63 -40.25 17.88
CA TYR A 170 -2.54 -40.64 19.29
C TYR A 170 -1.29 -41.49 19.52
N THR A 171 -1.44 -42.67 20.10
CA THR A 171 -0.23 -43.45 20.33
C THR A 171 0.23 -44.21 19.09
N ARG A 172 -0.61 -44.30 18.06
CA ARG A 172 -0.30 -45.08 16.86
C ARG A 172 0.75 -44.39 15.99
N ILE A 173 1.94 -44.10 16.55
CA ILE A 173 2.99 -43.37 15.83
C ILE A 173 4.22 -44.28 15.64
N GLY A 174 5.00 -43.95 14.62
CA GLY A 174 6.22 -44.71 14.38
C GLY A 174 7.19 -43.84 13.61
N GLU A 175 8.42 -44.34 13.52
CA GLU A 175 9.49 -43.57 12.87
C GLU A 175 9.21 -43.41 11.39
N ASP A 176 8.82 -44.47 10.68
CA ASP A 176 8.54 -44.32 9.27
C ASP A 176 7.34 -43.41 9.03
N LEU A 177 6.28 -43.57 9.84
CA LEU A 177 5.11 -42.73 9.68
C LEU A 177 5.45 -41.24 9.85
N LEU A 178 6.13 -40.89 10.95
CA LEU A 178 6.34 -39.47 11.24
C LEU A 178 7.31 -38.82 10.25
N LEU A 179 8.27 -39.58 9.72
CA LEU A 179 9.11 -39.02 8.66
C LEU A 179 8.30 -38.67 7.44
N ARG A 180 7.35 -39.54 7.05
CA ARG A 180 6.45 -39.24 5.94
C ARG A 180 5.61 -38.01 6.25
N VAL A 181 5.22 -37.83 7.51
CA VAL A 181 4.42 -36.66 7.86
C VAL A 181 5.30 -35.42 7.94
N LEU A 182 6.51 -35.57 8.49
CA LEU A 182 7.44 -34.45 8.61
C LEU A 182 7.63 -33.74 7.28
N ASP A 183 7.73 -34.53 6.21
CA ASP A 183 7.85 -33.96 4.88
C ASP A 183 6.65 -33.10 4.51
N GLU A 184 5.43 -33.54 4.88
CA GLU A 184 4.26 -32.75 4.56
C GLU A 184 4.26 -31.45 5.36
N VAL A 185 4.57 -31.57 6.65
CA VAL A 185 4.45 -30.44 7.58
C VAL A 185 5.45 -29.35 7.26
N ALA A 186 6.68 -29.75 6.86
CA ALA A 186 7.75 -28.81 6.56
C ALA A 186 7.35 -27.76 5.52
N ALA A 187 6.34 -28.04 4.72
CA ALA A 187 5.84 -27.09 3.76
C ALA A 187 5.04 -25.96 4.37
N PHE A 188 4.81 -25.95 5.68
CA PHE A 188 4.03 -24.91 6.35
C PHE A 188 4.89 -24.14 7.33
N SER A 189 4.38 -22.97 7.74
CA SER A 189 5.14 -22.10 8.64
C SER A 189 5.09 -22.49 10.12
N PHE A 190 5.43 -23.74 10.42
CA PHE A 190 5.65 -24.23 11.77
C PHE A 190 7.05 -23.85 12.26
N GLU A 191 7.29 -24.02 13.56
CA GLU A 191 8.58 -23.71 14.15
C GLU A 191 9.08 -24.90 14.93
N VAL A 192 8.16 -25.72 15.44
CA VAL A 192 8.50 -26.94 16.18
C VAL A 192 7.73 -28.14 15.60
N PHE A 193 8.44 -29.27 15.46
CA PHE A 193 7.82 -30.56 15.16
C PHE A 193 7.92 -31.43 16.41
N GLN A 194 6.84 -31.51 17.18
CA GLN A 194 6.83 -32.16 18.49
C GLN A 194 6.24 -33.55 18.41
N ILE A 195 7.05 -34.56 18.68
CA ILE A 195 6.57 -35.94 18.80
C ILE A 195 5.96 -36.13 20.18
N ASP A 196 4.75 -36.69 20.23
CA ASP A 196 4.02 -36.79 21.47
C ASP A 196 4.15 -38.21 22.05
N ASP A 197 3.22 -38.59 22.93
CA ASP A 197 3.21 -39.94 23.48
C ASP A 197 3.16 -41.01 22.38
N GLY A 198 3.92 -42.09 22.57
CA GLY A 198 3.99 -43.12 21.56
C GLY A 198 5.38 -43.61 21.19
N TRP A 199 6.41 -42.80 21.46
CA TRP A 199 7.77 -43.14 21.07
C TRP A 199 8.47 -44.01 22.09
N GLN A 200 8.03 -44.01 23.35
CA GLN A 200 8.73 -44.65 24.45
C GLN A 200 8.34 -46.12 24.60
N ARG A 201 9.09 -46.83 25.45
CA ARG A 201 8.78 -48.23 25.67
C ARG A 201 7.77 -48.41 26.79
N ALA A 202 7.96 -47.70 27.90
CA ALA A 202 6.99 -47.65 28.97
C ALA A 202 7.19 -46.36 29.74
N LEU A 203 6.24 -46.05 30.61
CA LEU A 203 6.43 -44.94 31.53
C LEU A 203 7.60 -45.24 32.46
N GLY A 204 8.53 -44.29 32.59
CA GLY A 204 9.75 -44.56 33.31
C GLY A 204 10.86 -45.20 32.50
N ASP A 205 10.54 -45.82 31.36
CA ASP A 205 11.52 -46.40 30.42
C ASP A 205 11.57 -45.50 29.20
N TRP A 206 12.25 -44.35 29.36
CA TRP A 206 12.17 -43.25 28.39
C TRP A 206 13.24 -43.40 27.31
N GLU A 207 13.09 -44.48 26.56
CA GLU A 207 13.91 -44.83 25.41
C GLU A 207 12.97 -45.27 24.31
N PRO A 208 13.41 -45.25 23.05
CA PRO A 208 12.50 -45.55 21.93
C PRO A 208 12.08 -47.02 21.89
N ASN A 209 10.85 -47.26 21.44
CA ASN A 209 10.35 -48.62 21.26
C ASN A 209 10.82 -49.14 19.91
N ASP A 210 10.31 -50.32 19.53
CA ASP A 210 10.70 -50.95 18.28
C ASP A 210 10.02 -50.34 17.06
N ARG A 211 9.07 -49.42 17.24
CA ARG A 211 8.57 -48.66 16.11
C ARG A 211 9.47 -47.47 15.76
N PHE A 212 10.45 -47.15 16.62
CA PHE A 212 11.39 -46.06 16.38
C PHE A 212 12.81 -46.63 16.28
N PRO A 213 13.07 -47.44 15.24
CA PRO A 213 14.24 -48.31 15.29
C PRO A 213 15.55 -47.57 15.20
N ARG A 214 15.62 -46.46 14.46
CA ARG A 214 16.86 -45.70 14.34
C ARG A 214 17.09 -44.73 15.51
N GLY A 215 16.20 -44.68 16.49
CA GLY A 215 16.42 -43.86 17.66
C GLY A 215 15.83 -42.47 17.53
N MET A 216 15.80 -41.79 18.67
CA MET A 216 15.17 -40.47 18.71
C MET A 216 16.12 -39.36 18.33
N ALA A 217 17.44 -39.57 18.41
CA ALA A 217 18.36 -38.51 17.99
C ALA A 217 18.47 -38.45 16.47
N PHE A 218 18.21 -39.59 15.81
CA PHE A 218 18.07 -39.61 14.35
C PHE A 218 16.86 -38.78 13.92
N LEU A 219 15.71 -38.98 14.58
CA LEU A 219 14.50 -38.20 14.30
C LEU A 219 14.70 -36.71 14.53
N ALA A 220 15.48 -36.32 15.54
CA ALA A 220 15.70 -34.89 15.75
C ALA A 220 16.64 -34.32 14.72
N GLU A 221 17.55 -35.14 14.17
CA GLU A 221 18.38 -34.65 13.08
C GLU A 221 17.55 -34.42 11.83
N ARG A 222 16.73 -35.39 11.44
CA ARG A 222 15.89 -35.22 10.25
C ARG A 222 14.93 -34.05 10.41
N ILE A 223 14.54 -33.71 11.63
CA ILE A 223 13.66 -32.56 11.79
C ILE A 223 14.42 -31.26 11.58
N ARG A 224 15.62 -31.15 12.14
CA ARG A 224 16.37 -29.92 12.06
C ARG A 224 16.87 -29.66 10.64
N GLU A 225 17.05 -30.74 9.85
CA GLU A 225 17.40 -30.62 8.45
C GLU A 225 16.29 -30.02 7.63
N ARG A 226 15.15 -29.72 8.24
CA ARG A 226 14.04 -29.06 7.58
C ARG A 226 13.89 -27.62 8.03
N GLY A 227 14.79 -27.13 8.86
CA GLY A 227 14.62 -25.80 9.40
C GLY A 227 13.75 -25.73 10.63
N LEU A 228 13.35 -26.86 11.20
CA LEU A 228 12.45 -26.90 12.34
C LEU A 228 13.20 -27.30 13.60
N ARG A 229 12.60 -27.02 14.75
CA ARG A 229 13.08 -27.52 16.04
C ARG A 229 12.43 -28.85 16.37
N ALA A 230 13.10 -29.66 17.19
CA ALA A 230 12.58 -30.99 17.53
C ALA A 230 11.96 -31.00 18.92
N GLY A 231 10.69 -31.41 18.99
CA GLY A 231 9.93 -31.47 20.23
C GLY A 231 9.67 -32.90 20.66
N LEU A 232 9.66 -33.12 21.98
CA LEU A 232 9.50 -34.44 22.58
C LEU A 232 8.64 -34.35 23.84
N TRP A 233 7.92 -35.44 24.10
CA TRP A 233 6.94 -35.53 25.18
C TRP A 233 7.47 -36.50 26.23
N PHE A 234 7.36 -36.12 27.51
CA PHE A 234 7.68 -37.00 28.63
C PHE A 234 6.58 -36.92 29.66
N ALA A 235 6.45 -37.97 30.47
CA ALA A 235 5.61 -37.96 31.67
C ALA A 235 6.55 -38.33 32.80
N PRO A 236 7.41 -37.41 33.21
CA PRO A 236 8.61 -37.81 33.98
C PRO A 236 8.30 -38.63 35.23
N PHE A 237 7.38 -38.14 36.07
CA PHE A 237 7.11 -38.72 37.38
C PHE A 237 5.93 -39.68 37.37
N LEU A 238 5.55 -40.21 36.21
CA LEU A 238 4.46 -41.15 36.08
C LEU A 238 5.02 -42.54 35.79
N VAL A 239 4.41 -43.55 36.39
CA VAL A 239 4.86 -44.93 36.22
C VAL A 239 3.64 -45.85 36.41
N THR A 240 3.68 -46.99 35.75
CA THR A 240 2.64 -47.98 35.95
C THR A 240 3.24 -49.23 36.57
N ALA A 241 2.37 -50.13 37.05
CA ALA A 241 2.88 -51.28 37.77
C ALA A 241 3.59 -52.30 36.87
N ASP A 242 3.58 -52.11 35.54
CA ASP A 242 4.27 -52.98 34.59
C ASP A 242 5.50 -52.34 33.96
N SER A 243 5.86 -51.15 34.39
CA SER A 243 7.10 -50.56 33.95
C SER A 243 8.29 -51.30 34.59
N PRO A 244 9.38 -51.44 33.85
CA PRO A 244 10.62 -51.92 34.49
C PRO A 244 11.01 -51.07 35.68
N LEU A 245 10.86 -49.75 35.57
CA LEU A 245 11.32 -48.85 36.63
C LEU A 245 10.59 -49.12 37.95
N PHE A 246 9.29 -49.41 37.87
CA PHE A 246 8.47 -49.68 39.05
C PHE A 246 8.94 -50.91 39.80
N GLN A 247 9.54 -51.86 39.09
CA GLN A 247 9.98 -53.13 39.64
C GLN A 247 11.47 -53.17 39.89
N LYS A 248 12.26 -52.42 39.12
CA LYS A 248 13.69 -52.34 39.40
C LYS A 248 13.99 -51.47 40.60
N ARG A 249 13.22 -50.41 40.82
CA ARG A 249 13.46 -49.49 41.93
C ARG A 249 12.16 -49.16 42.65
N PRO A 250 11.65 -50.09 43.47
CA PRO A 250 10.41 -49.83 44.20
C PRO A 250 10.53 -48.72 45.22
N ASP A 251 11.75 -48.32 45.60
CA ASP A 251 11.94 -47.20 46.52
C ASP A 251 11.79 -45.84 45.85
N TRP A 252 11.50 -45.80 44.53
CA TRP A 252 11.24 -44.54 43.85
C TRP A 252 9.77 -44.23 43.75
N VAL A 253 8.90 -45.18 44.08
CA VAL A 253 7.46 -44.96 44.02
C VAL A 253 7.03 -44.11 45.22
N LEU A 254 6.28 -43.04 44.93
CA LEU A 254 5.59 -42.29 45.98
C LEU A 254 4.58 -43.20 46.69
N ARG A 255 4.76 -43.37 48.01
CA ARG A 255 3.90 -44.23 48.82
C ARG A 255 3.38 -43.43 50.01
N ASP A 256 2.28 -43.91 50.62
CA ASP A 256 1.60 -43.17 51.69
C ASP A 256 2.25 -43.53 53.03
N GLY A 257 1.57 -43.27 54.14
CA GLY A 257 2.14 -43.59 55.43
C GLY A 257 2.18 -45.08 55.76
N GLU A 258 1.55 -45.90 54.94
CA GLU A 258 1.53 -47.33 55.15
C GLU A 258 2.20 -48.05 54.00
N GLY A 259 3.09 -47.37 53.29
CA GLY A 259 3.91 -48.00 52.27
C GLY A 259 3.14 -48.58 51.11
N ARG A 260 1.96 -48.05 50.83
CA ARG A 260 1.21 -48.39 49.63
C ARG A 260 1.45 -47.33 48.57
N PRO A 261 1.69 -47.72 47.31
CA PRO A 261 1.86 -46.73 46.25
C PRO A 261 0.69 -45.75 46.19
N VAL A 262 1.02 -44.44 46.16
CA VAL A 262 0.02 -43.41 45.97
C VAL A 262 -0.60 -43.56 44.58
N ARG A 263 -1.93 -43.58 44.51
CA ARG A 263 -2.64 -43.76 43.24
C ARG A 263 -2.71 -42.44 42.49
N ALA A 264 -2.26 -42.46 41.24
CA ALA A 264 -2.19 -41.27 40.40
C ALA A 264 -3.28 -41.22 39.33
N GLY A 265 -4.11 -42.25 39.21
CA GLY A 265 -5.24 -42.20 38.31
C GLY A 265 -5.33 -43.47 37.50
N PHE A 266 -6.17 -43.43 36.47
CA PHE A 266 -6.41 -44.57 35.59
C PHE A 266 -6.35 -44.09 34.14
N ASN A 267 -5.35 -44.53 33.40
CA ASN A 267 -5.23 -44.18 31.98
C ASN A 267 -4.57 -45.37 31.32
N TRP A 268 -4.56 -45.39 29.97
CA TRP A 268 -4.02 -46.52 29.19
C TRP A 268 -4.50 -47.85 29.75
N GLY A 269 -5.74 -47.85 30.23
CA GLY A 269 -6.36 -49.06 30.74
C GLY A 269 -5.73 -49.71 31.97
N ARG A 270 -4.83 -49.03 32.67
CA ARG A 270 -4.21 -49.59 33.87
C ARG A 270 -4.05 -48.50 34.92
N PRO A 271 -3.95 -48.89 36.21
CA PRO A 271 -3.74 -47.90 37.28
C PRO A 271 -2.39 -47.22 37.19
N LEU A 272 -2.37 -45.93 37.56
CA LEU A 272 -1.19 -45.09 37.43
C LEU A 272 -0.61 -44.82 38.82
N TYR A 273 0.72 -44.80 38.90
CA TYR A 273 1.41 -44.44 40.14
C TYR A 273 2.44 -43.34 39.87
N ALA A 274 2.90 -42.68 40.92
CA ALA A 274 3.86 -41.59 40.77
C ALA A 274 5.25 -42.00 41.22
N LEU A 275 6.25 -41.28 40.75
CA LEU A 275 7.57 -41.32 41.36
C LEU A 275 7.69 -40.18 42.38
N ASP A 276 8.36 -40.48 43.50
CA ASP A 276 8.45 -39.55 44.63
C ASP A 276 9.33 -38.36 44.25
N ALA A 277 8.70 -37.20 44.03
CA ALA A 277 9.47 -36.01 43.67
C ALA A 277 10.18 -35.39 44.86
N GLY A 278 10.12 -36.04 46.02
CA GLY A 278 10.88 -35.58 47.16
C GLY A 278 12.17 -36.36 47.27
N ASN A 279 12.26 -37.48 46.59
CA ASN A 279 13.49 -38.26 46.56
C ASN A 279 14.49 -37.55 45.66
N GLU A 280 15.63 -37.12 46.24
CA GLU A 280 16.64 -36.41 45.46
C GLU A 280 17.20 -37.28 44.35
N GLU A 281 17.37 -38.57 44.60
CA GLU A 281 17.77 -39.49 43.55
C GLU A 281 16.82 -39.44 42.34
N VAL A 282 15.50 -39.43 42.59
CA VAL A 282 14.52 -39.38 41.51
C VAL A 282 14.61 -38.07 40.76
N VAL A 283 14.73 -36.96 41.49
CA VAL A 283 14.77 -35.66 40.81
C VAL A 283 15.99 -35.56 39.92
N GLU A 284 17.10 -36.16 40.34
CA GLU A 284 18.26 -36.19 39.47
C GLU A 284 18.03 -37.06 38.24
N TRP A 285 17.26 -38.14 38.39
CA TRP A 285 16.93 -38.99 37.25
C TRP A 285 16.05 -38.27 36.25
N ALA A 286 15.07 -37.50 36.74
CA ALA A 286 14.21 -36.72 35.84
C ALA A 286 14.98 -35.61 35.14
N ALA A 287 15.96 -35.00 35.83
CA ALA A 287 16.80 -33.98 35.21
C ALA A 287 17.64 -34.57 34.08
N ASP A 288 18.16 -35.78 34.27
CA ASP A 288 18.91 -36.44 33.19
C ASP A 288 18.00 -36.86 32.05
N LEU A 289 16.69 -36.93 32.27
CA LEU A 289 15.80 -37.04 31.13
C LEU A 289 15.86 -35.76 30.30
N VAL A 290 15.87 -34.61 30.97
CA VAL A 290 15.92 -33.35 30.24
C VAL A 290 17.22 -33.24 29.46
N ARG A 291 18.36 -33.51 30.13
CA ARG A 291 19.65 -33.43 29.45
C ARG A 291 19.74 -34.44 28.32
N LYS A 292 19.25 -35.67 28.55
CA LYS A 292 19.22 -36.67 27.49
C LYS A 292 18.47 -36.16 26.26
N ALA A 293 17.24 -35.68 26.45
CA ALA A 293 16.47 -35.15 25.33
C ALA A 293 17.17 -33.95 24.69
N LEU A 294 17.79 -33.10 25.49
CA LEU A 294 18.60 -32.01 24.94
C LEU A 294 19.76 -32.53 24.11
N ALA A 295 20.41 -33.60 24.60
CA ALA A 295 21.52 -34.22 23.86
C ALA A 295 21.09 -34.84 22.55
N TRP A 296 19.84 -35.32 22.48
CA TRP A 296 19.35 -35.88 21.24
C TRP A 296 19.08 -34.82 20.18
N GLY A 297 19.01 -33.55 20.56
CA GLY A 297 18.70 -32.50 19.64
C GLY A 297 17.33 -31.86 19.79
N TYR A 298 16.64 -32.11 20.92
CA TYR A 298 15.29 -31.60 21.15
C TYR A 298 15.36 -30.36 22.04
N ASP A 299 14.92 -29.20 21.53
CA ASP A 299 14.88 -27.97 22.32
C ASP A 299 13.48 -27.56 22.74
N TYR A 300 12.52 -28.45 22.54
CA TYR A 300 11.13 -28.25 22.95
C TYR A 300 10.69 -29.51 23.68
N LEU A 301 10.21 -29.35 24.92
CA LEU A 301 9.90 -30.49 25.77
C LEU A 301 8.52 -30.30 26.36
N LYS A 302 7.60 -31.23 26.04
CA LYS A 302 6.27 -31.26 26.66
C LYS A 302 6.32 -32.19 27.88
N LEU A 303 6.43 -31.60 29.07
CA LEU A 303 6.45 -32.36 30.31
C LEU A 303 5.02 -32.55 30.82
N ASP A 304 4.63 -33.80 31.02
CA ASP A 304 3.22 -34.14 31.11
C ASP A 304 2.92 -34.90 32.41
N PHE A 305 1.64 -34.90 32.78
CA PHE A 305 1.16 -35.53 34.01
C PHE A 305 1.89 -35.00 35.25
N LEU A 306 2.19 -33.70 35.25
CA LEU A 306 3.06 -33.13 36.28
C LEU A 306 2.43 -33.12 37.67
N TYR A 307 1.09 -33.13 37.76
CA TYR A 307 0.43 -33.27 39.05
C TYR A 307 0.99 -34.45 39.86
N ALA A 308 1.49 -35.49 39.18
CA ALA A 308 2.07 -36.62 39.90
C ALA A 308 3.17 -36.17 40.85
N ALA A 309 4.02 -35.24 40.41
CA ALA A 309 5.07 -34.80 41.30
C ALA A 309 4.52 -34.00 42.46
N ALA A 310 3.26 -33.60 42.41
CA ALA A 310 2.68 -32.75 43.43
C ALA A 310 1.61 -33.45 44.26
N LEU A 311 1.36 -34.73 43.97
CA LEU A 311 0.42 -35.47 44.78
C LEU A 311 0.83 -35.36 46.24
N PRO A 312 -0.13 -35.29 47.17
CA PRO A 312 -1.56 -35.46 46.85
C PRO A 312 -2.39 -34.19 46.75
N GLY A 313 -1.85 -33.07 46.30
CA GLY A 313 -2.62 -31.84 46.33
C GLY A 313 -1.77 -30.65 46.72
N ALA A 314 -2.37 -29.62 47.33
CA ALA A 314 -1.58 -28.46 47.77
C ALA A 314 -0.39 -28.87 48.63
N GLU A 315 -0.60 -29.86 49.52
CA GLU A 315 0.48 -30.33 50.40
C GLU A 315 1.76 -30.61 49.61
N GLY A 316 1.62 -31.24 48.46
CA GLY A 316 2.76 -31.59 47.62
C GLY A 316 3.25 -30.50 46.69
N GLU A 317 2.67 -29.30 46.72
CA GLU A 317 3.22 -28.27 45.85
C GLU A 317 4.61 -27.86 46.31
N ALA A 318 4.94 -28.13 47.58
CA ALA A 318 6.25 -27.77 48.12
C ALA A 318 7.35 -28.53 47.38
N ARG A 319 7.25 -29.87 47.37
CA ARG A 319 8.18 -30.75 46.64
C ARG A 319 8.09 -30.55 45.13
N TYR A 320 6.90 -30.28 44.62
CA TYR A 320 6.72 -30.06 43.19
C TYR A 320 7.63 -28.93 42.73
N ARG A 321 7.54 -27.78 43.38
CA ARG A 321 8.28 -26.62 42.92
C ARG A 321 9.80 -26.86 42.93
N LYS A 322 10.31 -27.47 44.01
CA LYS A 322 11.73 -27.82 44.04
C LYS A 322 12.10 -28.69 42.84
N ALA A 323 11.34 -29.76 42.61
CA ALA A 323 11.70 -30.72 41.57
C ALA A 323 11.63 -30.08 40.20
N MET A 324 10.62 -29.23 39.98
CA MET A 324 10.47 -28.57 38.68
C MET A 324 11.57 -27.57 38.44
N ALA A 325 12.07 -26.93 39.51
CA ALA A 325 13.18 -26.00 39.39
C ALA A 325 14.43 -26.70 38.88
N ARG A 326 14.67 -27.95 39.32
CA ARG A 326 15.81 -28.72 38.84
C ARG A 326 15.67 -29.10 37.37
N LEU A 327 14.48 -29.53 36.97
CA LEU A 327 14.22 -29.71 35.54
C LEU A 327 14.44 -28.42 34.78
N ARG A 328 13.84 -27.32 35.24
CA ARG A 328 14.02 -26.01 34.60
C ARG A 328 15.49 -25.69 34.48
N GLU A 329 16.24 -25.95 35.55
CA GLU A 329 17.67 -25.70 35.56
C GLU A 329 18.38 -26.56 34.54
N ALA A 330 17.95 -27.83 34.41
CA ALA A 330 18.57 -28.73 33.46
C ALA A 330 18.23 -28.37 32.02
N ALA A 331 17.03 -27.84 31.78
CA ALA A 331 16.63 -27.54 30.40
C ALA A 331 17.38 -26.34 29.83
N GLY A 332 17.90 -25.45 30.65
CA GLY A 332 18.55 -24.29 30.12
C GLY A 332 17.54 -23.40 29.45
N GLU A 333 17.85 -22.93 28.24
CA GLU A 333 16.96 -22.04 27.53
C GLU A 333 15.98 -22.79 26.63
N ALA A 334 15.93 -24.11 26.75
CA ALA A 334 14.94 -24.88 26.03
C ALA A 334 13.53 -24.49 26.50
N TYR A 335 12.54 -24.92 25.73
CA TYR A 335 11.14 -24.59 25.99
C TYR A 335 10.47 -25.74 26.74
N LEU A 336 9.85 -25.42 27.86
CA LEU A 336 9.13 -26.42 28.64
C LEU A 336 7.65 -26.11 28.54
N LEU A 337 6.90 -27.02 27.91
CA LEU A 337 5.44 -26.94 27.93
C LEU A 337 4.94 -27.82 29.05
N PHE A 338 4.44 -27.18 30.11
CA PHE A 338 3.82 -27.90 31.23
C PHE A 338 2.41 -28.32 30.87
N CYS A 339 2.09 -29.56 31.17
CA CYS A 339 0.80 -30.12 30.87
C CYS A 339 0.34 -30.95 32.06
N GLY A 340 -0.95 -30.90 32.36
CA GLY A 340 -1.49 -31.61 33.52
C GLY A 340 -0.82 -31.22 34.81
N ALA A 341 -0.43 -29.97 34.93
CA ALA A 341 0.44 -29.44 35.95
C ALA A 341 -0.32 -28.51 36.89
N PRO A 342 0.09 -28.39 38.16
CA PRO A 342 -0.55 -27.42 39.05
C PRO A 342 -0.36 -26.01 38.47
N VAL A 343 -1.48 -25.34 38.21
CA VAL A 343 -1.44 -24.16 37.33
C VAL A 343 -0.59 -23.07 37.96
N LEU A 344 -0.97 -22.62 39.16
CA LEU A 344 -0.29 -21.52 39.81
C LEU A 344 1.13 -21.89 40.21
N ALA A 345 1.34 -23.11 40.69
CA ALA A 345 2.64 -23.50 41.22
C ALA A 345 3.73 -23.62 40.14
N SER A 346 3.38 -23.56 38.86
CA SER A 346 4.35 -23.67 37.79
C SER A 346 4.76 -22.33 37.20
N LEU A 347 4.11 -21.25 37.59
CA LEU A 347 4.47 -19.94 37.06
C LEU A 347 5.91 -19.64 37.43
N GLY A 348 6.64 -19.02 36.49
CA GLY A 348 8.04 -18.79 36.69
C GLY A 348 8.90 -19.92 36.20
N LEU A 349 8.44 -21.15 36.32
CA LEU A 349 9.26 -22.25 35.80
C LEU A 349 8.88 -22.62 34.38
N ALA A 350 7.60 -22.60 34.04
CA ALA A 350 7.19 -23.01 32.69
C ALA A 350 7.35 -21.87 31.71
N ASP A 351 7.79 -22.22 30.49
CA ASP A 351 7.71 -21.30 29.36
C ASP A 351 6.28 -21.26 28.79
N GLY A 352 5.66 -22.44 28.66
CA GLY A 352 4.26 -22.57 28.26
C GLY A 352 3.48 -23.57 29.10
N LEU A 353 2.21 -23.26 29.39
CA LEU A 353 1.43 -24.00 30.38
C LEU A 353 0.05 -24.28 29.83
N ARG A 354 -0.33 -25.55 29.74
CA ARG A 354 -1.70 -25.92 29.40
C ARG A 354 -2.66 -25.44 30.48
N VAL A 355 -3.77 -24.84 30.07
CA VAL A 355 -4.70 -24.29 31.05
C VAL A 355 -6.06 -24.97 31.01
N GLY A 356 -6.20 -26.08 30.29
CA GLY A 356 -7.48 -26.73 30.16
C GLY A 356 -7.41 -28.21 29.83
N PRO A 357 -8.55 -28.88 29.90
CA PRO A 357 -8.65 -30.27 29.44
C PRO A 357 -8.28 -30.38 27.96
N ASP A 358 -7.87 -31.59 27.57
CA ASP A 358 -7.54 -31.85 26.17
C ASP A 358 -8.71 -31.51 25.25
N VAL A 359 -8.39 -30.94 24.08
CA VAL A 359 -9.43 -30.82 23.05
C VAL A 359 -9.64 -32.21 22.50
N ALA A 360 -10.61 -32.33 21.62
CA ALA A 360 -10.99 -33.63 21.10
C ALA A 360 -11.69 -33.40 19.77
N PRO A 361 -11.79 -34.40 18.94
CA PRO A 361 -12.51 -34.21 17.68
C PRO A 361 -14.02 -34.20 17.87
N TYR A 362 -14.53 -33.62 18.96
CA TYR A 362 -15.97 -33.57 19.22
C TYR A 362 -16.23 -32.53 20.29
N TRP A 363 -17.49 -32.09 20.34
CA TRP A 363 -17.85 -30.98 21.23
C TRP A 363 -17.89 -31.45 22.68
N ASP A 364 -18.69 -32.46 22.97
CA ASP A 364 -18.77 -32.97 24.32
C ASP A 364 -19.16 -34.45 24.33
N ASN A 365 -18.51 -35.19 25.21
CA ASN A 365 -18.92 -36.55 25.53
C ASN A 365 -19.88 -36.41 26.69
N GLU A 366 -21.19 -36.46 26.41
CA GLU A 366 -22.16 -36.26 27.48
C GLU A 366 -22.04 -37.32 28.58
N GLU A 367 -21.70 -38.56 28.22
CA GLU A 367 -21.67 -39.60 29.26
C GLU A 367 -20.59 -39.35 30.29
N ARG A 368 -19.44 -38.83 29.87
CA ARG A 368 -18.40 -38.54 30.84
C ARG A 368 -18.66 -37.23 31.56
N SER A 369 -19.10 -36.22 30.79
CA SER A 369 -19.28 -34.85 31.26
C SER A 369 -20.48 -34.69 32.19
N PHE A 370 -21.54 -35.49 32.01
CA PHE A 370 -22.76 -35.35 32.80
C PHE A 370 -22.99 -36.51 33.75
N TRP A 371 -23.18 -37.73 33.24
CA TRP A 371 -23.50 -38.86 34.12
C TRP A 371 -22.36 -39.15 35.08
N LEU A 372 -21.13 -39.14 34.60
CA LEU A 372 -19.96 -39.25 35.48
C LEU A 372 -19.53 -37.91 36.07
N ALA A 373 -20.14 -36.80 35.64
CA ALA A 373 -19.90 -35.47 36.23
C ALA A 373 -18.41 -35.11 36.30
N ASP A 374 -17.73 -35.29 35.16
CA ASP A 374 -16.28 -35.18 35.06
C ASP A 374 -15.89 -34.19 33.96
N PRO A 375 -15.75 -32.89 34.29
CA PRO A 375 -15.46 -31.89 33.25
C PRO A 375 -13.97 -31.76 32.95
N THR A 376 -13.19 -32.79 33.30
CA THR A 376 -11.77 -32.79 32.99
C THR A 376 -11.47 -33.67 31.78
N GLY A 377 -12.45 -34.35 31.26
CA GLY A 377 -12.23 -35.21 30.12
C GLY A 377 -12.12 -34.44 28.83
N PRO A 378 -11.50 -35.08 27.83
CA PRO A 378 -11.30 -34.44 26.53
C PRO A 378 -12.60 -34.00 25.88
N GLY A 379 -12.55 -32.85 25.26
CA GLY A 379 -13.70 -32.34 24.55
C GLY A 379 -13.51 -30.88 24.28
N LEU A 380 -13.92 -30.40 23.11
CA LEU A 380 -13.75 -28.98 22.82
C LEU A 380 -14.41 -28.10 23.89
N ARG A 381 -15.62 -28.48 24.35
CA ARG A 381 -16.33 -27.65 25.31
C ARG A 381 -15.55 -27.56 26.61
N ASN A 382 -15.14 -28.70 27.16
CA ASN A 382 -14.47 -28.67 28.45
C ASN A 382 -13.10 -28.04 28.35
N ALA A 383 -12.50 -28.02 27.16
CA ALA A 383 -11.26 -27.28 26.96
C ALA A 383 -11.54 -25.79 27.08
N LEU A 384 -12.44 -25.28 26.25
CA LEU A 384 -12.75 -23.84 26.21
C LEU A 384 -13.16 -23.29 27.56
N ARG A 385 -13.85 -24.09 28.38
CA ARG A 385 -14.44 -23.51 29.57
C ARG A 385 -13.37 -23.14 30.59
N SER A 386 -12.43 -24.05 30.86
CA SER A 386 -11.40 -23.70 31.82
C SER A 386 -10.41 -22.71 31.23
N THR A 387 -10.24 -22.76 29.91
CA THR A 387 -9.26 -21.89 29.27
C THR A 387 -9.69 -20.43 29.30
N LEU A 388 -10.97 -20.14 29.08
CA LEU A 388 -11.39 -18.75 29.21
C LEU A 388 -11.17 -18.23 30.62
N HIS A 389 -11.24 -19.12 31.62
CA HIS A 389 -11.09 -18.71 33.01
C HIS A 389 -9.65 -18.77 33.48
N ARG A 390 -8.69 -19.06 32.60
CA ARG A 390 -7.28 -18.91 32.93
C ARG A 390 -6.50 -18.02 31.96
N LEU A 391 -7.19 -17.21 31.15
CA LEU A 391 -6.48 -16.36 30.22
C LEU A 391 -5.72 -15.24 30.92
N TRP A 392 -6.12 -14.89 32.14
CA TRP A 392 -5.46 -13.83 32.86
C TRP A 392 -4.07 -14.23 33.26
N LEU A 393 -3.66 -15.44 32.96
CA LEU A 393 -2.29 -15.86 33.19
C LEU A 393 -1.37 -15.51 32.03
N MET A 394 -1.91 -14.95 30.95
CA MET A 394 -1.11 -14.62 29.76
C MET A 394 0.07 -13.71 30.06
N GLU A 395 0.02 -12.91 31.13
CA GLU A 395 1.13 -12.06 31.51
C GLU A 395 2.15 -12.76 32.42
N ASN A 396 1.98 -14.07 32.67
CA ASN A 396 2.92 -14.86 33.47
C ASN A 396 3.52 -16.05 32.74
N VAL A 397 2.91 -16.51 31.66
CA VAL A 397 3.35 -17.71 30.97
C VAL A 397 2.73 -17.66 29.58
N HIS A 398 3.16 -18.55 28.68
CA HIS A 398 2.45 -18.75 27.42
C HIS A 398 1.26 -19.65 27.69
N VAL A 399 0.05 -19.20 27.37
CA VAL A 399 -1.16 -19.96 27.71
C VAL A 399 -1.57 -20.81 26.50
N ASP A 400 -1.38 -22.14 26.60
CA ASP A 400 -1.74 -23.04 25.52
C ASP A 400 -3.21 -23.43 25.67
N PRO A 401 -4.09 -23.05 24.74
CA PRO A 401 -5.49 -23.53 24.75
C PRO A 401 -5.64 -24.89 24.07
N ASP A 402 -4.52 -25.55 23.79
CA ASP A 402 -4.38 -26.84 23.11
C ASP A 402 -4.53 -26.68 21.61
N VAL A 403 -4.44 -27.79 20.88
CA VAL A 403 -4.32 -27.74 19.42
C VAL A 403 -5.59 -27.20 18.79
N VAL A 404 -5.42 -26.68 17.59
CA VAL A 404 -6.50 -26.11 16.78
C VAL A 404 -6.78 -27.07 15.64
N TYR A 405 -8.06 -27.36 15.41
CA TYR A 405 -8.48 -28.26 14.35
C TYR A 405 -8.81 -27.45 13.10
N PHE A 406 -8.25 -27.88 11.96
CA PHE A 406 -8.63 -27.37 10.65
C PHE A 406 -9.31 -28.40 9.77
N ARG A 407 -9.08 -29.68 10.02
CA ARG A 407 -9.64 -30.74 9.21
C ARG A 407 -11.12 -30.96 9.50
N THR A 408 -11.84 -31.44 8.48
CA THR A 408 -13.16 -32.02 8.68
C THR A 408 -13.14 -33.55 8.58
N ARG A 409 -12.15 -34.13 7.94
CA ARG A 409 -12.00 -35.58 7.98
C ARG A 409 -11.53 -36.04 9.35
N PHE A 410 -11.93 -37.25 9.72
CA PHE A 410 -11.64 -37.86 11.01
C PHE A 410 -11.77 -36.83 12.13
N ASN A 411 -12.97 -36.24 12.20
CA ASN A 411 -13.26 -35.14 13.12
C ASN A 411 -14.74 -34.80 13.13
N LEU A 412 -15.40 -34.95 14.30
CA LEU A 412 -16.84 -34.68 14.41
C LEU A 412 -17.16 -33.22 14.66
N LEU A 413 -16.21 -32.39 15.11
CA LEU A 413 -16.46 -30.96 15.25
C LEU A 413 -17.01 -30.36 13.97
N SER A 414 -17.99 -29.32 14.15
CA SER A 414 -18.51 -28.49 13.08
C SER A 414 -17.56 -27.31 12.83
N PRO A 415 -17.54 -26.75 11.62
CA PRO A 415 -16.70 -25.56 11.37
C PRO A 415 -16.87 -24.46 12.41
N GLU A 416 -18.12 -24.06 12.74
CA GLU A 416 -18.27 -22.98 13.69
C GLU A 416 -17.62 -23.33 15.03
N GLU A 417 -17.78 -24.58 15.48
CA GLU A 417 -17.14 -25.00 16.72
C GLU A 417 -15.62 -25.00 16.59
N MET A 418 -15.09 -25.40 15.44
CA MET A 418 -13.64 -25.35 15.30
C MET A 418 -13.13 -23.92 15.46
N ARG A 419 -13.89 -22.94 14.94
CA ARG A 419 -13.42 -21.56 14.94
C ARG A 419 -13.39 -20.97 16.34
N LEU A 420 -14.23 -21.49 17.26
CA LEU A 420 -14.17 -21.05 18.66
C LEU A 420 -12.82 -21.35 19.29
N GLN A 421 -12.29 -22.55 19.04
CA GLN A 421 -10.96 -22.92 19.53
C GLN A 421 -9.86 -22.20 18.77
N GLU A 422 -10.05 -21.99 17.47
CA GLU A 422 -9.06 -21.25 16.68
C GLU A 422 -8.86 -19.84 17.22
N ALA A 423 -9.95 -19.17 17.63
CA ALA A 423 -9.84 -17.78 18.06
C ALA A 423 -9.02 -17.63 19.34
N LEU A 424 -9.10 -18.61 20.25
CA LEU A 424 -8.28 -18.55 21.45
C LEU A 424 -6.80 -18.73 21.10
N ALA A 425 -6.49 -19.49 20.04
CA ALA A 425 -5.11 -19.60 19.57
C ALA A 425 -4.57 -18.25 19.12
N HIS A 426 -5.41 -17.42 18.48
CA HIS A 426 -5.02 -16.07 18.12
C HIS A 426 -4.92 -15.17 19.34
N PHE A 427 -5.83 -15.33 20.29
CA PHE A 427 -5.78 -14.48 21.47
C PHE A 427 -4.53 -14.79 22.29
N THR A 428 -4.22 -16.07 22.47
CA THR A 428 -3.06 -16.43 23.26
C THR A 428 -1.78 -16.40 22.45
N GLY A 429 -1.88 -16.50 21.13
CA GLY A 429 -0.68 -16.58 20.32
C GLY A 429 -0.05 -17.95 20.29
N PHE A 430 -0.61 -18.93 21.00
CA PHE A 430 -0.10 -20.32 20.99
C PHE A 430 -0.78 -21.05 19.86
N LYS A 431 -0.11 -21.16 18.72
CA LYS A 431 -0.68 -21.74 17.51
C LYS A 431 -0.12 -23.14 17.30
N ALA A 432 -0.94 -24.17 17.52
CA ALA A 432 -0.49 -25.54 17.30
C ALA A 432 -1.57 -26.36 16.61
N THR A 433 -1.17 -27.39 15.87
CA THR A 433 -2.16 -28.32 15.35
C THR A 433 -1.58 -29.71 15.31
N SER A 434 -2.47 -30.69 15.18
CA SER A 434 -2.06 -32.05 14.91
C SER A 434 -2.51 -32.54 13.54
N ASP A 435 -3.28 -31.76 12.79
CA ASP A 435 -3.82 -32.27 11.54
C ASP A 435 -2.68 -32.65 10.59
N PRO A 436 -2.55 -33.91 10.22
CA PRO A 436 -1.61 -34.26 9.17
C PRO A 436 -2.07 -33.58 7.91
N PRO A 437 -1.17 -33.06 7.08
CA PRO A 437 -1.63 -32.41 5.84
C PRO A 437 -2.39 -33.35 4.89
N SER A 438 -2.05 -34.65 4.84
CA SER A 438 -2.81 -35.59 4.02
C SER A 438 -4.31 -35.49 4.26
N TRP A 439 -4.72 -35.43 5.51
CA TRP A 439 -6.13 -35.40 5.86
C TRP A 439 -6.81 -34.06 5.58
N LEU A 440 -6.08 -33.09 5.03
CA LEU A 440 -6.64 -31.78 4.76
C LEU A 440 -7.02 -31.68 3.29
N LEU A 441 -8.18 -31.08 3.03
CA LEU A 441 -8.62 -30.79 1.68
C LEU A 441 -7.88 -29.56 1.20
N PRO A 442 -7.80 -29.34 -0.12
CA PRO A 442 -7.11 -28.14 -0.60
C PRO A 442 -7.48 -26.87 0.14
N GLU A 443 -8.77 -26.56 0.30
CA GLU A 443 -9.14 -25.32 0.97
C GLU A 443 -8.64 -25.27 2.43
N GLU A 444 -8.69 -26.40 3.14
CA GLU A 444 -8.25 -26.44 4.54
C GLU A 444 -6.74 -26.20 4.67
N LYS A 445 -5.94 -26.64 3.68
CA LYS A 445 -4.50 -26.43 3.75
C LYS A 445 -4.17 -24.95 3.66
N GLY A 446 -4.89 -24.21 2.82
CA GLY A 446 -4.68 -22.78 2.76
C GLY A 446 -5.02 -22.11 4.08
N ARG A 447 -6.09 -22.56 4.73
CA ARG A 447 -6.47 -21.99 6.02
C ARG A 447 -5.41 -22.27 7.08
N LEU A 448 -4.84 -23.48 7.08
CA LEU A 448 -3.79 -23.76 8.06
C LEU A 448 -2.67 -22.76 7.89
N GLU A 449 -2.24 -22.52 6.65
CA GLU A 449 -1.09 -21.67 6.42
C GLU A 449 -1.37 -20.20 6.75
N ALA A 450 -2.55 -19.69 6.37
CA ALA A 450 -2.93 -18.33 6.74
C ALA A 450 -3.04 -18.16 8.25
N PHE A 451 -3.22 -19.27 8.97
CA PHE A 451 -3.27 -19.26 10.42
C PHE A 451 -1.88 -19.16 11.04
N LEU A 452 -0.91 -19.85 10.43
CA LEU A 452 0.47 -19.80 10.87
C LEU A 452 1.14 -18.51 10.39
N ALA A 453 0.84 -18.08 9.16
CA ALA A 453 1.60 -17.00 8.56
C ALA A 453 1.16 -15.61 9.00
N ARG A 454 -0.12 -15.39 9.33
CA ARG A 454 -0.60 -14.06 9.73
C ARG A 454 -0.69 -13.95 11.24
N GLU A 455 -0.63 -12.70 11.71
CA GLU A 455 -0.76 -12.39 13.13
C GLU A 455 -2.05 -11.59 13.25
N VAL A 456 -3.14 -12.24 13.63
CA VAL A 456 -4.45 -11.56 13.64
C VAL A 456 -4.55 -10.70 14.89
N PRO A 457 -4.97 -9.43 14.79
CA PRO A 457 -5.22 -8.63 15.99
C PRO A 457 -6.50 -9.03 16.69
N VAL A 458 -6.46 -9.01 18.03
CA VAL A 458 -7.61 -9.46 18.83
C VAL A 458 -7.77 -8.60 20.10
N ARG A 459 -8.98 -8.13 20.30
CA ARG A 459 -9.36 -7.29 21.43
C ARG A 459 -10.41 -8.03 22.24
N ARG A 460 -10.32 -7.93 23.56
CA ARG A 460 -11.23 -8.61 24.48
C ARG A 460 -12.33 -7.63 24.89
N LEU A 461 -13.59 -7.97 24.56
CA LEU A 461 -14.69 -7.05 24.82
C LEU A 461 -15.34 -7.27 26.18
N GLY A 462 -15.31 -8.50 26.69
CA GLY A 462 -15.83 -8.80 28.01
C GLY A 462 -15.28 -10.13 28.50
N PRO A 463 -15.90 -10.72 29.53
CA PRO A 463 -15.41 -12.02 29.99
C PRO A 463 -15.42 -13.08 28.92
N TYR A 464 -16.48 -13.15 28.12
CA TYR A 464 -16.60 -14.22 27.12
C TYR A 464 -16.87 -13.69 25.71
N ARG A 465 -16.57 -12.42 25.46
CA ARG A 465 -16.77 -11.77 24.17
C ARG A 465 -15.44 -11.25 23.65
N PHE A 466 -15.10 -11.65 22.43
CA PHE A 466 -13.85 -11.27 21.79
C PHE A 466 -14.15 -10.77 20.39
N ARG A 467 -13.28 -9.89 19.92
CA ARG A 467 -13.26 -9.46 18.52
C ARG A 467 -11.91 -9.92 17.98
N VAL A 468 -11.93 -10.92 17.11
CA VAL A 468 -10.74 -11.39 16.41
C VAL A 468 -10.80 -10.89 14.98
N GLY A 469 -9.78 -10.16 14.56
CA GLY A 469 -9.82 -9.44 13.31
C GLY A 469 -11.06 -8.56 13.30
N GLU A 470 -12.03 -8.88 12.46
CA GLU A 470 -13.23 -8.07 12.44
C GLU A 470 -14.50 -8.85 12.78
N GLU A 471 -14.39 -10.14 13.05
CA GLU A 471 -15.51 -10.96 13.50
C GLU A 471 -15.64 -10.88 15.01
N GLU A 472 -16.86 -10.89 15.53
CA GLU A 472 -17.04 -10.94 16.97
C GLU A 472 -17.43 -12.35 17.40
N VAL A 473 -16.82 -12.83 18.47
CA VAL A 473 -16.97 -14.20 18.96
C VAL A 473 -17.53 -14.15 20.38
N ASP A 474 -18.70 -14.75 20.58
CA ASP A 474 -19.23 -14.84 21.94
C ASP A 474 -19.18 -16.28 22.41
N TYR A 475 -18.86 -16.45 23.70
CA TYR A 475 -18.78 -17.73 24.38
C TYR A 475 -19.81 -17.90 25.49
N ALA A 476 -20.67 -16.89 25.74
CA ALA A 476 -21.63 -16.99 26.83
C ALA A 476 -22.51 -18.23 26.74
N PRO A 477 -23.13 -18.55 25.60
CA PRO A 477 -23.96 -19.77 25.53
C PRO A 477 -23.28 -21.06 25.95
N LEU A 478 -21.97 -21.25 25.74
CA LEU A 478 -21.36 -22.55 26.02
C LEU A 478 -21.41 -22.95 27.50
N LEU A 479 -21.32 -21.98 28.42
CA LEU A 479 -21.19 -22.29 29.86
C LEU A 479 -22.42 -22.97 30.50
N GLY B 1 -3.89 25.81 -39.34
CA GLY B 1 -2.45 25.90 -39.54
C GLY B 1 -1.98 25.73 -40.98
N SER B 2 -0.67 25.51 -41.16
CA SER B 2 -0.04 25.56 -42.47
C SER B 2 0.00 24.17 -43.14
N HIS B 3 0.12 24.19 -44.46
CA HIS B 3 0.07 22.99 -45.27
C HIS B 3 1.46 22.36 -45.37
N MET B 4 1.56 21.07 -45.05
CA MET B 4 2.84 20.38 -45.00
C MET B 4 2.84 19.12 -45.84
N ARG B 5 4.03 18.78 -46.33
CA ARG B 5 4.21 17.65 -47.23
C ARG B 5 5.17 16.69 -46.56
N LEU B 6 4.93 15.41 -46.74
CA LEU B 6 5.59 14.44 -45.90
C LEU B 6 5.78 13.15 -46.66
N ASN B 7 6.96 12.56 -46.54
CA ASN B 7 7.16 11.20 -47.02
C ASN B 7 7.16 10.29 -45.79
N LEU B 8 6.11 9.51 -45.68
CA LEU B 8 5.78 8.72 -44.49
C LEU B 8 5.59 7.28 -44.94
N GLY B 9 6.48 6.39 -44.50
CA GLY B 9 6.35 4.98 -44.85
C GLY B 9 6.22 4.70 -46.34
N GLY B 10 6.96 5.45 -47.17
CA GLY B 10 7.04 5.20 -48.60
C GLY B 10 5.97 5.86 -49.44
N ALA B 11 5.08 6.65 -48.85
CA ALA B 11 4.00 7.30 -49.56
C ALA B 11 4.12 8.81 -49.39
N GLU B 12 3.49 9.55 -50.30
CA GLU B 12 3.46 11.01 -50.22
C GLU B 12 2.18 11.44 -49.53
N VAL B 13 2.31 11.83 -48.26
CA VAL B 13 1.17 12.18 -47.41
C VAL B 13 1.08 13.69 -47.28
N PHE B 14 -0.07 14.24 -47.62
CA PHE B 14 -0.31 15.66 -47.42
C PHE B 14 -1.06 15.86 -46.13
N LEU B 15 -0.68 16.87 -45.36
CA LEU B 15 -1.31 17.11 -44.08
C LEU B 15 -1.40 18.61 -43.81
N ARG B 16 -2.23 18.95 -42.83
CA ARG B 16 -2.34 20.34 -42.38
C ARG B 16 -2.32 20.33 -40.85
N ALA B 17 -1.27 20.91 -40.25
CA ALA B 17 -1.11 20.98 -38.81
C ALA B 17 -0.25 22.20 -38.46
N GLU B 18 -0.30 22.61 -37.19
CA GLU B 18 0.53 23.74 -36.80
C GLU B 18 2.00 23.37 -36.81
N GLY B 19 2.34 22.21 -36.24
CA GLY B 19 3.73 21.82 -36.12
C GLY B 19 3.95 20.39 -36.56
N LEU B 20 5.20 20.10 -36.93
CA LEU B 20 5.59 18.76 -37.36
C LEU B 20 6.98 18.49 -36.82
N GLU B 21 7.24 17.24 -36.44
CA GLU B 21 8.58 16.84 -36.05
C GLU B 21 8.68 15.33 -36.18
N GLU B 22 9.91 14.82 -36.03
CA GLU B 22 10.14 13.39 -36.14
C GLU B 22 9.70 12.67 -34.87
N ALA B 23 9.25 11.44 -35.04
CA ALA B 23 8.89 10.57 -33.93
C ALA B 23 9.30 9.15 -34.25
N PRO B 24 9.44 8.29 -33.24
CA PRO B 24 9.66 6.87 -33.51
C PRO B 24 8.43 6.24 -34.12
N GLY B 25 8.58 5.69 -35.32
CA GLY B 25 7.51 5.01 -35.99
C GLY B 25 6.67 5.87 -36.89
N GLY B 26 7.03 7.15 -37.05
CA GLY B 26 6.25 8.08 -37.84
C GLY B 26 6.64 9.50 -37.45
N VAL B 27 5.65 10.36 -37.26
CA VAL B 27 5.87 11.78 -37.01
C VAL B 27 4.90 12.23 -35.94
N ARG B 28 5.12 13.45 -35.45
CA ARG B 28 4.34 13.99 -34.34
C ARG B 28 3.84 15.36 -34.76
N LEU B 29 2.53 15.55 -34.76
CA LEU B 29 1.92 16.81 -35.18
C LEU B 29 1.43 17.56 -33.95
N TRP B 30 1.32 18.87 -34.09
CA TRP B 30 0.63 19.68 -33.11
C TRP B 30 -0.57 20.36 -33.75
N GLY B 31 -1.59 20.62 -32.93
CA GLY B 31 -2.69 21.48 -33.34
C GLY B 31 -4.01 21.10 -32.74
N ARG B 32 -4.86 22.09 -32.43
CA ARG B 32 -6.17 21.74 -31.91
C ARG B 32 -6.95 20.96 -32.94
N GLU B 33 -6.77 21.27 -34.21
CA GLU B 33 -7.34 20.48 -35.28
C GLU B 33 -6.23 20.16 -36.27
N VAL B 34 -6.23 18.95 -36.82
CA VAL B 34 -5.26 18.54 -37.81
C VAL B 34 -5.97 17.70 -38.85
N ARG B 35 -5.54 17.82 -40.10
CA ARG B 35 -6.17 17.09 -41.20
C ARG B 35 -5.12 16.35 -41.97
N VAL B 36 -5.33 15.06 -42.17
CA VAL B 36 -4.37 14.25 -42.90
C VAL B 36 -5.10 13.64 -44.08
N PHE B 37 -4.45 13.65 -45.24
CA PHE B 37 -5.06 13.16 -46.47
C PHE B 37 -4.40 11.86 -46.89
N PRO B 38 -5.15 10.77 -47.01
CA PRO B 38 -4.55 9.48 -47.33
C PRO B 38 -3.98 9.47 -48.73
N PRO B 39 -2.82 8.88 -48.92
CA PRO B 39 -2.29 8.74 -50.27
C PRO B 39 -2.86 7.54 -51.02
N PHE B 40 -4.15 7.23 -50.81
CA PHE B 40 -4.76 6.05 -51.42
C PHE B 40 -6.28 6.12 -51.28
N PRO B 41 -7.03 5.18 -51.93
CA PRO B 41 -8.49 5.09 -51.73
C PRO B 41 -8.77 4.24 -50.49
N ALA B 42 -9.11 4.90 -49.40
CA ALA B 42 -9.22 4.21 -48.12
C ALA B 42 -10.31 3.15 -48.17
N LYS B 43 -9.95 1.92 -47.81
CA LYS B 43 -10.88 0.82 -47.84
C LYS B 43 -11.62 0.63 -46.51
N GLY B 44 -11.16 1.23 -45.41
CA GLY B 44 -11.88 1.08 -44.17
C GLY B 44 -11.35 2.06 -43.14
N PHE B 45 -12.16 2.27 -42.09
CA PHE B 45 -11.83 3.20 -41.02
C PHE B 45 -11.86 2.46 -39.70
N PHE B 46 -10.80 2.60 -38.88
CA PHE B 46 -10.78 2.00 -37.54
C PHE B 46 -11.55 2.91 -36.58
N ARG B 47 -12.80 2.57 -36.31
CA ARG B 47 -13.60 3.39 -35.40
C ARG B 47 -13.31 2.89 -33.98
N HIS B 48 -12.58 3.71 -33.20
CA HIS B 48 -12.29 3.38 -31.81
C HIS B 48 -13.30 4.05 -30.89
N GLY B 49 -14.10 3.25 -30.18
CA GLY B 49 -15.07 3.76 -29.24
C GLY B 49 -14.44 4.36 -27.99
N TRP B 50 -15.27 5.02 -27.19
CA TRP B 50 -14.80 5.84 -26.08
C TRP B 50 -14.37 5.00 -24.88
N GLN B 51 -15.31 4.29 -24.30
CA GLN B 51 -15.10 3.59 -23.05
C GLN B 51 -15.01 2.08 -23.27
N SER B 52 -15.03 1.35 -22.15
CA SER B 52 -14.77 -0.08 -22.19
C SER B 52 -15.77 -0.81 -23.07
N TRP B 53 -17.06 -0.47 -22.92
CA TRP B 53 -18.12 -1.21 -23.59
C TRP B 53 -18.31 -0.75 -25.03
N SER B 54 -17.67 0.33 -25.43
CA SER B 54 -17.88 0.91 -26.74
C SER B 54 -17.33 0.01 -27.84
N LEU B 55 -17.89 0.19 -29.02
CA LEU B 55 -17.44 -0.56 -30.17
C LEU B 55 -16.06 -0.07 -30.60
N ALA B 56 -15.19 -1.03 -30.91
CA ALA B 56 -13.89 -0.74 -31.50
C ALA B 56 -13.71 -1.74 -32.63
N ALA B 57 -13.69 -1.26 -33.87
CA ALA B 57 -13.70 -2.14 -35.03
C ALA B 57 -13.41 -1.33 -36.30
N TRP B 58 -13.11 -2.07 -37.36
CA TRP B 58 -13.02 -1.48 -38.68
C TRP B 58 -14.42 -1.39 -39.27
N VAL B 59 -14.75 -0.22 -39.80
CA VAL B 59 -16.05 0.04 -40.39
C VAL B 59 -15.85 0.50 -41.83
N ASP B 60 -16.96 0.57 -42.58
CA ASP B 60 -16.98 1.14 -43.92
C ASP B 60 -17.42 2.58 -43.86
N PRO B 61 -16.53 3.55 -44.08
CA PRO B 61 -16.90 4.97 -43.87
C PRO B 61 -17.97 5.46 -44.83
N ALA B 62 -18.22 4.73 -45.92
CA ALA B 62 -19.24 5.12 -46.88
C ALA B 62 -20.64 4.99 -46.29
N GLN B 63 -20.90 3.88 -45.58
CA GLN B 63 -22.23 3.61 -45.03
C GLN B 63 -22.47 4.46 -43.81
N ALA B 64 -23.64 5.08 -43.75
CA ALA B 64 -23.97 5.91 -42.61
C ALA B 64 -24.18 5.04 -41.38
N PRO B 65 -23.72 5.50 -40.21
CA PRO B 65 -23.84 4.68 -39.00
C PRO B 65 -25.28 4.57 -38.48
N THR B 66 -25.65 3.37 -38.02
CA THR B 66 -27.02 3.14 -37.52
C THR B 66 -27.22 3.81 -36.17
N PRO B 67 -28.31 4.54 -35.97
CA PRO B 67 -28.57 5.09 -34.64
C PRO B 67 -28.70 3.99 -33.60
N LEU B 68 -28.20 4.27 -32.40
CA LEU B 68 -28.24 3.33 -31.28
C LEU B 68 -29.50 3.53 -30.44
N LEU B 69 -30.14 2.42 -30.04
CA LEU B 69 -31.41 2.43 -29.32
C LEU B 69 -31.38 1.53 -28.09
N PRO B 70 -32.16 1.87 -27.07
CA PRO B 70 -32.97 3.08 -26.91
C PRO B 70 -32.13 4.27 -26.46
N GLU B 71 -32.66 5.48 -26.65
CA GLU B 71 -31.87 6.68 -26.41
C GLU B 71 -31.48 6.85 -24.96
N ALA B 72 -32.23 6.23 -24.04
CA ALA B 72 -31.87 6.31 -22.63
C ALA B 72 -30.53 5.67 -22.36
N ARG B 73 -30.15 4.66 -23.17
CA ARG B 73 -28.92 3.89 -22.93
C ARG B 73 -27.71 4.50 -23.62
N ARG B 74 -27.82 5.63 -24.24
CA ARG B 74 -26.66 6.04 -25.01
C ARG B 74 -25.49 6.48 -24.13
N PRO B 75 -25.71 7.19 -23.01
CA PRO B 75 -24.55 7.65 -22.22
C PRO B 75 -23.71 6.53 -21.61
N GLN B 76 -24.26 5.33 -21.43
CA GLN B 76 -23.54 4.15 -20.97
C GLN B 76 -23.09 3.24 -22.10
N ALA B 77 -23.20 3.70 -23.34
CA ALA B 77 -22.69 2.98 -24.50
C ALA B 77 -21.41 3.59 -25.05
N ASP B 78 -21.27 4.90 -25.05
CA ASP B 78 -20.19 5.51 -25.80
C ASP B 78 -20.16 6.99 -25.40
N ASP B 79 -19.22 7.73 -26.00
CA ASP B 79 -19.19 9.19 -26.02
C ASP B 79 -20.48 9.65 -26.70
N PRO B 80 -21.39 10.31 -25.97
CA PRO B 80 -22.71 10.60 -26.55
C PRO B 80 -22.63 11.43 -27.82
N PHE B 81 -21.52 12.14 -28.05
CA PHE B 81 -21.36 12.88 -29.31
C PHE B 81 -21.22 11.93 -30.49
N LEU B 82 -20.40 10.89 -30.36
CA LEU B 82 -20.20 9.98 -31.48
C LEU B 82 -21.50 9.31 -31.90
N LEU B 83 -22.46 9.19 -30.98
CA LEU B 83 -23.73 8.56 -31.27
C LEU B 83 -24.78 9.52 -31.81
N GLU B 84 -24.59 10.83 -31.65
CA GLU B 84 -25.48 11.79 -32.28
C GLU B 84 -24.95 12.15 -33.65
N ALA B 85 -23.63 12.28 -33.79
CA ALA B 85 -23.04 12.67 -35.05
C ALA B 85 -23.44 11.69 -36.14
N GLY B 86 -23.86 12.21 -37.28
CA GLY B 86 -24.11 11.37 -38.43
C GLY B 86 -22.89 11.02 -39.28
N ALA B 87 -21.69 11.43 -38.88
CA ALA B 87 -20.46 11.01 -39.53
C ALA B 87 -19.77 9.96 -38.66
N TRP B 88 -18.72 9.35 -39.19
CA TRP B 88 -17.95 8.38 -38.41
C TRP B 88 -16.90 9.12 -37.59
N TRP B 89 -17.14 9.24 -36.28
CA TRP B 89 -16.20 9.81 -35.33
C TRP B 89 -15.74 8.74 -34.34
N GLY B 90 -14.44 8.76 -34.01
CA GLY B 90 -13.86 7.87 -33.02
C GLY B 90 -13.25 8.69 -31.89
N SER B 91 -12.84 7.99 -30.83
CA SER B 91 -12.30 8.66 -29.65
C SER B 91 -10.81 8.43 -29.53
N GLY B 92 -10.04 9.51 -29.40
CA GLY B 92 -8.60 9.41 -29.29
C GLY B 92 -7.82 8.99 -30.53
N VAL B 93 -8.28 7.99 -31.26
CA VAL B 93 -7.47 7.46 -32.36
C VAL B 93 -8.36 7.01 -33.51
N GLY B 94 -7.86 7.24 -34.73
CA GLY B 94 -8.48 6.71 -35.92
C GLY B 94 -7.41 6.29 -36.92
N ALA B 95 -7.82 5.45 -37.86
CA ALA B 95 -6.89 4.99 -38.87
C ALA B 95 -7.67 4.63 -40.12
N LEU B 96 -6.99 4.72 -41.27
CA LEU B 96 -7.53 4.32 -42.56
C LEU B 96 -6.70 3.17 -43.11
N ARG B 97 -7.37 2.20 -43.71
CA ARG B 97 -6.73 0.99 -44.20
C ARG B 97 -6.66 1.06 -45.72
N GLY B 98 -5.43 1.10 -46.25
CA GLY B 98 -5.20 1.10 -47.68
C GLY B 98 -5.43 -0.27 -48.30
N PRO B 99 -5.59 -0.33 -49.63
CA PRO B 99 -5.87 -1.63 -50.30
C PRO B 99 -4.71 -2.63 -50.21
N ASP B 100 -3.57 -2.24 -49.68
CA ASP B 100 -2.40 -3.10 -49.49
C ASP B 100 -2.36 -3.77 -48.11
N GLY B 101 -3.39 -3.58 -47.29
CA GLY B 101 -3.41 -4.10 -45.93
C GLY B 101 -2.74 -3.24 -44.89
N ARG B 102 -2.14 -2.11 -45.29
CA ARG B 102 -1.46 -1.21 -44.36
C ARG B 102 -2.44 -0.15 -43.82
N ALA B 103 -1.98 0.57 -42.81
CA ALA B 103 -2.86 1.52 -42.12
C ALA B 103 -2.18 2.88 -41.97
N LEU B 104 -2.96 3.93 -42.18
CA LEU B 104 -2.57 5.29 -41.85
C LEU B 104 -3.26 5.66 -40.54
N LEU B 105 -2.48 5.98 -39.51
CA LEU B 105 -2.99 6.10 -38.15
C LEU B 105 -2.79 7.51 -37.61
N LEU B 106 -3.88 8.10 -37.14
CA LEU B 106 -3.85 9.36 -36.41
C LEU B 106 -4.31 9.09 -35.00
N GLY B 107 -3.44 9.33 -34.02
CA GLY B 107 -3.79 9.15 -32.63
C GLY B 107 -3.39 10.30 -31.73
N ALA B 108 -4.33 10.74 -30.90
CA ALA B 108 -4.07 11.81 -29.95
C ALA B 108 -3.07 11.37 -28.89
N LEU B 109 -2.28 12.33 -28.41
CA LEU B 109 -1.32 12.13 -27.34
C LEU B 109 -1.68 12.89 -26.06
N ASP B 110 -2.76 13.69 -26.06
CA ASP B 110 -3.29 14.36 -24.87
C ASP B 110 -4.77 14.09 -24.75
N LEU B 111 -5.36 14.52 -23.64
CA LEU B 111 -6.73 14.15 -23.34
C LEU B 111 -7.71 14.88 -24.24
N GLY B 112 -8.88 14.27 -24.42
CA GLY B 112 -10.04 14.99 -24.93
C GLY B 112 -10.12 15.22 -26.42
N ALA B 113 -9.73 14.23 -27.22
CA ALA B 113 -9.69 14.37 -28.68
C ALA B 113 -10.60 13.35 -29.36
N ARG B 114 -11.06 13.70 -30.56
CA ARG B 114 -11.82 12.82 -31.44
C ARG B 114 -11.21 12.80 -32.83
N VAL B 115 -11.59 11.79 -33.61
CA VAL B 115 -11.06 11.59 -34.95
C VAL B 115 -12.21 11.25 -35.88
N LEU B 116 -12.23 11.92 -37.03
CA LEU B 116 -13.26 11.75 -38.05
C LEU B 116 -12.69 10.98 -39.23
N GLY B 117 -13.37 9.91 -39.61
CA GLY B 117 -12.92 9.13 -40.73
C GLY B 117 -13.84 9.21 -41.92
N ARG B 118 -13.35 9.83 -42.99
CA ARG B 118 -13.88 9.60 -44.32
C ARG B 118 -12.84 8.81 -45.08
N GLU B 119 -13.22 8.37 -46.28
CA GLU B 119 -12.28 7.69 -47.17
C GLU B 119 -11.25 8.64 -47.77
N ASP B 120 -11.52 9.94 -47.77
CA ASP B 120 -10.58 10.93 -48.31
C ASP B 120 -9.75 11.68 -47.27
N LEU B 121 -10.00 11.48 -45.95
CA LEU B 121 -9.18 12.14 -44.93
C LEU B 121 -9.47 11.61 -43.52
N LEU B 122 -8.48 11.83 -42.63
CA LEU B 122 -8.60 11.69 -41.18
C LEU B 122 -8.51 13.07 -40.56
N LEU B 123 -9.56 13.46 -39.84
CA LEU B 123 -9.59 14.76 -39.16
C LEU B 123 -9.58 14.51 -37.66
N GLY B 124 -8.63 15.13 -36.96
CA GLY B 124 -8.54 15.01 -35.53
C GLY B 124 -8.79 16.36 -34.88
N ARG B 125 -9.73 16.38 -33.94
CA ARG B 125 -10.14 17.63 -33.32
C ARG B 125 -10.10 17.47 -31.82
N TYR B 126 -9.42 18.40 -31.15
CA TYR B 126 -9.40 18.43 -29.70
C TYR B 126 -10.62 19.22 -29.23
N ALA B 127 -11.34 18.63 -28.26
CA ALA B 127 -12.49 19.32 -27.68
C ALA B 127 -12.02 20.55 -26.92
N GLY B 128 -10.99 20.40 -26.10
CA GLY B 128 -10.46 21.52 -25.35
C GLY B 128 -9.30 22.27 -25.98
N LYS B 129 -8.29 22.56 -25.16
CA LYS B 129 -7.08 23.16 -25.70
C LYS B 129 -6.44 22.18 -26.66
N GLY B 130 -5.69 22.71 -27.64
CA GLY B 130 -4.91 21.90 -28.57
C GLY B 130 -4.00 20.84 -27.94
N GLY B 131 -3.29 20.08 -28.75
CA GLY B 131 -2.44 19.05 -28.19
C GLY B 131 -1.65 18.34 -29.28
N ALA B 132 -0.92 17.31 -28.87
CA ALA B 132 -0.03 16.62 -29.80
C ALA B 132 -0.72 15.40 -30.42
N TRP B 133 -0.18 14.95 -31.54
CA TRP B 133 -0.71 13.84 -32.31
C TRP B 133 0.43 12.94 -32.76
N PHE B 134 0.15 11.66 -32.94
CA PHE B 134 1.10 10.78 -33.58
C PHE B 134 0.48 10.29 -34.90
N LEU B 135 1.23 10.42 -36.00
CA LEU B 135 0.79 10.03 -37.34
C LEU B 135 1.78 9.02 -37.92
N ALA B 136 1.27 7.94 -38.50
CA ALA B 136 2.16 6.89 -38.96
C ALA B 136 1.48 6.03 -40.02
N TYR B 137 2.29 5.52 -40.95
CA TYR B 137 1.82 4.71 -42.07
C TYR B 137 2.69 3.46 -42.08
N GLY B 138 2.06 2.29 -42.09
CA GLY B 138 2.79 1.06 -42.13
C GLY B 138 1.91 -0.14 -41.92
N PRO B 139 2.52 -1.27 -41.60
CA PRO B 139 1.75 -2.46 -41.20
C PRO B 139 0.80 -2.14 -40.05
N GLU B 140 -0.40 -2.72 -40.16
CA GLU B 140 -1.50 -2.38 -39.27
C GLU B 140 -1.13 -2.61 -37.81
N GLU B 141 -0.37 -3.65 -37.52
CA GLU B 141 0.00 -3.93 -36.15
C GLU B 141 1.16 -3.06 -35.68
N GLU B 142 2.05 -2.64 -36.59
CA GLU B 142 3.21 -1.89 -36.15
C GLU B 142 2.88 -0.44 -35.83
N VAL B 143 1.97 0.18 -36.60
CA VAL B 143 1.64 1.58 -36.34
C VAL B 143 0.89 1.71 -35.02
N PHE B 144 -0.05 0.79 -34.75
CA PHE B 144 -0.75 0.80 -33.48
C PHE B 144 0.21 0.52 -32.32
N ALA B 145 1.06 -0.50 -32.47
CA ALA B 145 2.13 -0.74 -31.52
C ALA B 145 2.94 0.53 -31.28
N ALA B 146 3.40 1.15 -32.37
CA ALA B 146 4.20 2.37 -32.20
C ALA B 146 3.40 3.49 -31.56
N TYR B 147 2.08 3.55 -31.81
CA TYR B 147 1.26 4.55 -31.14
C TYR B 147 1.20 4.29 -29.64
N ALA B 148 0.99 3.03 -29.28
CA ALA B 148 0.86 2.69 -27.86
C ALA B 148 2.12 3.03 -27.08
N ARG B 149 3.31 2.97 -27.69
CA ARG B 149 4.55 3.27 -26.97
C ARG B 149 4.58 4.69 -26.45
N LEU B 150 3.94 5.62 -27.15
CA LEU B 150 3.93 7.03 -26.80
C LEU B 150 2.84 7.41 -25.82
N LEU B 151 1.95 6.51 -25.46
CA LEU B 151 0.93 6.75 -24.44
C LEU B 151 1.44 6.36 -23.06
N PRO B 152 0.77 6.79 -21.98
CA PRO B 152 1.13 6.35 -20.62
C PRO B 152 1.09 4.83 -20.44
N ARG B 153 1.75 4.37 -19.38
CA ARG B 153 1.97 2.95 -19.13
C ARG B 153 1.99 2.70 -17.63
N ARG B 154 1.49 1.54 -17.23
CA ARG B 154 1.53 1.13 -15.82
C ARG B 154 1.31 -0.39 -15.77
N LEU B 155 2.42 -1.12 -15.81
CA LEU B 155 2.43 -2.57 -15.88
C LEU B 155 2.88 -3.17 -14.55
N SER B 156 1.92 -3.67 -13.79
CA SER B 156 2.17 -4.18 -12.43
C SER B 156 2.39 -5.69 -12.44
N GLY B 157 3.44 -6.13 -13.16
CA GLY B 157 3.77 -7.56 -13.20
C GLY B 157 2.65 -8.39 -13.81
N ARG B 158 2.62 -9.68 -13.47
CA ARG B 158 1.58 -10.57 -13.97
C ARG B 158 0.22 -10.08 -13.49
N PRO B 159 -0.77 -9.98 -14.37
CA PRO B 159 -2.13 -9.60 -13.91
C PRO B 159 -2.68 -10.71 -13.06
N PRO B 160 -3.39 -10.44 -11.97
CA PRO B 160 -3.72 -11.50 -10.99
C PRO B 160 -4.88 -12.38 -11.46
N ARG B 161 -5.07 -13.52 -10.78
CA ARG B 161 -6.12 -14.48 -11.10
C ARG B 161 -7.36 -14.29 -10.21
N VAL B 162 -8.49 -13.98 -10.81
CA VAL B 162 -9.63 -13.52 -10.05
C VAL B 162 -10.80 -14.47 -10.20
N TRP B 163 -11.52 -14.64 -9.10
CA TRP B 163 -12.86 -15.19 -9.11
C TRP B 163 -13.81 -14.02 -8.84
N CYS B 164 -14.68 -13.76 -9.82
CA CYS B 164 -15.66 -12.68 -9.80
C CYS B 164 -17.03 -13.27 -9.48
N SER B 165 -17.82 -12.56 -8.68
CA SER B 165 -19.14 -13.08 -8.34
C SER B 165 -20.20 -12.85 -9.42
N TRP B 166 -19.94 -11.96 -10.38
CA TRP B 166 -21.02 -11.37 -11.16
C TRP B 166 -21.64 -12.37 -12.14
N TYR B 167 -20.82 -13.05 -12.94
CA TYR B 167 -21.33 -13.81 -14.07
C TYR B 167 -21.86 -15.18 -13.70
N SER B 168 -22.24 -15.34 -12.43
CA SER B 168 -23.04 -16.48 -12.04
C SER B 168 -24.24 -16.02 -11.18
N PHE B 169 -23.97 -15.27 -10.11
CA PHE B 169 -25.02 -14.88 -9.18
C PHE B 169 -25.60 -13.49 -9.45
N TYR B 170 -24.96 -12.71 -10.31
CA TYR B 170 -25.33 -11.32 -10.58
C TYR B 170 -25.57 -10.60 -9.26
N THR B 171 -26.76 -10.05 -9.05
CA THR B 171 -27.00 -9.27 -7.83
C THR B 171 -27.58 -10.12 -6.71
N ARG B 172 -27.84 -11.39 -6.98
CA ARG B 172 -28.36 -12.33 -5.98
C ARG B 172 -27.20 -12.99 -5.24
N ILE B 173 -26.39 -12.15 -4.60
CA ILE B 173 -25.33 -12.62 -3.71
C ILE B 173 -25.72 -12.28 -2.27
N GLY B 174 -24.97 -12.86 -1.35
CA GLY B 174 -25.19 -12.66 0.07
C GLY B 174 -24.05 -13.30 0.79
N GLU B 175 -23.95 -12.98 2.08
CA GLU B 175 -22.78 -13.37 2.87
C GLU B 175 -22.66 -14.89 2.98
N ASP B 176 -23.76 -15.57 3.31
CA ASP B 176 -23.70 -17.00 3.53
C ASP B 176 -23.50 -17.74 2.22
N LEU B 177 -24.04 -17.19 1.13
CA LEU B 177 -23.80 -17.78 -0.19
C LEU B 177 -22.32 -17.72 -0.54
N LEU B 178 -21.71 -16.54 -0.42
CA LEU B 178 -20.34 -16.34 -0.90
C LEU B 178 -19.34 -16.99 0.04
N LEU B 179 -19.68 -17.18 1.31
CA LEU B 179 -18.81 -17.98 2.18
C LEU B 179 -18.75 -19.43 1.69
N ARG B 180 -19.91 -19.99 1.29
CA ARG B 180 -19.98 -21.35 0.75
C ARG B 180 -19.19 -21.48 -0.56
N VAL B 181 -19.23 -20.46 -1.42
CA VAL B 181 -18.49 -20.52 -2.69
C VAL B 181 -17.00 -20.31 -2.45
N LEU B 182 -16.63 -19.36 -1.58
CA LEU B 182 -15.24 -19.16 -1.18
C LEU B 182 -14.56 -20.48 -0.83
N ASP B 183 -15.24 -21.30 -0.03
CA ASP B 183 -14.64 -22.57 0.38
C ASP B 183 -14.29 -23.46 -0.80
N GLU B 184 -15.09 -23.45 -1.86
CA GLU B 184 -14.74 -24.32 -2.97
C GLU B 184 -13.78 -23.64 -3.93
N VAL B 185 -13.90 -22.31 -4.10
CA VAL B 185 -12.99 -21.58 -4.97
C VAL B 185 -11.55 -21.67 -4.44
N ALA B 186 -11.39 -21.62 -3.12
CA ALA B 186 -10.07 -21.68 -2.51
C ALA B 186 -9.32 -22.97 -2.82
N ALA B 187 -9.97 -23.95 -3.42
CA ALA B 187 -9.20 -25.14 -3.76
C ALA B 187 -8.45 -24.99 -5.06
N PHE B 188 -8.73 -23.94 -5.83
CA PHE B 188 -8.13 -23.73 -7.15
C PHE B 188 -7.07 -22.64 -7.07
N SER B 189 -6.24 -22.58 -8.09
CA SER B 189 -5.10 -21.70 -7.96
C SER B 189 -5.48 -20.30 -8.33
N PHE B 190 -6.46 -19.72 -7.63
CA PHE B 190 -6.79 -18.31 -7.79
C PHE B 190 -5.89 -17.45 -6.90
N GLU B 191 -5.95 -16.14 -7.12
CA GLU B 191 -5.26 -15.16 -6.29
C GLU B 191 -6.18 -14.14 -5.65
N VAL B 192 -7.30 -13.82 -6.27
CA VAL B 192 -8.23 -12.83 -5.74
C VAL B 192 -9.63 -13.42 -5.74
N PHE B 193 -10.37 -13.22 -4.64
CA PHE B 193 -11.79 -13.53 -4.56
C PHE B 193 -12.55 -12.21 -4.53
N GLN B 194 -13.08 -11.80 -5.68
CA GLN B 194 -13.68 -10.49 -5.87
C GLN B 194 -15.20 -10.57 -5.73
N ILE B 195 -15.76 -9.72 -4.89
CA ILE B 195 -17.19 -9.61 -4.70
C ILE B 195 -17.72 -8.53 -5.63
N ASP B 196 -18.72 -8.84 -6.44
CA ASP B 196 -19.20 -7.85 -7.39
C ASP B 196 -20.49 -7.16 -6.91
N ASP B 197 -21.27 -6.61 -7.85
CA ASP B 197 -22.51 -5.91 -7.53
C ASP B 197 -23.42 -6.79 -6.69
N GLY B 198 -23.98 -6.22 -5.62
CA GLY B 198 -25.00 -6.90 -4.84
C GLY B 198 -24.82 -6.75 -3.34
N TRP B 199 -23.66 -6.28 -2.94
CA TRP B 199 -23.37 -6.17 -1.53
C TRP B 199 -23.83 -4.84 -0.94
N GLN B 200 -24.09 -3.85 -1.77
CA GLN B 200 -24.31 -2.50 -1.25
C GLN B 200 -25.80 -2.24 -1.08
N ARG B 201 -26.10 -1.16 -0.37
CA ARG B 201 -27.49 -0.79 -0.13
C ARG B 201 -28.05 0.01 -1.30
N ALA B 202 -27.31 1.02 -1.77
CA ALA B 202 -27.70 1.75 -2.97
C ALA B 202 -26.45 2.29 -3.65
N LEU B 203 -26.62 2.72 -4.89
CA LEU B 203 -25.56 3.49 -5.54
C LEU B 203 -25.32 4.75 -4.72
N GLY B 204 -24.07 4.98 -4.36
CA GLY B 204 -23.77 6.07 -3.45
C GLY B 204 -24.15 5.84 -2.01
N ASP B 205 -24.56 4.63 -1.64
CA ASP B 205 -24.69 4.18 -0.25
C ASP B 205 -23.88 2.90 -0.10
N TRP B 206 -22.56 3.05 -0.10
CA TRP B 206 -21.66 1.91 -0.21
C TRP B 206 -21.31 1.33 1.15
N GLU B 207 -22.36 0.89 1.86
CA GLU B 207 -22.35 0.16 3.12
C GLU B 207 -23.09 -1.16 2.93
N PRO B 208 -22.75 -2.21 3.70
CA PRO B 208 -23.37 -3.52 3.44
C PRO B 208 -24.87 -3.52 3.69
N ASN B 209 -25.57 -4.31 2.88
CA ASN B 209 -27.02 -4.43 2.98
C ASN B 209 -27.36 -5.56 3.95
N ASP B 210 -28.62 -5.95 4.01
CA ASP B 210 -29.02 -6.95 4.98
C ASP B 210 -28.65 -8.36 4.55
N ARG B 211 -28.27 -8.59 3.29
CA ARG B 211 -27.82 -9.93 2.95
C ARG B 211 -26.37 -10.16 3.33
N PHE B 212 -25.67 -9.12 3.80
CA PHE B 212 -24.31 -9.21 4.33
C PHE B 212 -24.32 -8.74 5.78
N PRO B 213 -24.92 -9.53 6.70
CA PRO B 213 -25.22 -9.01 8.05
C PRO B 213 -24.00 -8.67 8.85
N ARG B 214 -22.98 -9.52 8.81
CA ARG B 214 -21.76 -9.26 9.58
C ARG B 214 -20.84 -8.23 8.94
N GLY B 215 -21.12 -7.77 7.72
CA GLY B 215 -20.42 -6.64 7.16
C GLY B 215 -19.36 -7.06 6.17
N MET B 216 -18.76 -6.05 5.55
CA MET B 216 -17.81 -6.29 4.48
C MET B 216 -16.40 -6.57 5.00
N ALA B 217 -16.03 -6.00 6.16
CA ALA B 217 -14.68 -6.23 6.67
C ALA B 217 -14.57 -7.64 7.24
N PHE B 218 -15.67 -8.17 7.79
CA PHE B 218 -15.69 -9.58 8.17
C PHE B 218 -15.40 -10.47 6.98
N LEU B 219 -16.06 -10.23 5.85
CA LEU B 219 -15.87 -11.02 4.64
C LEU B 219 -14.47 -10.89 4.07
N ALA B 220 -13.82 -9.76 4.27
CA ALA B 220 -12.45 -9.66 3.81
C ALA B 220 -11.54 -10.55 4.64
N GLU B 221 -11.78 -10.57 5.96
CA GLU B 221 -11.01 -11.44 6.86
C GLU B 221 -11.09 -12.90 6.44
N ARG B 222 -12.29 -13.37 6.11
CA ARG B 222 -12.48 -14.78 5.80
C ARG B 222 -11.83 -15.15 4.46
N ILE B 223 -11.74 -14.18 3.55
CA ILE B 223 -11.07 -14.41 2.28
C ILE B 223 -9.57 -14.51 2.48
N ARG B 224 -8.99 -13.63 3.30
CA ARG B 224 -7.55 -13.66 3.51
C ARG B 224 -7.11 -14.87 4.33
N GLU B 225 -8.00 -15.42 5.15
CA GLU B 225 -7.68 -16.61 5.90
C GLU B 225 -7.58 -17.85 5.02
N ARG B 226 -7.74 -17.74 3.70
CA ARG B 226 -7.46 -18.83 2.79
C ARG B 226 -6.30 -18.52 1.85
N GLY B 227 -5.53 -17.46 2.12
CA GLY B 227 -4.45 -17.11 1.23
C GLY B 227 -4.89 -16.48 -0.07
N LEU B 228 -6.07 -15.87 -0.08
CA LEU B 228 -6.55 -15.09 -1.21
C LEU B 228 -6.57 -13.62 -0.84
N ARG B 229 -6.57 -12.76 -1.86
CA ARG B 229 -6.77 -11.34 -1.66
C ARG B 229 -8.26 -11.04 -1.86
N ALA B 230 -8.76 -10.09 -1.06
CA ALA B 230 -10.17 -9.74 -1.12
C ALA B 230 -10.43 -8.66 -2.18
N GLY B 231 -11.40 -8.90 -3.07
CA GLY B 231 -11.82 -7.93 -4.06
C GLY B 231 -13.21 -7.37 -3.78
N LEU B 232 -13.40 -6.10 -4.12
CA LEU B 232 -14.69 -5.45 -3.90
C LEU B 232 -14.99 -4.56 -5.11
N TRP B 233 -16.28 -4.36 -5.39
CA TRP B 233 -16.74 -3.64 -6.57
C TRP B 233 -17.41 -2.34 -6.19
N PHE B 234 -17.17 -1.29 -6.97
CA PHE B 234 -17.73 0.04 -6.74
C PHE B 234 -18.18 0.67 -8.05
N ALA B 235 -19.24 1.48 -7.98
CA ALA B 235 -19.63 2.41 -9.04
C ALA B 235 -19.61 3.82 -8.46
N PRO B 236 -18.42 4.37 -8.22
CA PRO B 236 -18.29 5.54 -7.33
C PRO B 236 -19.19 6.72 -7.66
N PHE B 237 -19.16 7.14 -8.93
CA PHE B 237 -19.82 8.35 -9.38
C PHE B 237 -21.24 8.12 -9.89
N LEU B 238 -21.73 6.89 -9.85
CA LEU B 238 -23.08 6.62 -10.26
C LEU B 238 -24.01 6.80 -9.07
N VAL B 239 -25.25 7.16 -9.38
CA VAL B 239 -26.27 7.36 -8.35
C VAL B 239 -27.62 7.33 -9.06
N THR B 240 -28.63 6.82 -8.36
CA THR B 240 -30.00 6.85 -8.88
C THR B 240 -30.82 7.84 -8.06
N ALA B 241 -32.00 8.20 -8.57
CA ALA B 241 -32.78 9.23 -7.88
C ALA B 241 -33.32 8.74 -6.54
N ASP B 242 -33.49 7.41 -6.37
CA ASP B 242 -33.88 6.82 -5.10
C ASP B 242 -32.70 6.60 -4.17
N SER B 243 -31.50 6.97 -4.57
CA SER B 243 -30.35 6.86 -3.66
C SER B 243 -30.47 7.92 -2.56
N PRO B 244 -30.24 7.54 -1.30
CA PRO B 244 -30.15 8.55 -0.23
C PRO B 244 -29.25 9.72 -0.60
N LEU B 245 -28.09 9.44 -1.19
CA LEU B 245 -27.13 10.48 -1.54
C LEU B 245 -27.73 11.51 -2.48
N PHE B 246 -28.58 11.04 -3.40
CA PHE B 246 -29.21 11.92 -4.38
C PHE B 246 -30.03 12.98 -3.70
N GLN B 247 -30.63 12.66 -2.56
CA GLN B 247 -31.53 13.57 -1.90
C GLN B 247 -30.85 14.38 -0.81
N LYS B 248 -29.83 13.81 -0.17
CA LYS B 248 -29.17 14.45 0.96
C LYS B 248 -28.12 15.47 0.51
N ARG B 249 -27.44 15.20 -0.60
CA ARG B 249 -26.47 16.13 -1.17
C ARG B 249 -26.77 16.27 -2.66
N PRO B 250 -27.80 17.04 -3.02
CA PRO B 250 -28.11 17.23 -4.44
C PRO B 250 -27.13 18.17 -5.13
N ASP B 251 -26.28 18.87 -4.38
CA ASP B 251 -25.23 19.67 -4.98
C ASP B 251 -24.12 18.79 -5.55
N TRP B 252 -24.07 17.51 -5.17
CA TRP B 252 -23.07 16.59 -5.71
C TRP B 252 -23.49 15.97 -7.02
N VAL B 253 -24.76 16.09 -7.41
CA VAL B 253 -25.20 15.58 -8.71
C VAL B 253 -24.69 16.48 -9.82
N LEU B 254 -24.12 15.86 -10.86
CA LEU B 254 -23.72 16.55 -12.08
C LEU B 254 -24.94 17.11 -12.79
N ARG B 255 -24.96 18.43 -12.99
CA ARG B 255 -26.09 19.09 -13.61
C ARG B 255 -25.61 19.89 -14.82
N ASP B 256 -26.47 19.98 -15.83
CA ASP B 256 -26.18 20.74 -17.05
C ASP B 256 -26.36 22.24 -16.78
N GLY B 257 -26.31 23.03 -17.85
CA GLY B 257 -26.39 24.47 -17.71
C GLY B 257 -27.68 25.01 -17.12
N GLU B 258 -28.77 24.23 -17.12
CA GLU B 258 -30.07 24.70 -16.65
C GLU B 258 -30.48 24.01 -15.36
N GLY B 259 -29.54 23.41 -14.64
CA GLY B 259 -29.81 22.73 -13.38
C GLY B 259 -30.47 21.37 -13.49
N ARG B 260 -30.44 20.72 -14.64
CA ARG B 260 -31.08 19.42 -14.69
C ARG B 260 -30.03 18.34 -14.56
N PRO B 261 -30.24 17.32 -13.72
CA PRO B 261 -29.23 16.28 -13.60
C PRO B 261 -28.90 15.70 -14.96
N VAL B 262 -27.61 15.67 -15.27
CA VAL B 262 -27.15 15.01 -16.48
C VAL B 262 -27.59 13.55 -16.47
N ARG B 263 -28.09 13.09 -17.61
CA ARG B 263 -28.53 11.72 -17.79
C ARG B 263 -27.34 10.82 -18.07
N ALA B 264 -27.20 9.73 -17.30
CA ALA B 264 -26.04 8.86 -17.44
C ALA B 264 -26.42 7.43 -17.85
N GLY B 265 -27.63 7.20 -18.33
CA GLY B 265 -28.00 5.89 -18.80
C GLY B 265 -29.15 5.29 -18.01
N PHE B 266 -29.43 4.03 -18.32
CA PHE B 266 -30.61 3.36 -17.77
C PHE B 266 -30.25 1.91 -17.46
N ASN B 267 -30.06 1.61 -16.18
CA ASN B 267 -29.69 0.28 -15.71
C ASN B 267 -30.49 -0.04 -14.46
N TRP B 268 -30.50 -1.32 -14.08
CA TRP B 268 -31.22 -1.79 -12.90
C TRP B 268 -32.66 -1.28 -12.91
N GLY B 269 -33.27 -1.20 -14.08
CA GLY B 269 -34.64 -0.77 -14.17
C GLY B 269 -34.89 0.70 -13.92
N ARG B 270 -33.89 1.48 -13.54
CA ARG B 270 -34.09 2.90 -13.27
C ARG B 270 -33.21 3.79 -14.16
N PRO B 271 -33.53 5.08 -14.25
CA PRO B 271 -32.58 6.05 -14.78
C PRO B 271 -31.39 6.23 -13.86
N LEU B 272 -30.25 6.56 -14.47
CA LEU B 272 -28.98 6.74 -13.78
C LEU B 272 -28.53 8.20 -13.86
N TYR B 273 -27.98 8.71 -12.76
CA TYR B 273 -27.38 10.04 -12.77
C TYR B 273 -25.96 9.95 -12.24
N ALA B 274 -25.19 10.99 -12.49
CA ALA B 274 -23.78 10.96 -12.15
C ALA B 274 -23.54 11.83 -10.92
N LEU B 275 -22.42 11.59 -10.26
CA LEU B 275 -21.87 12.62 -9.38
C LEU B 275 -20.89 13.48 -10.16
N ASP B 276 -20.78 14.74 -9.72
CA ASP B 276 -19.93 15.72 -10.38
C ASP B 276 -18.50 15.44 -9.97
N ALA B 277 -17.74 14.77 -10.84
CA ALA B 277 -16.33 14.52 -10.57
C ALA B 277 -15.48 15.76 -10.69
N GLY B 278 -16.09 16.89 -11.02
CA GLY B 278 -15.37 18.12 -10.95
C GLY B 278 -15.42 18.77 -9.61
N ASN B 279 -16.35 18.34 -8.76
CA ASN B 279 -16.56 18.87 -7.41
C ASN B 279 -15.61 18.16 -6.44
N GLU B 280 -14.58 18.87 -5.94
CA GLU B 280 -13.56 18.23 -5.12
C GLU B 280 -14.11 17.63 -3.85
N GLU B 281 -15.31 18.02 -3.43
CA GLU B 281 -15.97 17.34 -2.33
C GLU B 281 -16.41 15.94 -2.73
N VAL B 282 -16.77 15.77 -4.00
CA VAL B 282 -17.18 14.46 -4.50
C VAL B 282 -15.96 13.58 -4.68
N VAL B 283 -14.92 14.10 -5.33
CA VAL B 283 -13.71 13.31 -5.50
C VAL B 283 -13.19 12.85 -4.15
N GLU B 284 -13.24 13.72 -3.13
CA GLU B 284 -12.77 13.32 -1.81
C GLU B 284 -13.64 12.21 -1.24
N TRP B 285 -14.96 12.37 -1.32
CA TRP B 285 -15.87 11.32 -0.88
C TRP B 285 -15.57 10.00 -1.58
N ALA B 286 -15.29 10.06 -2.89
CA ALA B 286 -14.86 8.89 -3.64
C ALA B 286 -13.51 8.37 -3.15
N ALA B 287 -12.55 9.26 -2.91
CA ALA B 287 -11.25 8.81 -2.45
C ALA B 287 -11.36 8.12 -1.09
N ASP B 288 -12.37 8.51 -0.28
CA ASP B 288 -12.60 7.87 1.01
C ASP B 288 -13.24 6.50 0.88
N LEU B 289 -14.04 6.28 -0.17
CA LEU B 289 -14.52 4.93 -0.45
C LEU B 289 -13.33 4.00 -0.64
N VAL B 290 -12.34 4.43 -1.41
CA VAL B 290 -11.14 3.63 -1.60
C VAL B 290 -10.45 3.37 -0.26
N ARG B 291 -10.32 4.41 0.56
CA ARG B 291 -9.67 4.22 1.85
C ARG B 291 -10.44 3.22 2.69
N LYS B 292 -11.77 3.33 2.70
CA LYS B 292 -12.58 2.46 3.55
C LYS B 292 -12.47 1.02 3.09
N ALA B 293 -12.42 0.81 1.77
CA ALA B 293 -12.28 -0.54 1.26
C ALA B 293 -10.94 -1.15 1.61
N LEU B 294 -9.87 -0.34 1.69
CA LEU B 294 -8.59 -0.84 2.18
C LEU B 294 -8.65 -1.14 3.67
N ALA B 295 -9.30 -0.24 4.43
CA ALA B 295 -9.55 -0.46 5.85
C ALA B 295 -10.21 -1.81 6.10
N TRP B 296 -11.25 -2.13 5.32
CA TRP B 296 -11.95 -3.40 5.47
C TRP B 296 -11.04 -4.58 5.15
N GLY B 297 -10.05 -4.40 4.27
CA GLY B 297 -9.06 -5.42 4.02
C GLY B 297 -9.07 -5.89 2.58
N TYR B 298 -9.70 -5.08 1.73
CA TYR B 298 -9.69 -5.31 0.29
C TYR B 298 -8.51 -4.58 -0.36
N ASP B 299 -7.71 -5.30 -1.15
CA ASP B 299 -6.63 -4.68 -1.90
C ASP B 299 -6.77 -4.96 -3.40
N TYR B 300 -7.99 -5.17 -3.86
CA TYR B 300 -8.29 -5.29 -5.28
C TYR B 300 -9.65 -4.63 -5.47
N LEU B 301 -9.74 -3.61 -6.33
CA LEU B 301 -10.95 -2.81 -6.47
C LEU B 301 -11.37 -2.79 -7.94
N LYS B 302 -12.61 -3.22 -8.21
CA LYS B 302 -13.21 -3.08 -9.54
C LYS B 302 -14.03 -1.79 -9.53
N LEU B 303 -13.56 -0.78 -10.24
CA LEU B 303 -14.20 0.52 -10.26
C LEU B 303 -14.99 0.64 -11.56
N ASP B 304 -16.32 0.78 -11.45
CA ASP B 304 -17.24 0.58 -12.55
C ASP B 304 -18.04 1.82 -12.91
N PHE B 305 -18.61 1.77 -14.12
CA PHE B 305 -19.37 2.89 -14.67
C PHE B 305 -18.55 4.17 -14.57
N LEU B 306 -17.26 4.05 -14.87
CA LEU B 306 -16.38 5.19 -14.70
C LEU B 306 -16.60 6.25 -15.77
N TYR B 307 -17.28 5.92 -16.86
CA TYR B 307 -17.67 6.98 -17.79
C TYR B 307 -18.48 8.08 -17.11
N ALA B 308 -19.08 7.81 -15.95
CA ALA B 308 -19.87 8.85 -15.29
C ALA B 308 -19.01 10.03 -14.91
N ALA B 309 -17.78 9.77 -14.45
CA ALA B 309 -16.88 10.86 -14.08
C ALA B 309 -16.39 11.64 -15.29
N ALA B 310 -16.57 11.11 -16.50
CA ALA B 310 -16.08 11.76 -17.71
C ALA B 310 -17.20 12.30 -18.59
N LEU B 311 -18.42 12.43 -18.07
CA LEU B 311 -19.49 13.01 -18.87
C LEU B 311 -19.20 14.49 -19.09
N PRO B 312 -19.49 15.03 -20.29
CA PRO B 312 -20.28 14.42 -21.38
C PRO B 312 -19.51 13.66 -22.47
N GLY B 313 -18.20 13.48 -22.35
CA GLY B 313 -17.44 12.84 -23.42
C GLY B 313 -16.00 13.31 -23.41
N ALA B 314 -15.44 13.58 -24.58
CA ALA B 314 -14.08 14.10 -24.63
C ALA B 314 -13.91 15.30 -23.70
N GLU B 315 -14.93 16.17 -23.66
CA GLU B 315 -14.87 17.38 -22.85
C GLU B 315 -14.69 17.11 -21.36
N GLY B 316 -14.93 15.88 -20.90
CA GLY B 316 -14.85 15.56 -19.49
C GLY B 316 -13.60 14.80 -19.10
N GLU B 317 -12.81 14.38 -20.09
CA GLU B 317 -11.64 13.56 -19.81
C GLU B 317 -10.64 14.29 -18.88
N ALA B 318 -10.58 15.62 -18.95
CA ALA B 318 -9.79 16.38 -17.99
C ALA B 318 -10.25 16.10 -16.56
N ARG B 319 -11.53 16.37 -16.27
CA ARG B 319 -12.02 16.15 -14.90
C ARG B 319 -11.89 14.69 -14.51
N TYR B 320 -12.09 13.81 -15.48
CA TYR B 320 -12.03 12.38 -15.23
C TYR B 320 -10.64 11.98 -14.79
N ARG B 321 -9.63 12.28 -15.61
CA ARG B 321 -8.26 11.91 -15.28
C ARG B 321 -7.85 12.46 -13.92
N LYS B 322 -8.25 13.69 -13.61
CA LYS B 322 -7.88 14.29 -12.33
C LYS B 322 -8.51 13.53 -11.18
N ALA B 323 -9.82 13.24 -11.29
CA ALA B 323 -10.50 12.54 -10.22
C ALA B 323 -9.93 11.13 -10.05
N MET B 324 -9.56 10.49 -11.15
CA MET B 324 -8.99 9.15 -11.06
C MET B 324 -7.58 9.19 -10.47
N ALA B 325 -6.82 10.24 -10.76
CA ALA B 325 -5.48 10.36 -10.16
C ALA B 325 -5.57 10.45 -8.64
N ARG B 326 -6.67 10.98 -8.11
CA ARG B 326 -6.85 10.99 -6.67
C ARG B 326 -7.11 9.60 -6.12
N LEU B 327 -8.06 8.88 -6.71
CA LEU B 327 -8.31 7.50 -6.29
C LEU B 327 -7.06 6.63 -6.47
N ARG B 328 -6.39 6.78 -7.61
CA ARG B 328 -5.16 6.03 -7.86
C ARG B 328 -4.15 6.21 -6.73
N GLU B 329 -4.17 7.36 -6.05
CA GLU B 329 -3.22 7.59 -4.97
C GLU B 329 -3.79 7.25 -3.60
N ALA B 330 -5.11 7.31 -3.42
CA ALA B 330 -5.72 6.80 -2.19
C ALA B 330 -5.66 5.30 -2.14
N ALA B 331 -5.62 4.65 -3.32
CA ALA B 331 -5.40 3.22 -3.42
C ALA B 331 -3.95 2.82 -3.16
N GLY B 332 -3.01 3.74 -3.24
CA GLY B 332 -1.64 3.35 -2.97
C GLY B 332 -1.23 2.28 -3.95
N GLU B 333 -0.88 1.10 -3.43
CA GLU B 333 -0.42 0.00 -4.28
C GLU B 333 -1.48 -1.09 -4.46
N ALA B 334 -2.70 -0.85 -3.99
CA ALA B 334 -3.81 -1.74 -4.29
C ALA B 334 -4.00 -1.84 -5.80
N TYR B 335 -4.63 -2.93 -6.23
CA TYR B 335 -4.90 -3.14 -7.65
C TYR B 335 -6.23 -2.49 -8.00
N LEU B 336 -6.25 -1.71 -9.08
CA LEU B 336 -7.46 -1.07 -9.58
C LEU B 336 -7.76 -1.64 -10.95
N LEU B 337 -8.95 -2.21 -11.10
CA LEU B 337 -9.48 -2.63 -12.39
C LEU B 337 -10.52 -1.60 -12.81
N PHE B 338 -10.30 -0.96 -13.97
CA PHE B 338 -11.22 0.05 -14.49
C PHE B 338 -12.24 -0.61 -15.42
N CYS B 339 -13.50 -0.25 -15.24
CA CYS B 339 -14.57 -0.86 -16.00
C CYS B 339 -15.56 0.21 -16.45
N GLY B 340 -16.07 0.05 -17.67
CA GLY B 340 -16.93 1.06 -18.26
C GLY B 340 -16.24 2.41 -18.33
N ALA B 341 -14.94 2.42 -18.58
CA ALA B 341 -14.15 3.61 -18.38
C ALA B 341 -13.63 4.12 -19.70
N PRO B 342 -13.39 5.45 -19.81
CA PRO B 342 -12.66 5.98 -20.97
C PRO B 342 -11.35 5.22 -21.20
N VAL B 343 -11.13 4.66 -22.38
CA VAL B 343 -10.04 3.70 -22.52
C VAL B 343 -8.71 4.43 -22.43
N LEU B 344 -8.39 5.24 -23.44
CA LEU B 344 -7.07 5.86 -23.48
C LEU B 344 -6.89 6.81 -22.31
N ALA B 345 -7.97 7.47 -21.85
CA ALA B 345 -7.83 8.46 -20.77
C ALA B 345 -7.48 7.83 -19.44
N SER B 346 -7.59 6.52 -19.31
CA SER B 346 -7.27 5.84 -18.07
C SER B 346 -5.83 5.36 -18.00
N LEU B 347 -5.09 5.40 -19.11
CA LEU B 347 -3.79 4.75 -19.13
C LEU B 347 -2.81 5.40 -18.16
N GLY B 348 -2.01 4.57 -17.50
CA GLY B 348 -1.14 5.04 -16.46
C GLY B 348 -1.75 5.06 -15.08
N LEU B 349 -3.07 5.13 -14.98
CA LEU B 349 -3.74 5.12 -13.68
C LEU B 349 -4.28 3.74 -13.30
N ALA B 350 -4.95 3.04 -14.22
CA ALA B 350 -5.46 1.71 -13.92
C ALA B 350 -4.35 0.67 -13.99
N ASP B 351 -4.41 -0.30 -13.08
CA ASP B 351 -3.60 -1.50 -13.23
C ASP B 351 -4.20 -2.43 -14.28
N GLY B 352 -5.53 -2.59 -14.23
CA GLY B 352 -6.24 -3.34 -15.25
C GLY B 352 -7.38 -2.56 -15.87
N LEU B 353 -7.66 -2.89 -17.13
CA LEU B 353 -8.67 -2.15 -17.88
C LEU B 353 -9.52 -3.11 -18.70
N ARG B 354 -10.83 -3.03 -18.51
CA ARG B 354 -11.78 -3.70 -19.37
C ARG B 354 -11.84 -3.01 -20.73
N VAL B 355 -11.71 -3.79 -21.80
CA VAL B 355 -11.62 -3.25 -23.13
C VAL B 355 -12.76 -3.69 -24.03
N GLY B 356 -13.73 -4.41 -23.49
CA GLY B 356 -14.87 -4.83 -24.28
C GLY B 356 -16.14 -4.85 -23.45
N PRO B 357 -17.28 -4.99 -24.12
CA PRO B 357 -18.54 -5.17 -23.40
C PRO B 357 -18.51 -6.42 -22.53
N ASP B 358 -19.51 -6.52 -21.64
CA ASP B 358 -19.63 -7.72 -20.81
C ASP B 358 -19.70 -9.00 -21.63
N VAL B 359 -18.96 -10.02 -21.21
CA VAL B 359 -19.32 -11.34 -21.69
C VAL B 359 -20.61 -11.77 -21.01
N ALA B 360 -21.26 -12.77 -21.60
CA ALA B 360 -22.57 -13.20 -21.17
C ALA B 360 -22.65 -14.69 -21.40
N PRO B 361 -23.61 -15.36 -20.80
CA PRO B 361 -23.70 -16.80 -21.06
C PRO B 361 -24.45 -17.08 -22.35
N TYR B 362 -24.13 -16.31 -23.38
CA TYR B 362 -24.74 -16.53 -24.68
C TYR B 362 -23.92 -15.77 -25.72
N TRP B 363 -24.03 -16.21 -26.96
CA TRP B 363 -23.21 -15.66 -28.03
C TRP B 363 -23.59 -14.22 -28.35
N ASP B 364 -24.85 -14.00 -28.71
CA ASP B 364 -25.25 -12.63 -29.00
C ASP B 364 -26.75 -12.50 -28.80
N ASN B 365 -27.17 -11.41 -28.17
CA ASN B 365 -28.58 -11.06 -28.11
C ASN B 365 -28.96 -10.32 -29.39
N GLU B 366 -29.59 -11.04 -30.34
CA GLU B 366 -29.94 -10.42 -31.62
C GLU B 366 -30.92 -9.27 -31.44
N GLU B 367 -31.72 -9.29 -30.38
CA GLU B 367 -32.67 -8.20 -30.18
C GLU B 367 -31.99 -6.92 -29.73
N ARG B 368 -30.85 -7.01 -29.07
CA ARG B 368 -30.13 -5.80 -28.76
C ARG B 368 -29.07 -5.47 -29.82
N SER B 369 -28.33 -6.48 -30.29
CA SER B 369 -27.28 -6.23 -31.26
C SER B 369 -27.84 -5.73 -32.60
N PHE B 370 -29.00 -6.25 -33.01
CA PHE B 370 -29.51 -5.97 -34.35
C PHE B 370 -30.63 -4.93 -34.34
N TRP B 371 -31.77 -5.24 -33.72
CA TRP B 371 -32.89 -4.32 -33.89
C TRP B 371 -32.73 -3.05 -33.07
N LEU B 372 -32.08 -3.12 -31.91
CA LEU B 372 -31.76 -1.91 -31.19
C LEU B 372 -30.41 -1.32 -31.63
N ALA B 373 -29.70 -2.00 -32.54
CA ALA B 373 -28.42 -1.57 -33.08
C ALA B 373 -27.49 -1.07 -31.98
N ASP B 374 -27.25 -1.97 -31.01
CA ASP B 374 -26.47 -1.70 -29.81
C ASP B 374 -25.43 -2.80 -29.61
N PRO B 375 -24.23 -2.61 -30.16
CA PRO B 375 -23.16 -3.57 -29.96
C PRO B 375 -22.48 -3.45 -28.60
N THR B 376 -22.97 -2.60 -27.70
CA THR B 376 -22.32 -2.53 -26.40
C THR B 376 -22.97 -3.45 -25.37
N GLY B 377 -24.09 -4.06 -25.71
CA GLY B 377 -24.78 -4.94 -24.80
C GLY B 377 -23.95 -6.18 -24.55
N PRO B 378 -24.22 -6.84 -23.42
CA PRO B 378 -23.53 -8.09 -23.11
C PRO B 378 -23.68 -9.14 -24.21
N GLY B 379 -22.65 -9.98 -24.33
CA GLY B 379 -22.65 -11.07 -25.30
C GLY B 379 -21.21 -11.43 -25.60
N LEU B 380 -20.87 -12.73 -25.58
CA LEU B 380 -19.50 -13.10 -25.91
C LEU B 380 -19.07 -12.51 -27.26
N ARG B 381 -19.98 -12.43 -28.24
CA ARG B 381 -19.62 -11.88 -29.54
C ARG B 381 -19.23 -10.41 -29.43
N ASN B 382 -20.06 -9.62 -28.74
CA ASN B 382 -19.74 -8.20 -28.57
C ASN B 382 -18.46 -8.01 -27.77
N ALA B 383 -18.23 -8.87 -26.77
CA ALA B 383 -17.03 -8.76 -25.96
C ALA B 383 -15.77 -9.05 -26.77
N LEU B 384 -15.79 -10.09 -27.60
CA LEU B 384 -14.61 -10.41 -28.38
C LEU B 384 -14.29 -9.34 -29.41
N ARG B 385 -15.31 -8.67 -29.96
CA ARG B 385 -15.05 -7.76 -31.07
C ARG B 385 -14.24 -6.55 -30.64
N SER B 386 -14.67 -5.87 -29.58
CA SER B 386 -13.89 -4.73 -29.10
C SER B 386 -12.57 -5.16 -28.49
N THR B 387 -12.57 -6.26 -27.72
CA THR B 387 -11.32 -6.69 -27.08
C THR B 387 -10.23 -6.91 -28.12
N LEU B 388 -10.58 -7.55 -29.23
CA LEU B 388 -9.58 -7.87 -30.25
C LEU B 388 -8.97 -6.60 -30.81
N HIS B 389 -9.76 -5.54 -30.96
CA HIS B 389 -9.23 -4.31 -31.52
C HIS B 389 -8.60 -3.41 -30.50
N ARG B 390 -8.49 -3.85 -29.24
CA ARG B 390 -7.81 -3.10 -28.21
C ARG B 390 -6.61 -3.85 -27.63
N LEU B 391 -6.23 -4.97 -28.26
CA LEU B 391 -5.11 -5.74 -27.75
C LEU B 391 -3.82 -4.94 -27.80
N TRP B 392 -3.68 -4.00 -28.74
CA TRP B 392 -2.46 -3.21 -28.87
C TRP B 392 -2.08 -2.49 -27.58
N LEU B 393 -3.02 -2.38 -26.63
CA LEU B 393 -2.75 -1.70 -25.37
C LEU B 393 -2.08 -2.59 -24.32
N MET B 394 -1.73 -3.83 -24.64
CA MET B 394 -1.13 -4.70 -23.65
C MET B 394 0.20 -4.17 -23.11
N GLU B 395 0.81 -3.19 -23.78
CA GLU B 395 2.04 -2.60 -23.27
C GLU B 395 1.80 -1.45 -22.31
N ASN B 396 0.54 -1.10 -22.04
CA ASN B 396 0.18 0.04 -21.23
C ASN B 396 -0.58 -0.33 -19.97
N VAL B 397 -1.24 -1.48 -19.98
CA VAL B 397 -2.13 -1.85 -18.88
C VAL B 397 -2.42 -3.33 -19.05
N HIS B 398 -3.03 -3.95 -18.03
CA HIS B 398 -3.54 -5.30 -18.16
C HIS B 398 -4.85 -5.25 -18.92
N VAL B 399 -4.87 -5.83 -20.12
CA VAL B 399 -6.05 -5.82 -20.96
C VAL B 399 -6.98 -6.93 -20.46
N ASP B 400 -8.11 -6.54 -19.89
CA ASP B 400 -9.07 -7.47 -19.32
C ASP B 400 -10.13 -7.82 -20.36
N PRO B 401 -10.21 -9.07 -20.83
CA PRO B 401 -11.22 -9.45 -21.82
C PRO B 401 -12.52 -9.94 -21.20
N ASP B 402 -12.65 -9.71 -19.88
CA ASP B 402 -13.71 -10.21 -19.01
C ASP B 402 -13.48 -11.66 -18.62
N VAL B 403 -14.45 -12.25 -17.90
CA VAL B 403 -14.32 -13.60 -17.33
C VAL B 403 -14.41 -14.66 -18.41
N VAL B 404 -13.84 -15.84 -18.11
CA VAL B 404 -13.89 -16.99 -18.99
C VAL B 404 -14.91 -17.97 -18.46
N TYR B 405 -15.63 -18.61 -19.36
CA TYR B 405 -16.61 -19.61 -18.98
C TYR B 405 -15.97 -20.98 -19.10
N PHE B 406 -16.11 -21.79 -18.04
CA PHE B 406 -15.83 -23.22 -18.06
C PHE B 406 -17.06 -24.07 -17.82
N ARG B 407 -18.06 -23.57 -17.10
CA ARG B 407 -19.29 -24.32 -16.94
C ARG B 407 -20.03 -24.50 -18.26
N THR B 408 -20.80 -25.58 -18.35
CA THR B 408 -21.86 -25.71 -19.34
C THR B 408 -23.24 -25.68 -18.71
N ARG B 409 -23.36 -25.96 -17.42
CA ARG B 409 -24.62 -25.68 -16.76
C ARG B 409 -24.84 -24.18 -16.69
N PHE B 410 -26.09 -23.77 -16.76
CA PHE B 410 -26.48 -22.37 -16.68
C PHE B 410 -25.60 -21.51 -17.57
N ASN B 411 -25.56 -21.86 -18.86
CA ASN B 411 -24.71 -21.23 -19.84
C ASN B 411 -25.01 -21.73 -21.25
N LEU B 412 -25.53 -20.87 -22.13
CA LEU B 412 -25.88 -21.25 -23.50
C LEU B 412 -24.71 -21.24 -24.49
N LEU B 413 -23.54 -20.74 -24.11
CA LEU B 413 -22.41 -20.76 -25.03
C LEU B 413 -22.10 -22.19 -25.44
N SER B 414 -21.67 -22.35 -26.70
CA SER B 414 -21.14 -23.63 -27.15
C SER B 414 -19.75 -23.86 -26.58
N PRO B 415 -19.29 -25.12 -26.56
CA PRO B 415 -17.89 -25.36 -26.19
C PRO B 415 -16.88 -24.66 -27.09
N GLU B 416 -17.13 -24.63 -28.40
CA GLU B 416 -16.21 -23.96 -29.32
C GLU B 416 -16.10 -22.47 -29.01
N GLU B 417 -17.24 -21.81 -28.77
CA GLU B 417 -17.23 -20.39 -28.44
C GLU B 417 -16.43 -20.11 -27.16
N MET B 418 -16.63 -20.92 -26.12
CA MET B 418 -15.89 -20.70 -24.88
C MET B 418 -14.39 -20.70 -25.13
N ARG B 419 -13.91 -21.63 -25.96
CA ARG B 419 -12.47 -21.73 -26.17
C ARG B 419 -11.90 -20.45 -26.77
N LEU B 420 -12.73 -19.69 -27.50
CA LEU B 420 -12.32 -18.38 -27.99
C LEU B 420 -11.97 -17.42 -26.85
N GLN B 421 -12.93 -17.21 -25.95
CA GLN B 421 -12.74 -16.33 -24.81
C GLN B 421 -11.60 -16.83 -23.94
N GLU B 422 -11.50 -18.15 -23.76
CA GLU B 422 -10.40 -18.70 -22.97
C GLU B 422 -9.07 -18.36 -23.61
N ALA B 423 -8.97 -18.54 -24.93
CA ALA B 423 -7.76 -18.21 -25.66
C ALA B 423 -7.37 -16.75 -25.45
N LEU B 424 -8.32 -15.83 -25.47
CA LEU B 424 -7.96 -14.42 -25.29
C LEU B 424 -7.46 -14.16 -23.89
N ALA B 425 -8.00 -14.88 -22.91
CA ALA B 425 -7.51 -14.72 -21.55
C ALA B 425 -6.05 -15.15 -21.45
N HIS B 426 -5.68 -16.24 -22.14
CA HIS B 426 -4.28 -16.66 -22.17
C HIS B 426 -3.41 -15.59 -22.79
N PHE B 427 -3.85 -15.08 -23.93
CA PHE B 427 -3.03 -14.11 -24.62
C PHE B 427 -2.82 -12.85 -23.76
N THR B 428 -3.89 -12.30 -23.18
CA THR B 428 -3.71 -11.11 -22.39
C THR B 428 -3.05 -11.44 -21.07
N GLY B 429 -3.24 -12.67 -20.57
CA GLY B 429 -2.75 -13.10 -19.28
C GLY B 429 -3.63 -12.73 -18.12
N PHE B 430 -4.73 -12.02 -18.37
CA PHE B 430 -5.72 -11.66 -17.35
C PHE B 430 -6.68 -12.83 -17.23
N LYS B 431 -6.52 -13.65 -16.19
CA LYS B 431 -7.31 -14.87 -16.06
C LYS B 431 -8.35 -14.70 -14.96
N ALA B 432 -9.61 -14.73 -15.35
CA ALA B 432 -10.68 -14.63 -14.37
C ALA B 432 -11.87 -15.45 -14.82
N THR B 433 -12.62 -15.95 -13.84
CA THR B 433 -13.85 -16.67 -14.09
C THR B 433 -14.86 -16.31 -13.01
N SER B 434 -16.05 -16.84 -13.18
CA SER B 434 -17.17 -16.50 -12.32
C SER B 434 -17.95 -17.75 -11.94
N ASP B 435 -17.43 -18.95 -12.25
CA ASP B 435 -18.18 -20.20 -12.12
C ASP B 435 -18.03 -20.79 -10.72
N PRO B 436 -19.11 -21.06 -9.99
CA PRO B 436 -18.99 -21.80 -8.77
C PRO B 436 -18.49 -23.20 -9.07
N PRO B 437 -17.48 -23.68 -8.34
CA PRO B 437 -17.02 -25.05 -8.58
C PRO B 437 -18.12 -26.09 -8.42
N SER B 438 -19.12 -25.84 -7.57
CA SER B 438 -20.21 -26.81 -7.44
C SER B 438 -21.02 -26.95 -8.72
N TRP B 439 -20.96 -25.97 -9.64
CA TRP B 439 -21.63 -26.04 -10.93
C TRP B 439 -20.82 -26.73 -12.00
N LEU B 440 -19.58 -27.10 -11.71
CA LEU B 440 -18.70 -27.65 -12.73
C LEU B 440 -18.73 -29.17 -12.68
N LEU B 441 -18.66 -29.77 -13.88
CA LEU B 441 -18.47 -31.21 -14.03
C LEU B 441 -17.00 -31.54 -13.76
N PRO B 442 -16.68 -32.80 -13.47
CA PRO B 442 -15.28 -33.14 -13.15
C PRO B 442 -14.31 -32.71 -14.23
N GLU B 443 -14.72 -32.82 -15.48
CA GLU B 443 -13.85 -32.49 -16.59
C GLU B 443 -13.68 -30.98 -16.73
N GLU B 444 -14.74 -30.22 -16.44
CA GLU B 444 -14.63 -28.77 -16.46
C GLU B 444 -13.81 -28.27 -15.27
N LYS B 445 -13.87 -28.96 -14.11
CA LYS B 445 -13.04 -28.56 -12.98
C LYS B 445 -11.57 -28.67 -13.33
N GLY B 446 -11.20 -29.73 -14.05
CA GLY B 446 -9.83 -29.87 -14.51
C GLY B 446 -9.43 -28.77 -15.50
N ARG B 447 -10.30 -28.47 -16.46
CA ARG B 447 -9.98 -27.45 -17.45
C ARG B 447 -9.76 -26.09 -16.80
N LEU B 448 -10.60 -25.72 -15.81
CA LEU B 448 -10.41 -24.46 -15.09
C LEU B 448 -9.03 -24.40 -14.43
N GLU B 449 -8.64 -25.48 -13.74
CA GLU B 449 -7.35 -25.46 -13.05
C GLU B 449 -6.19 -25.46 -14.05
N ALA B 450 -6.33 -26.23 -15.13
CA ALA B 450 -5.30 -26.25 -16.17
C ALA B 450 -5.13 -24.87 -16.80
N PHE B 451 -6.20 -24.07 -16.82
CA PHE B 451 -6.18 -22.72 -17.36
C PHE B 451 -5.54 -21.71 -16.41
N LEU B 452 -5.63 -21.92 -15.09
CA LEU B 452 -5.11 -20.96 -14.12
C LEU B 452 -3.61 -21.09 -13.91
N ALA B 453 -3.00 -22.24 -14.21
CA ALA B 453 -1.56 -22.31 -14.19
C ALA B 453 -0.98 -21.65 -15.43
N ARG B 454 0.05 -20.86 -15.20
CA ARG B 454 0.49 -19.90 -16.19
C ARG B 454 1.73 -20.31 -16.98
N GLU B 455 1.54 -20.58 -18.28
CA GLU B 455 2.61 -21.04 -19.18
C GLU B 455 2.29 -20.77 -20.66
N GLY C 1 34.52 -0.87 -13.79
CA GLY C 1 34.04 -1.70 -14.88
C GLY C 1 35.03 -1.89 -16.04
N SER C 2 34.52 -2.24 -17.22
CA SER C 2 35.37 -2.61 -18.35
C SER C 2 36.11 -1.40 -18.93
N HIS C 3 37.33 -1.63 -19.40
CA HIS C 3 38.07 -0.63 -20.16
C HIS C 3 37.67 -0.70 -21.63
N MET C 4 37.44 0.44 -22.26
CA MET C 4 36.92 0.47 -23.61
C MET C 4 37.55 1.58 -24.43
N ARG C 5 37.78 1.29 -25.68
CA ARG C 5 38.24 2.30 -26.63
C ARG C 5 37.20 2.38 -27.75
N LEU C 6 36.92 3.60 -28.18
CA LEU C 6 36.02 3.80 -29.31
C LEU C 6 36.49 5.01 -30.09
N ASN C 7 35.99 5.14 -31.32
CA ASN C 7 36.19 6.35 -32.10
C ASN C 7 34.91 7.16 -32.07
N LEU C 8 35.05 8.46 -31.85
CA LEU C 8 33.92 9.34 -31.55
C LEU C 8 34.23 10.72 -32.08
N GLY C 9 33.41 11.22 -33.00
CA GLY C 9 33.71 12.50 -33.61
C GLY C 9 35.05 12.56 -34.31
N GLY C 10 35.46 11.46 -34.94
CA GLY C 10 36.79 11.45 -35.53
C GLY C 10 37.90 11.60 -34.53
N ALA C 11 37.64 11.32 -33.26
CA ALA C 11 38.66 11.28 -32.24
C ALA C 11 38.68 9.90 -31.61
N GLU C 12 39.84 9.53 -31.06
CA GLU C 12 39.92 8.31 -30.28
C GLU C 12 39.70 8.68 -28.83
N VAL C 13 38.72 8.03 -28.19
CA VAL C 13 38.33 8.33 -26.82
C VAL C 13 38.49 7.06 -26.00
N PHE C 14 39.10 7.18 -24.84
CA PHE C 14 39.20 6.05 -23.92
C PHE C 14 38.20 6.24 -22.77
N LEU C 15 37.49 5.16 -22.42
CA LEU C 15 36.45 5.27 -21.42
C LEU C 15 36.40 4.01 -20.58
N ARG C 16 35.79 4.14 -19.40
CA ARG C 16 35.66 3.06 -18.43
C ARG C 16 34.20 2.98 -17.99
N ALA C 17 33.46 2.00 -18.54
CA ALA C 17 32.05 1.80 -18.21
C ALA C 17 31.75 0.31 -18.13
N GLU C 18 30.58 -0.01 -17.56
CA GLU C 18 30.12 -1.39 -17.51
C GLU C 18 29.57 -1.87 -18.85
N GLY C 19 28.83 -1.02 -19.55
CA GLY C 19 28.35 -1.35 -20.87
C GLY C 19 28.39 -0.15 -21.80
N LEU C 20 28.59 -0.44 -23.09
CA LEU C 20 28.51 0.55 -24.15
C LEU C 20 27.65 0.04 -25.29
N GLU C 21 26.88 0.96 -25.92
CA GLU C 21 26.09 0.67 -27.11
C GLU C 21 25.88 1.96 -27.88
N GLU C 22 25.56 1.82 -29.17
CA GLU C 22 25.45 3.00 -30.03
C GLU C 22 24.15 3.74 -29.75
N ALA C 23 24.10 4.98 -30.23
CA ALA C 23 22.97 5.87 -29.99
C ALA C 23 23.02 6.98 -31.03
N PRO C 24 21.97 7.80 -31.12
CA PRO C 24 21.99 8.91 -32.09
C PRO C 24 22.80 10.07 -31.55
N GLY C 25 23.80 10.49 -32.30
CA GLY C 25 24.64 11.60 -31.91
C GLY C 25 25.83 11.24 -31.06
N GLY C 26 26.04 9.95 -30.79
CA GLY C 26 27.12 9.50 -29.95
C GLY C 26 26.86 8.08 -29.52
N VAL C 27 27.17 7.76 -28.26
CA VAL C 27 26.95 6.41 -27.75
C VAL C 27 26.26 6.50 -26.38
N ARG C 28 25.81 5.35 -25.93
CA ARG C 28 25.14 5.23 -24.64
C ARG C 28 25.97 4.29 -23.78
N LEU C 29 26.42 4.79 -22.63
CA LEU C 29 27.14 4.00 -21.65
C LEU C 29 26.19 3.62 -20.52
N TRP C 30 26.40 2.44 -19.96
CA TRP C 30 25.70 2.03 -18.76
C TRP C 30 26.74 1.91 -17.65
N GLY C 31 26.41 2.34 -16.43
CA GLY C 31 27.32 2.14 -15.31
C GLY C 31 27.05 3.03 -14.11
N ARG C 32 27.12 2.50 -12.89
CA ARG C 32 26.93 3.33 -11.71
C ARG C 32 27.98 4.43 -11.64
N GLU C 33 29.19 4.15 -12.11
CA GLU C 33 30.22 5.18 -12.26
C GLU C 33 30.92 4.95 -13.59
N VAL C 34 30.98 5.98 -14.43
CA VAL C 34 31.66 5.89 -15.72
C VAL C 34 32.76 6.95 -15.79
N ARG C 35 33.84 6.60 -16.50
CA ARG C 35 35.00 7.46 -16.66
C ARG C 35 35.32 7.62 -18.13
N VAL C 36 35.61 8.87 -18.53
CA VAL C 36 35.81 9.23 -19.92
C VAL C 36 37.02 10.15 -20.00
N PHE C 37 37.99 9.82 -20.84
CA PHE C 37 39.24 10.58 -20.92
C PHE C 37 39.31 11.29 -22.26
N PRO C 38 39.45 12.62 -22.24
CA PRO C 38 39.50 13.35 -23.49
C PRO C 38 40.85 13.13 -24.16
N PRO C 39 40.89 13.11 -25.48
CA PRO C 39 42.15 12.86 -26.17
C PRO C 39 42.93 14.14 -26.42
N PHE C 40 42.57 15.19 -25.70
CA PHE C 40 43.16 16.53 -25.86
C PHE C 40 43.41 17.12 -24.47
N PRO C 41 44.14 18.22 -24.38
CA PRO C 41 44.16 18.96 -23.11
C PRO C 41 42.84 19.68 -22.97
N ALA C 42 42.30 19.68 -21.76
CA ALA C 42 40.99 20.29 -21.52
C ALA C 42 41.17 21.78 -21.21
N LYS C 43 40.64 22.63 -22.09
CA LYS C 43 40.69 24.06 -21.79
C LYS C 43 39.56 24.52 -20.87
N GLY C 44 38.37 23.93 -20.96
CA GLY C 44 37.27 24.34 -20.11
C GLY C 44 36.36 23.18 -19.76
N PHE C 45 35.71 23.29 -18.61
CA PHE C 45 34.75 22.30 -18.12
C PHE C 45 33.38 22.94 -18.05
N PHE C 46 32.33 22.16 -18.32
CA PHE C 46 30.98 22.69 -18.26
C PHE C 46 30.40 22.32 -16.90
N ARG C 47 30.44 23.29 -16.01
CA ARG C 47 29.89 23.12 -14.67
C ARG C 47 28.40 23.37 -14.80
N HIS C 48 27.58 22.41 -14.41
CA HIS C 48 26.13 22.57 -14.52
C HIS C 48 25.50 22.44 -13.14
N GLY C 49 25.02 23.56 -12.60
CA GLY C 49 24.36 23.58 -11.30
C GLY C 49 23.08 22.76 -11.29
N TRP C 50 22.59 22.51 -10.09
CA TRP C 50 21.56 21.50 -9.88
C TRP C 50 20.17 22.03 -10.20
N GLN C 51 19.85 23.22 -9.71
CA GLN C 51 18.50 23.78 -9.77
C GLN C 51 18.48 25.07 -10.58
N SER C 52 17.29 25.68 -10.63
CA SER C 52 17.07 26.84 -11.48
C SER C 52 18.05 27.96 -11.18
N TRP C 53 18.22 28.31 -9.91
CA TRP C 53 19.04 29.46 -9.56
C TRP C 53 20.52 29.15 -9.50
N SER C 54 20.92 27.92 -9.82
CA SER C 54 22.30 27.51 -9.70
C SER C 54 23.12 27.99 -10.90
N LEU C 55 24.44 28.03 -10.71
CA LEU C 55 25.34 28.48 -11.77
C LEU C 55 25.47 27.41 -12.84
N ALA C 56 25.24 27.78 -14.08
CA ALA C 56 25.60 26.96 -15.22
C ALA C 56 26.51 27.81 -16.10
N ALA C 57 27.75 27.36 -16.30
CA ALA C 57 28.75 28.14 -17.03
C ALA C 57 29.99 27.29 -17.20
N TRP C 58 30.83 27.67 -18.18
CA TRP C 58 32.12 27.01 -18.40
C TRP C 58 33.15 27.59 -17.45
N VAL C 59 34.04 26.73 -16.94
CA VAL C 59 34.95 27.11 -15.87
C VAL C 59 36.33 26.54 -16.15
N ASP C 60 37.34 27.17 -15.53
CA ASP C 60 38.67 26.59 -15.61
C ASP C 60 38.77 25.46 -14.60
N PRO C 61 38.90 24.20 -15.04
CA PRO C 61 39.03 23.11 -14.07
C PRO C 61 40.25 23.25 -13.19
N ALA C 62 41.20 24.12 -13.56
CA ALA C 62 42.42 24.30 -12.77
C ALA C 62 42.14 25.00 -11.46
N GLN C 63 41.58 26.20 -11.53
CA GLN C 63 41.40 27.02 -10.34
C GLN C 63 40.36 26.41 -9.41
N ALA C 64 40.67 26.42 -8.12
CA ALA C 64 39.73 25.88 -7.15
C ALA C 64 38.48 26.75 -7.06
N PRO C 65 37.31 26.14 -6.82
CA PRO C 65 36.08 26.92 -6.66
C PRO C 65 36.01 27.63 -5.31
N THR C 66 35.39 28.81 -5.32
CA THR C 66 35.34 29.64 -4.14
C THR C 66 34.18 29.25 -3.24
N PRO C 67 34.41 29.12 -1.94
CA PRO C 67 33.33 28.78 -1.01
C PRO C 67 32.23 29.83 -1.02
N LEU C 68 31.00 29.38 -1.27
CA LEU C 68 29.85 30.28 -1.31
C LEU C 68 29.42 30.63 0.11
N LEU C 69 29.09 31.90 0.33
CA LEU C 69 28.71 32.41 1.65
C LEU C 69 27.37 33.11 1.54
N PRO C 70 26.66 33.28 2.68
CA PRO C 70 26.89 32.67 4.00
C PRO C 70 26.56 31.19 3.93
N GLU C 71 27.11 30.35 4.82
CA GLU C 71 26.80 28.92 4.75
C GLU C 71 25.31 28.67 4.76
N ALA C 72 24.56 29.50 5.51
CA ALA C 72 23.12 29.34 5.68
C ALA C 72 22.36 29.30 4.36
N ARG C 73 22.87 29.96 3.33
CA ARG C 73 22.17 30.01 2.05
C ARG C 73 22.59 28.94 1.06
N ARG C 74 23.41 27.99 1.45
CA ARG C 74 23.85 27.03 0.43
C ARG C 74 22.78 26.06 -0.05
N PRO C 75 21.80 25.64 0.76
CA PRO C 75 20.75 24.74 0.23
C PRO C 75 19.82 25.37 -0.79
N GLN C 76 19.66 26.70 -0.77
CA GLN C 76 18.93 27.41 -1.81
C GLN C 76 19.82 27.96 -2.90
N ALA C 77 21.10 27.58 -2.92
CA ALA C 77 22.00 27.94 -4.01
C ALA C 77 22.22 26.80 -4.99
N ASP C 78 22.40 25.58 -4.50
CA ASP C 78 22.77 24.45 -5.34
C ASP C 78 22.52 23.17 -4.57
N ASP C 79 22.93 22.06 -5.16
CA ASP C 79 23.16 20.79 -4.49
C ASP C 79 24.22 20.98 -3.43
N PRO C 80 23.91 20.75 -2.14
CA PRO C 80 24.92 21.01 -1.10
C PRO C 80 26.21 20.22 -1.29
N PHE C 81 26.19 19.09 -1.98
CA PHE C 81 27.45 18.41 -2.26
C PHE C 81 28.33 19.26 -3.17
N LEU C 82 27.78 19.78 -4.27
CA LEU C 82 28.60 20.50 -5.22
C LEU C 82 29.35 21.66 -4.57
N LEU C 83 28.74 22.26 -3.56
CA LEU C 83 29.34 23.44 -2.95
C LEU C 83 30.40 23.05 -1.92
N GLU C 84 30.11 22.06 -1.06
CA GLU C 84 31.09 21.57 -0.07
C GLU C 84 32.31 20.94 -0.70
N ALA C 85 32.21 20.43 -1.93
CA ALA C 85 33.33 19.74 -2.52
C ALA C 85 34.42 20.73 -2.96
N GLY C 86 35.65 20.22 -3.00
CA GLY C 86 36.81 20.95 -3.45
C GLY C 86 37.21 20.64 -4.87
N ALA C 87 36.45 19.83 -5.59
CA ALA C 87 36.64 19.63 -7.01
C ALA C 87 35.46 20.24 -7.76
N TRP C 88 35.49 20.12 -9.09
CA TRP C 88 34.45 20.71 -9.92
C TRP C 88 33.41 19.65 -10.24
N TRP C 89 32.34 19.62 -9.46
CA TRP C 89 31.25 18.68 -9.66
C TRP C 89 30.05 19.41 -10.27
N GLY C 90 29.35 18.73 -11.18
CA GLY C 90 28.16 19.26 -11.79
C GLY C 90 27.00 18.29 -11.62
N SER C 91 25.80 18.79 -11.94
CA SER C 91 24.58 18.01 -11.77
C SER C 91 24.16 17.41 -13.10
N GLY C 92 24.29 16.10 -13.21
CA GLY C 92 23.71 15.34 -14.31
C GLY C 92 24.46 15.31 -15.61
N VAL C 93 24.98 16.47 -16.04
CA VAL C 93 25.73 16.57 -17.29
C VAL C 93 27.01 17.36 -17.05
N GLY C 94 28.09 16.90 -17.66
CA GLY C 94 29.30 17.67 -17.74
C GLY C 94 29.84 17.69 -19.16
N ALA C 95 30.78 18.59 -19.40
CA ALA C 95 31.46 18.63 -20.69
C ALA C 95 32.85 19.21 -20.52
N LEU C 96 33.74 18.79 -21.40
CA LEU C 96 35.07 19.36 -21.53
C LEU C 96 35.19 19.88 -22.94
N ARG C 97 35.82 21.04 -23.11
CA ARG C 97 36.00 21.62 -24.44
C ARG C 97 37.47 21.62 -24.79
N GLY C 98 37.80 21.09 -25.97
CA GLY C 98 39.15 21.04 -26.46
C GLY C 98 39.46 22.33 -27.20
N PRO C 99 40.79 22.64 -27.38
CA PRO C 99 41.15 23.94 -28.00
C PRO C 99 40.48 24.20 -29.36
N ASP C 100 39.97 23.15 -30.02
CA ASP C 100 39.34 23.24 -31.33
C ASP C 100 37.90 23.75 -31.29
N GLY C 101 37.39 24.24 -30.15
CA GLY C 101 36.00 24.65 -30.06
C GLY C 101 34.98 23.51 -29.91
N ARG C 102 35.39 22.26 -30.06
CA ARG C 102 34.48 21.14 -29.87
C ARG C 102 34.38 20.79 -28.37
N ALA C 103 33.43 19.92 -28.04
CA ALA C 103 33.15 19.60 -26.64
C ALA C 103 32.87 18.11 -26.48
N LEU C 104 33.43 17.52 -25.43
CA LEU C 104 33.14 16.15 -25.05
C LEU C 104 32.10 16.18 -23.93
N LEU C 105 30.91 15.67 -24.21
CA LEU C 105 29.78 15.72 -23.30
C LEU C 105 29.53 14.36 -22.66
N LEU C 106 29.22 14.38 -21.36
CA LEU C 106 28.77 13.19 -20.64
C LEU C 106 27.56 13.58 -19.83
N GLY C 107 26.44 12.93 -20.08
CA GLY C 107 25.17 13.33 -19.50
C GLY C 107 24.34 12.15 -19.08
N ALA C 108 23.77 12.24 -17.90
CA ALA C 108 22.92 11.18 -17.38
C ALA C 108 21.64 11.09 -18.18
N LEU C 109 21.16 9.87 -18.35
CA LEU C 109 19.80 9.59 -18.78
C LEU C 109 18.89 9.18 -17.63
N ASP C 110 19.33 9.33 -16.38
CA ASP C 110 18.62 8.84 -15.21
C ASP C 110 18.76 9.82 -14.06
N LEU C 111 18.05 9.54 -12.96
CA LEU C 111 18.03 10.45 -11.82
C LEU C 111 19.31 10.37 -10.98
N GLY C 112 19.56 11.45 -10.25
CA GLY C 112 20.53 11.44 -9.17
C GLY C 112 21.95 11.19 -9.61
N ALA C 113 22.37 11.84 -10.70
CA ALA C 113 23.74 11.74 -11.15
C ALA C 113 24.49 13.04 -10.91
N ARG C 114 25.79 12.92 -10.70
CA ARG C 114 26.70 14.04 -10.76
C ARG C 114 27.84 13.73 -11.72
N VAL C 115 28.43 14.78 -12.30
CA VAL C 115 29.58 14.67 -13.20
C VAL C 115 30.74 15.50 -12.66
N LEU C 116 31.94 14.90 -12.63
CA LEU C 116 33.17 15.52 -12.15
C LEU C 116 34.09 15.87 -13.31
N GLY C 117 34.60 17.09 -13.31
CA GLY C 117 35.50 17.53 -14.36
C GLY C 117 36.91 17.82 -13.91
N ARG C 118 37.88 17.08 -14.45
CA ARG C 118 39.28 17.43 -14.39
C ARG C 118 39.74 17.85 -15.78
N GLU C 119 40.94 18.40 -15.88
CA GLU C 119 41.52 18.63 -17.22
C GLU C 119 41.77 17.33 -17.96
N ASP C 120 41.73 16.19 -17.28
CA ASP C 120 42.05 14.92 -17.92
C ASP C 120 40.94 13.87 -17.85
N LEU C 121 39.80 14.16 -17.22
CA LEU C 121 38.71 13.18 -17.32
C LEU C 121 37.38 13.80 -16.94
N LEU C 122 36.32 13.13 -17.39
CA LEU C 122 34.95 13.40 -17.02
C LEU C 122 34.45 12.19 -16.25
N LEU C 123 34.13 12.37 -14.98
CA LEU C 123 33.71 11.27 -14.12
C LEU C 123 32.24 11.44 -13.79
N GLY C 124 31.42 10.47 -14.20
CA GLY C 124 30.01 10.45 -13.88
C GLY C 124 29.74 9.45 -12.77
N ARG C 125 28.83 9.82 -11.87
CA ARG C 125 28.55 8.94 -10.74
C ARG C 125 27.11 9.10 -10.31
N TYR C 126 26.40 7.98 -10.24
CA TYR C 126 25.05 7.97 -9.73
C TYR C 126 25.07 7.86 -8.21
N ALA C 127 24.30 8.72 -7.55
CA ALA C 127 24.19 8.67 -6.11
C ALA C 127 23.47 7.40 -5.66
N GLY C 128 22.35 7.09 -6.31
CA GLY C 128 21.61 5.90 -5.98
C GLY C 128 21.78 4.82 -7.01
N LYS C 129 20.66 4.43 -7.63
CA LYS C 129 20.70 3.33 -8.59
C LYS C 129 21.46 3.77 -9.83
N GLY C 130 22.45 2.95 -10.22
CA GLY C 130 23.20 3.18 -11.45
C GLY C 130 22.28 3.34 -12.65
N GLY C 131 22.74 4.01 -13.68
CA GLY C 131 21.88 4.25 -14.81
C GLY C 131 22.67 4.37 -16.08
N ALA C 132 22.04 4.92 -17.11
CA ALA C 132 22.64 5.08 -18.42
C ALA C 132 23.25 6.46 -18.55
N TRP C 133 24.15 6.60 -19.53
CA TRP C 133 24.82 7.85 -19.82
C TRP C 133 24.77 8.06 -21.32
N PHE C 134 24.94 9.31 -21.73
CA PHE C 134 25.09 9.64 -23.14
C PHE C 134 26.43 10.35 -23.30
N LEU C 135 27.27 9.83 -24.19
CA LEU C 135 28.61 10.34 -24.45
C LEU C 135 28.65 10.80 -25.89
N ALA C 136 29.04 12.04 -26.11
CA ALA C 136 29.13 12.55 -27.47
C ALA C 136 30.39 13.40 -27.60
N TYR C 137 30.89 13.51 -28.83
CA TYR C 137 31.99 14.41 -29.13
C TYR C 137 31.71 15.08 -30.47
N GLY C 138 31.78 16.40 -30.49
CA GLY C 138 31.51 17.16 -31.67
C GLY C 138 31.42 18.64 -31.36
N PRO C 139 30.86 19.42 -32.29
CA PRO C 139 30.62 20.84 -32.04
C PRO C 139 29.82 21.06 -30.77
N GLU C 140 30.04 22.23 -30.15
CA GLU C 140 29.50 22.44 -28.81
C GLU C 140 27.98 22.45 -28.78
N GLU C 141 27.33 23.13 -29.73
CA GLU C 141 25.86 23.18 -29.76
C GLU C 141 25.27 21.86 -30.23
N GLU C 142 26.01 21.09 -31.04
CA GLU C 142 25.51 19.81 -31.52
C GLU C 142 25.33 18.83 -30.37
N VAL C 143 26.38 18.63 -29.56
CA VAL C 143 26.32 17.56 -28.57
C VAL C 143 25.18 17.79 -27.60
N PHE C 144 24.92 19.05 -27.25
CA PHE C 144 23.88 19.35 -26.28
C PHE C 144 22.49 19.11 -26.87
N ALA C 145 22.27 19.42 -28.15
CA ALA C 145 20.97 19.10 -28.73
C ALA C 145 20.77 17.60 -28.80
N ALA C 146 21.82 16.86 -29.16
CA ALA C 146 21.74 15.40 -29.19
C ALA C 146 21.35 14.86 -27.84
N TYR C 147 21.94 15.41 -26.77
CA TYR C 147 21.60 14.97 -25.43
C TYR C 147 20.17 15.32 -25.08
N ALA C 148 19.74 16.55 -25.38
CA ALA C 148 18.37 16.95 -25.09
C ALA C 148 17.36 16.01 -25.72
N ARG C 149 17.68 15.51 -26.93
CA ARG C 149 16.75 14.60 -27.58
C ARG C 149 16.54 13.33 -26.77
N LEU C 150 17.55 12.88 -26.06
CA LEU C 150 17.42 11.66 -25.28
C LEU C 150 16.79 11.87 -23.89
N LEU C 151 16.27 13.04 -23.58
CA LEU C 151 15.70 13.32 -22.28
C LEU C 151 14.19 13.44 -22.41
N PRO C 152 13.46 13.48 -21.29
CA PRO C 152 12.02 13.72 -21.35
C PRO C 152 11.69 15.07 -21.97
N ARG C 153 10.51 15.16 -22.56
CA ARG C 153 10.02 16.41 -23.12
C ARG C 153 8.56 16.59 -22.70
N ARG C 154 8.13 17.85 -22.61
CA ARG C 154 6.71 18.17 -22.48
C ARG C 154 6.47 19.56 -23.02
N LEU C 155 6.36 19.70 -24.34
CA LEU C 155 6.09 21.00 -24.95
C LEU C 155 4.57 21.14 -25.08
N SER C 156 4.01 22.11 -24.38
CA SER C 156 2.56 22.36 -24.45
C SER C 156 2.32 23.62 -25.28
N GLY C 157 2.54 23.49 -26.59
CA GLY C 157 2.25 24.57 -27.51
C GLY C 157 3.20 25.75 -27.41
N ARG C 158 2.65 26.98 -27.55
CA ARG C 158 3.42 28.19 -27.34
C ARG C 158 3.45 28.52 -25.85
N PRO C 159 4.57 29.02 -25.34
CA PRO C 159 4.61 29.45 -23.95
C PRO C 159 3.82 30.73 -23.77
N PRO C 160 3.07 30.85 -22.69
CA PRO C 160 2.06 31.93 -22.58
C PRO C 160 2.71 33.30 -22.43
N ARG C 161 1.89 34.34 -22.41
CA ARG C 161 2.35 35.70 -22.18
C ARG C 161 1.83 36.11 -20.81
N VAL C 162 2.74 36.30 -19.87
CA VAL C 162 2.41 36.34 -18.45
C VAL C 162 2.63 37.74 -17.89
N TRP C 163 1.74 38.15 -16.99
CA TRP C 163 2.00 39.29 -16.14
C TRP C 163 2.22 38.76 -14.73
N CYS C 164 3.45 38.88 -14.25
CA CYS C 164 3.86 38.38 -12.95
C CYS C 164 3.93 39.57 -12.01
N SER C 165 3.30 39.46 -10.82
CA SER C 165 3.24 40.55 -9.84
C SER C 165 4.55 40.77 -9.07
N TRP C 166 5.54 39.88 -9.23
CA TRP C 166 6.65 39.85 -8.30
C TRP C 166 7.62 40.99 -8.52
N TYR C 167 8.14 41.13 -9.74
CA TYR C 167 9.28 42.00 -9.97
C TYR C 167 8.92 43.47 -10.04
N SER C 168 7.80 43.85 -9.43
CA SER C 168 7.43 45.24 -9.26
C SER C 168 6.96 45.53 -7.82
N PHE C 169 6.01 44.74 -7.30
CA PHE C 169 5.47 44.96 -5.96
C PHE C 169 6.10 44.07 -4.90
N TYR C 170 6.66 42.93 -5.29
CA TYR C 170 7.31 41.98 -4.38
C TYR C 170 6.22 41.47 -3.43
N THR C 171 6.45 41.43 -2.13
CA THR C 171 5.44 40.94 -1.19
C THR C 171 4.44 42.01 -0.82
N ARG C 172 4.53 43.19 -1.44
CA ARG C 172 3.63 44.31 -1.15
C ARG C 172 2.38 44.25 -2.01
N ILE C 173 1.87 43.05 -2.31
CA ILE C 173 0.65 42.92 -3.10
C ILE C 173 -0.56 42.85 -2.18
N GLY C 174 -1.71 43.20 -2.74
CA GLY C 174 -2.97 43.11 -2.03
C GLY C 174 -4.11 43.15 -3.01
N GLU C 175 -5.27 42.66 -2.55
CA GLU C 175 -6.41 42.48 -3.45
C GLU C 175 -6.77 43.79 -4.15
N ASP C 176 -6.84 44.89 -3.40
CA ASP C 176 -7.28 46.14 -4.02
C ASP C 176 -6.24 46.69 -4.99
N LEU C 177 -4.96 46.55 -4.65
CA LEU C 177 -3.91 47.00 -5.56
C LEU C 177 -3.91 46.21 -6.86
N LEU C 178 -4.03 44.89 -6.76
CA LEU C 178 -3.93 44.09 -7.97
C LEU C 178 -5.17 44.22 -8.83
N LEU C 179 -6.33 44.49 -8.21
CA LEU C 179 -7.52 44.66 -9.01
C LEU C 179 -7.37 45.85 -9.94
N ARG C 180 -6.74 46.93 -9.47
CA ARG C 180 -6.58 48.11 -10.30
C ARG C 180 -5.50 47.90 -11.36
N VAL C 181 -4.39 47.25 -10.99
CA VAL C 181 -3.41 46.89 -12.01
C VAL C 181 -4.03 45.99 -13.06
N LEU C 182 -4.89 45.05 -12.65
CA LEU C 182 -5.57 44.17 -13.59
C LEU C 182 -6.25 44.97 -14.70
N ASP C 183 -6.98 46.01 -14.29
CA ASP C 183 -7.71 46.87 -15.23
C ASP C 183 -6.83 47.31 -16.39
N GLU C 184 -5.63 47.84 -16.08
CA GLU C 184 -4.74 48.31 -17.13
C GLU C 184 -4.00 47.18 -17.84
N VAL C 185 -3.64 46.11 -17.13
CA VAL C 185 -2.89 45.07 -17.82
C VAL C 185 -3.75 44.44 -18.90
N ALA C 186 -5.08 44.51 -18.75
CA ALA C 186 -5.97 43.81 -19.67
C ALA C 186 -6.03 44.45 -21.05
N ALA C 187 -5.48 45.66 -21.22
CA ALA C 187 -5.37 46.26 -22.54
C ALA C 187 -4.26 45.65 -23.38
N PHE C 188 -3.24 45.06 -22.75
CA PHE C 188 -2.14 44.53 -23.54
C PHE C 188 -2.42 43.07 -23.90
N SER C 189 -1.67 42.57 -24.88
CA SER C 189 -1.83 41.19 -25.31
C SER C 189 -1.30 40.15 -24.32
N PHE C 190 -1.71 40.23 -23.06
CA PHE C 190 -1.32 39.20 -22.11
C PHE C 190 -2.28 38.02 -22.18
N GLU C 191 -1.81 36.88 -21.65
CA GLU C 191 -2.62 35.68 -21.55
C GLU C 191 -2.79 35.20 -20.12
N VAL C 192 -1.91 35.58 -19.21
CA VAL C 192 -1.96 35.11 -17.83
C VAL C 192 -1.71 36.29 -16.91
N PHE C 193 -2.55 36.44 -15.89
CA PHE C 193 -2.37 37.44 -14.83
C PHE C 193 -1.93 36.70 -13.57
N GLN C 194 -0.62 36.54 -13.39
CA GLN C 194 -0.08 35.69 -12.33
C GLN C 194 0.19 36.51 -11.07
N ILE C 195 -0.35 36.04 -9.94
CA ILE C 195 -0.09 36.58 -8.61
C ILE C 195 1.07 35.82 -8.00
N ASP C 196 2.07 36.55 -7.53
CA ASP C 196 3.24 35.91 -7.00
C ASP C 196 3.17 35.85 -5.48
N ASP C 197 4.33 35.80 -4.82
CA ASP C 197 4.44 35.83 -3.37
C ASP C 197 3.73 37.05 -2.81
N GLY C 198 3.17 36.89 -1.62
CA GLY C 198 2.54 37.98 -0.89
C GLY C 198 1.08 37.75 -0.55
N TRP C 199 0.41 36.83 -1.23
CA TRP C 199 -1.01 36.61 -1.05
C TRP C 199 -1.36 35.66 0.07
N GLN C 200 -0.39 35.00 0.68
CA GLN C 200 -0.67 33.92 1.62
C GLN C 200 -0.45 34.40 3.06
N ARG C 201 -0.95 33.61 4.00
CA ARG C 201 -0.74 33.94 5.40
C ARG C 201 0.65 33.55 5.87
N ALA C 202 1.08 32.33 5.52
CA ALA C 202 2.41 31.89 5.88
C ALA C 202 2.75 30.68 5.03
N LEU C 203 4.05 30.33 5.01
CA LEU C 203 4.47 29.11 4.34
C LEU C 203 3.76 27.91 4.97
N GLY C 204 3.15 27.08 4.13
CA GLY C 204 2.32 26.02 4.67
C GLY C 204 1.02 26.47 5.32
N ASP C 205 0.63 27.75 5.12
CA ASP C 205 -0.71 28.27 5.38
C ASP C 205 -1.18 28.98 4.11
N TRP C 206 -1.54 28.20 3.10
CA TRP C 206 -1.78 28.75 1.76
C TRP C 206 -3.25 29.11 1.61
N GLU C 207 -3.60 30.23 2.23
CA GLU C 207 -4.93 30.78 2.41
C GLU C 207 -4.75 32.28 2.42
N PRO C 208 -5.71 33.04 1.86
CA PRO C 208 -5.49 34.49 1.71
C PRO C 208 -5.30 35.19 3.05
N ASN C 209 -4.46 36.20 3.04
CA ASN C 209 -4.23 36.96 4.27
C ASN C 209 -5.20 38.14 4.29
N ASP C 210 -5.06 38.99 5.31
CA ASP C 210 -5.97 40.12 5.50
C ASP C 210 -5.88 41.14 4.36
N ARG C 211 -4.92 41.03 3.47
CA ARG C 211 -4.88 41.92 2.33
C ARG C 211 -5.67 41.38 1.13
N PHE C 212 -6.31 40.22 1.27
CA PHE C 212 -7.20 39.68 0.24
C PHE C 212 -8.51 39.27 0.90
N PRO C 213 -9.33 40.25 1.31
CA PRO C 213 -10.51 39.93 2.11
C PRO C 213 -11.56 39.10 1.40
N ARG C 214 -11.68 39.18 0.09
CA ARG C 214 -12.74 38.45 -0.61
C ARG C 214 -12.32 37.08 -1.10
N GLY C 215 -11.12 36.61 -0.76
CA GLY C 215 -10.71 35.25 -1.07
C GLY C 215 -10.15 35.11 -2.48
N MET C 216 -9.25 34.14 -2.63
CA MET C 216 -8.47 34.03 -3.85
C MET C 216 -9.31 33.64 -5.06
N ALA C 217 -10.50 33.08 -4.85
CA ALA C 217 -11.33 32.71 -5.98
C ALA C 217 -12.01 33.92 -6.62
N PHE C 218 -12.29 34.95 -5.81
CA PHE C 218 -12.83 36.20 -6.33
C PHE C 218 -11.88 36.82 -7.34
N LEU C 219 -10.66 37.15 -6.89
CA LEU C 219 -9.61 37.64 -7.78
C LEU C 219 -9.49 36.82 -9.06
N ALA C 220 -9.55 35.50 -8.97
CA ALA C 220 -9.40 34.70 -10.17
C ALA C 220 -10.54 34.93 -11.14
N GLU C 221 -11.76 35.19 -10.63
CA GLU C 221 -12.91 35.38 -11.51
C GLU C 221 -12.86 36.73 -12.20
N ARG C 222 -12.55 37.78 -11.45
CA ARG C 222 -12.28 39.09 -12.04
C ARG C 222 -11.18 39.02 -13.10
N ILE C 223 -10.13 38.21 -12.86
CA ILE C 223 -9.07 38.04 -13.86
C ILE C 223 -9.60 37.41 -15.15
N ARG C 224 -10.45 36.38 -15.05
CA ARG C 224 -10.96 35.82 -16.30
C ARG C 224 -12.14 36.60 -16.86
N GLU C 225 -12.88 37.32 -16.00
CA GLU C 225 -13.85 38.29 -16.50
C GLU C 225 -13.23 39.23 -17.52
N ARG C 226 -11.92 39.50 -17.40
CA ARG C 226 -11.16 40.39 -18.29
C ARG C 226 -10.44 39.64 -19.41
N GLY C 227 -10.84 38.40 -19.69
CA GLY C 227 -10.24 37.63 -20.78
C GLY C 227 -8.88 37.04 -20.52
N LEU C 228 -8.52 36.79 -19.26
CA LEU C 228 -7.18 36.34 -18.88
C LEU C 228 -7.24 35.09 -18.01
N ARG C 229 -6.29 34.17 -18.22
CA ARG C 229 -6.09 33.06 -17.31
C ARG C 229 -5.42 33.55 -16.03
N ALA C 230 -5.76 32.90 -14.90
CA ALA C 230 -5.32 33.33 -13.57
C ALA C 230 -4.17 32.45 -13.04
N GLY C 231 -3.12 33.09 -12.53
CA GLY C 231 -1.92 32.40 -12.07
C GLY C 231 -1.66 32.64 -10.59
N LEU C 232 -1.27 31.58 -9.87
CA LEU C 232 -0.99 31.66 -8.45
C LEU C 232 0.36 30.99 -8.18
N TRP C 233 1.00 31.42 -7.09
CA TRP C 233 2.35 31.05 -6.72
C TRP C 233 2.38 30.28 -5.40
N PHE C 234 3.18 29.21 -5.35
CA PHE C 234 3.23 28.30 -4.21
C PHE C 234 4.68 27.85 -4.01
N ALA C 235 5.06 27.66 -2.73
CA ALA C 235 6.29 26.94 -2.37
C ALA C 235 5.90 25.73 -1.52
N PRO C 236 5.32 24.70 -2.15
CA PRO C 236 4.55 23.70 -1.37
C PRO C 236 5.35 23.07 -0.25
N PHE C 237 6.53 22.54 -0.57
CA PHE C 237 7.36 21.82 0.37
C PHE C 237 8.28 22.73 1.22
N LEU C 238 7.93 23.99 1.39
CA LEU C 238 8.77 24.91 2.15
C LEU C 238 8.00 25.36 3.37
N VAL C 239 8.70 25.55 4.49
CA VAL C 239 8.06 25.81 5.76
C VAL C 239 9.07 26.50 6.67
N THR C 240 8.60 27.19 7.71
CA THR C 240 9.52 27.78 8.67
C THR C 240 9.17 27.40 10.11
N ALA C 241 10.13 27.67 11.01
CA ALA C 241 9.93 27.32 12.41
C ALA C 241 8.66 27.94 12.98
N ASP C 242 8.34 29.16 12.56
CA ASP C 242 7.15 29.86 13.04
C ASP C 242 5.91 29.54 12.23
N SER C 243 5.97 28.65 11.25
CA SER C 243 4.76 28.26 10.53
C SER C 243 3.85 27.48 11.46
N PRO C 244 2.54 27.72 11.41
CA PRO C 244 1.64 26.83 12.16
C PRO C 244 1.86 25.38 11.78
N LEU C 245 1.91 25.09 10.47
CA LEU C 245 2.08 23.72 10.00
C LEU C 245 3.32 23.04 10.58
N PHE C 246 4.38 23.79 10.85
CA PHE C 246 5.61 23.20 11.38
C PHE C 246 5.43 22.63 12.78
N GLN C 247 4.69 23.34 13.63
CA GLN C 247 4.43 22.87 14.98
C GLN C 247 3.31 21.84 15.03
N LYS C 248 2.31 21.98 14.17
CA LYS C 248 1.16 21.07 14.23
C LYS C 248 1.51 19.67 13.73
N ARG C 249 2.36 19.55 12.70
CA ARG C 249 2.74 18.26 12.11
C ARG C 249 4.25 18.11 12.06
N PRO C 250 4.90 17.91 13.22
CA PRO C 250 6.36 17.71 13.19
C PRO C 250 6.80 16.45 12.47
N ASP C 251 5.91 15.49 12.24
CA ASP C 251 6.25 14.30 11.45
C ASP C 251 6.28 14.55 9.95
N TRP C 252 5.86 15.75 9.52
CA TRP C 252 5.90 16.14 8.13
C TRP C 252 7.18 16.87 7.76
N VAL C 253 8.01 17.22 8.73
CA VAL C 253 9.25 17.91 8.46
C VAL C 253 10.30 16.90 8.04
N LEU C 254 11.05 17.23 6.99
CA LEU C 254 12.17 16.40 6.56
C LEU C 254 13.31 16.48 7.57
N ARG C 255 13.68 15.34 8.15
CA ARG C 255 14.70 15.22 9.20
C ARG C 255 15.85 14.32 8.74
N ASP C 256 17.05 14.59 9.25
CA ASP C 256 18.24 13.83 8.83
C ASP C 256 18.29 12.53 9.64
N GLY C 257 19.38 11.77 9.51
CA GLY C 257 19.48 10.47 10.13
C GLY C 257 19.44 10.44 11.65
N GLU C 258 19.45 11.63 12.28
CA GLU C 258 19.50 11.78 13.73
C GLU C 258 18.37 12.65 14.23
N GLY C 259 17.27 12.71 13.48
CA GLY C 259 16.03 13.35 13.90
C GLY C 259 15.94 14.85 13.79
N ARG C 260 16.96 15.55 13.14
CA ARG C 260 17.08 17.01 13.08
C ARG C 260 16.56 17.54 11.76
N PRO C 261 15.76 18.61 11.74
CA PRO C 261 15.26 19.14 10.48
C PRO C 261 16.39 19.47 9.51
N VAL C 262 16.27 18.95 8.29
CA VAL C 262 17.21 19.30 7.22
C VAL C 262 17.05 20.77 6.87
N ARG C 263 18.16 21.51 6.87
CA ARG C 263 18.12 22.93 6.58
C ARG C 263 17.93 23.19 5.09
N ALA C 264 17.04 24.12 4.76
CA ALA C 264 16.61 24.34 3.39
C ALA C 264 16.86 25.78 2.94
N GLY C 265 17.80 26.46 3.56
CA GLY C 265 18.12 27.82 3.19
C GLY C 265 17.76 28.84 4.25
N PHE C 266 17.70 30.09 3.81
CA PHE C 266 17.46 31.20 4.73
C PHE C 266 16.89 32.33 3.87
N ASN C 267 15.61 32.62 4.03
CA ASN C 267 14.97 33.63 3.21
C ASN C 267 13.90 34.27 4.08
N TRP C 268 13.45 35.45 3.68
CA TRP C 268 12.51 36.23 4.50
C TRP C 268 13.03 36.42 5.92
N GLY C 269 14.35 36.48 6.07
CA GLY C 269 14.94 36.74 7.38
C GLY C 269 14.86 35.62 8.39
N ARG C 270 14.51 34.40 7.98
CA ARG C 270 14.34 33.30 8.92
C ARG C 270 14.76 31.96 8.32
N PRO C 271 15.39 31.08 9.09
CA PRO C 271 15.81 29.79 8.54
C PRO C 271 14.65 29.00 7.96
N LEU C 272 14.94 28.28 6.87
CA LEU C 272 13.97 27.53 6.10
C LEU C 272 14.18 26.04 6.27
N TYR C 273 13.07 25.30 6.33
CA TYR C 273 13.05 23.84 6.50
C TYR C 273 12.15 23.26 5.42
N ALA C 274 12.28 21.96 5.18
CA ALA C 274 11.53 21.36 4.09
C ALA C 274 10.47 20.39 4.62
N LEU C 275 9.49 20.08 3.78
CA LEU C 275 8.53 19.03 4.09
C LEU C 275 8.97 17.77 3.35
N ASP C 276 8.71 16.63 3.98
CA ASP C 276 9.25 15.35 3.54
C ASP C 276 8.47 14.87 2.32
N ALA C 277 8.97 15.18 1.11
CA ALA C 277 8.35 14.74 -0.14
C ALA C 277 8.36 13.15 -0.32
N GLY C 278 8.78 12.35 0.67
CA GLY C 278 8.64 10.91 0.62
C GLY C 278 7.71 10.40 1.71
N ASN C 279 6.76 11.26 2.06
CA ASN C 279 5.67 10.95 2.97
C ASN C 279 4.38 11.18 2.19
N GLU C 280 3.61 10.11 1.94
CA GLU C 280 2.41 10.32 1.11
C GLU C 280 1.55 11.42 1.68
N GLU C 281 1.48 11.50 3.02
CA GLU C 281 0.64 12.51 3.64
C GLU C 281 1.06 13.90 3.22
N VAL C 282 2.36 14.14 3.08
CA VAL C 282 2.82 15.44 2.60
C VAL C 282 2.48 15.60 1.13
N VAL C 283 2.88 14.63 0.30
CA VAL C 283 2.64 14.77 -1.14
C VAL C 283 1.16 14.92 -1.41
N GLU C 284 0.29 14.41 -0.53
CA GLU C 284 -1.15 14.59 -0.74
C GLU C 284 -1.60 15.97 -0.30
N TRP C 285 -1.10 16.44 0.85
CA TRP C 285 -1.31 17.83 1.24
C TRP C 285 -0.87 18.78 0.14
N ALA C 286 0.21 18.43 -0.57
CA ALA C 286 0.71 19.26 -1.65
C ALA C 286 -0.23 19.22 -2.85
N ALA C 287 -0.57 18.00 -3.31
CA ALA C 287 -1.52 17.88 -4.42
C ALA C 287 -2.88 18.50 -4.11
N ASP C 288 -3.25 18.63 -2.84
CA ASP C 288 -4.48 19.33 -2.50
C ASP C 288 -4.32 20.84 -2.56
N LEU C 289 -3.08 21.35 -2.53
CA LEU C 289 -2.88 22.77 -2.82
C LEU C 289 -3.07 23.05 -4.31
N VAL C 290 -2.63 22.11 -5.16
CA VAL C 290 -2.93 22.21 -6.57
C VAL C 290 -4.43 22.15 -6.79
N ARG C 291 -5.09 21.12 -6.22
CA ARG C 291 -6.54 21.00 -6.37
C ARG C 291 -7.24 22.26 -5.86
N LYS C 292 -6.84 22.76 -4.67
CA LYS C 292 -7.47 23.95 -4.11
C LYS C 292 -7.32 25.15 -5.03
N ALA C 293 -6.13 25.32 -5.64
CA ALA C 293 -5.92 26.45 -6.55
C ALA C 293 -6.77 26.31 -7.82
N LEU C 294 -6.80 25.11 -8.42
CA LEU C 294 -7.61 24.88 -9.61
C LEU C 294 -9.08 25.12 -9.31
N ALA C 295 -9.55 24.63 -8.15
CA ALA C 295 -10.90 24.92 -7.70
C ALA C 295 -11.15 26.42 -7.63
N TRP C 296 -10.14 27.19 -7.23
CA TRP C 296 -10.24 28.63 -7.09
C TRP C 296 -10.31 29.37 -8.43
N GLY C 297 -10.00 28.71 -9.55
CA GLY C 297 -10.07 29.36 -10.84
C GLY C 297 -8.74 29.58 -11.54
N TYR C 298 -7.63 29.16 -10.94
CA TYR C 298 -6.30 29.32 -11.51
C TYR C 298 -5.92 28.07 -12.30
N ASP C 299 -5.44 28.25 -13.52
CA ASP C 299 -4.91 27.15 -14.32
C ASP C 299 -3.49 27.38 -14.82
N TYR C 300 -2.82 28.39 -14.28
CA TYR C 300 -1.38 28.59 -14.41
C TYR C 300 -0.88 28.63 -12.97
N LEU C 301 0.09 27.78 -12.64
CA LEU C 301 0.61 27.72 -11.27
C LEU C 301 2.13 27.80 -11.30
N LYS C 302 2.70 28.69 -10.49
CA LYS C 302 4.16 28.84 -10.37
C LYS C 302 4.59 28.15 -9.08
N LEU C 303 5.16 26.96 -9.23
CA LEU C 303 5.57 26.16 -8.10
C LEU C 303 7.04 26.43 -7.81
N ASP C 304 7.32 26.91 -6.60
CA ASP C 304 8.62 27.49 -6.27
C ASP C 304 9.35 26.76 -5.16
N PHE C 305 10.67 27.03 -5.10
CA PHE C 305 11.57 26.39 -4.14
C PHE C 305 11.45 24.89 -4.22
N LEU C 306 11.23 24.38 -5.43
CA LEU C 306 11.01 22.95 -5.57
C LEU C 306 12.26 22.12 -5.23
N TYR C 307 13.41 22.75 -4.97
CA TYR C 307 14.54 21.99 -4.46
C TYR C 307 14.24 21.42 -3.07
N ALA C 308 13.33 22.06 -2.31
CA ALA C 308 13.06 21.58 -0.97
C ALA C 308 12.65 20.13 -0.98
N ALA C 309 11.93 19.71 -2.02
CA ALA C 309 11.50 18.33 -2.12
C ALA C 309 12.59 17.39 -2.64
N ALA C 310 13.74 17.91 -3.01
CA ALA C 310 14.80 17.06 -3.52
C ALA C 310 16.04 17.13 -2.65
N LEU C 311 15.97 17.82 -1.51
CA LEU C 311 17.11 17.84 -0.61
C LEU C 311 17.42 16.41 -0.16
N PRO C 312 18.71 16.06 0.05
CA PRO C 312 19.89 16.93 0.08
C PRO C 312 20.66 17.03 -1.23
N GLY C 313 20.12 16.61 -2.37
CA GLY C 313 20.84 16.74 -3.63
C GLY C 313 20.41 15.65 -4.59
N ALA C 314 21.39 15.15 -5.36
CA ALA C 314 21.17 13.99 -6.25
C ALA C 314 20.34 12.91 -5.58
N GLU C 315 20.72 12.60 -4.34
CA GLU C 315 20.08 11.52 -3.58
C GLU C 315 18.58 11.73 -3.47
N GLY C 316 18.14 12.98 -3.33
CA GLY C 316 16.73 13.25 -3.19
C GLY C 316 15.94 13.30 -4.47
N GLU C 317 16.61 13.23 -5.63
CA GLU C 317 15.90 13.38 -6.89
C GLU C 317 14.92 12.24 -7.13
N ALA C 318 15.08 11.08 -6.47
CA ALA C 318 14.10 10.02 -6.64
C ALA C 318 12.78 10.33 -5.94
N ARG C 319 12.82 10.82 -4.68
CA ARG C 319 11.60 11.31 -4.05
C ARG C 319 10.97 12.41 -4.88
N TYR C 320 11.80 13.37 -5.31
CA TYR C 320 11.31 14.58 -5.97
C TYR C 320 10.46 14.26 -7.20
N ARG C 321 11.01 13.43 -8.09
CA ARG C 321 10.35 13.02 -9.33
C ARG C 321 9.02 12.34 -9.07
N LYS C 322 8.93 11.49 -8.04
CA LYS C 322 7.70 10.77 -7.72
C LYS C 322 6.67 11.66 -7.04
N ALA C 323 7.09 12.71 -6.34
CA ALA C 323 6.13 13.64 -5.76
C ALA C 323 5.64 14.63 -6.80
N MET C 324 6.55 15.12 -7.66
CA MET C 324 6.14 15.99 -8.75
C MET C 324 5.25 15.25 -9.73
N ALA C 325 5.45 13.94 -9.86
CA ALA C 325 4.51 13.14 -10.62
C ALA C 325 3.08 13.30 -10.08
N ARG C 326 2.90 13.27 -8.75
CA ARG C 326 1.55 13.38 -8.20
C ARG C 326 0.96 14.75 -8.50
N LEU C 327 1.72 15.81 -8.24
CA LEU C 327 1.18 17.14 -8.52
C LEU C 327 0.91 17.31 -10.00
N ARG C 328 1.68 16.64 -10.87
CA ARG C 328 1.43 16.72 -12.30
C ARG C 328 0.09 16.10 -12.65
N GLU C 329 -0.16 14.85 -12.22
CA GLU C 329 -1.47 14.22 -12.38
C GLU C 329 -2.57 15.15 -11.84
N ALA C 330 -2.34 15.68 -10.63
CA ALA C 330 -3.37 16.50 -9.97
C ALA C 330 -3.67 17.77 -10.74
N ALA C 331 -2.74 18.26 -11.55
CA ALA C 331 -2.95 19.49 -12.28
C ALA C 331 -3.75 19.29 -13.56
N GLY C 332 -3.89 18.07 -14.04
CA GLY C 332 -4.50 17.91 -15.34
C GLY C 332 -3.67 18.66 -16.35
N GLU C 333 -4.34 19.43 -17.21
CA GLU C 333 -3.68 20.13 -18.30
C GLU C 333 -3.22 21.55 -17.92
N ALA C 334 -3.39 21.97 -16.67
CA ALA C 334 -3.00 23.30 -16.20
C ALA C 334 -1.51 23.55 -16.41
N TYR C 335 -1.12 24.84 -16.47
CA TYR C 335 0.27 25.20 -16.73
C TYR C 335 1.05 25.26 -15.41
N LEU C 336 2.10 24.46 -15.32
CA LEU C 336 2.98 24.44 -14.15
C LEU C 336 4.33 25.03 -14.54
N LEU C 337 4.68 26.15 -13.93
CA LEU C 337 6.00 26.74 -14.05
C LEU C 337 6.81 26.31 -12.84
N PHE C 338 7.90 25.57 -13.08
CA PHE C 338 8.81 25.13 -12.01
C PHE C 338 9.86 26.20 -11.77
N CYS C 339 10.10 26.51 -10.51
CA CYS C 339 11.03 27.56 -10.13
C CYS C 339 11.86 27.06 -8.96
N GLY C 340 13.16 27.40 -8.96
CA GLY C 340 14.09 26.81 -8.01
C GLY C 340 14.02 25.30 -8.05
N ALA C 341 13.74 24.75 -9.20
CA ALA C 341 13.57 23.32 -9.28
C ALA C 341 14.86 22.65 -9.72
N PRO C 342 15.09 21.40 -9.33
CA PRO C 342 16.15 20.62 -9.98
C PRO C 342 15.90 20.60 -11.48
N VAL C 343 16.83 21.16 -12.23
CA VAL C 343 16.63 21.34 -13.65
C VAL C 343 16.35 20.02 -14.37
N LEU C 344 17.35 19.15 -14.52
CA LEU C 344 17.15 17.95 -15.34
C LEU C 344 16.02 17.09 -14.80
N ALA C 345 15.94 16.95 -13.46
CA ALA C 345 14.98 16.03 -12.85
C ALA C 345 13.52 16.44 -13.03
N SER C 346 13.24 17.66 -13.49
CA SER C 346 11.88 18.11 -13.72
C SER C 346 11.40 17.91 -15.14
N LEU C 347 12.27 17.50 -16.07
CA LEU C 347 11.90 17.44 -17.49
C LEU C 347 10.85 16.37 -17.74
N GLY C 348 9.78 16.75 -18.44
CA GLY C 348 8.65 15.91 -18.66
C GLY C 348 7.48 16.19 -17.73
N LEU C 349 7.75 16.72 -16.55
CA LEU C 349 6.68 17.11 -15.64
C LEU C 349 6.32 18.58 -15.75
N ALA C 350 7.30 19.47 -15.82
CA ALA C 350 7.03 20.90 -15.90
C ALA C 350 6.65 21.31 -17.32
N ASP C 351 5.82 22.35 -17.40
CA ASP C 351 5.47 23.00 -18.66
C ASP C 351 6.48 24.10 -19.00
N GLY C 352 6.73 24.98 -18.05
CA GLY C 352 7.80 25.96 -18.16
C GLY C 352 8.76 25.79 -16.99
N LEU C 353 10.04 26.00 -17.25
CA LEU C 353 11.10 25.75 -16.27
C LEU C 353 12.02 26.96 -16.18
N ARG C 354 12.07 27.60 -15.02
CA ARG C 354 13.01 28.68 -14.82
C ARG C 354 14.44 28.12 -14.82
N VAL C 355 15.36 28.76 -15.56
CA VAL C 355 16.69 28.20 -15.75
C VAL C 355 17.79 29.12 -15.23
N GLY C 356 17.47 30.30 -14.72
CA GLY C 356 18.46 31.15 -14.11
C GLY C 356 17.98 31.76 -12.82
N PRO C 357 18.85 32.50 -12.15
CA PRO C 357 18.41 33.30 -11.00
C PRO C 357 17.44 34.39 -11.42
N ASP C 358 16.85 35.03 -10.41
CA ASP C 358 15.96 36.16 -10.65
C ASP C 358 16.66 37.27 -11.44
N VAL C 359 15.97 37.79 -12.45
CA VAL C 359 16.34 39.13 -12.86
C VAL C 359 16.01 40.06 -11.70
N ALA C 360 16.62 41.21 -11.71
CA ALA C 360 16.39 42.15 -10.64
C ALA C 360 16.39 43.50 -11.32
N PRO C 361 16.11 44.59 -10.64
CA PRO C 361 16.18 45.88 -11.33
C PRO C 361 17.59 46.43 -11.33
N TYR C 362 18.60 45.57 -11.43
CA TYR C 362 19.99 46.00 -11.43
C TYR C 362 20.83 44.91 -12.08
N TRP C 363 22.03 45.30 -12.50
CA TRP C 363 22.91 44.37 -13.21
C TRP C 363 23.52 43.37 -12.25
N ASP C 364 24.11 43.85 -11.17
CA ASP C 364 24.83 42.93 -10.30
C ASP C 364 24.98 43.57 -8.94
N ASN C 365 24.60 42.84 -7.91
CA ASN C 365 24.92 43.21 -6.54
C ASN C 365 26.32 42.68 -6.26
N GLU C 366 27.33 43.56 -6.35
CA GLU C 366 28.72 43.13 -6.18
C GLU C 366 28.96 42.55 -4.79
N GLU C 367 28.21 43.01 -3.79
CA GLU C 367 28.42 42.48 -2.46
C GLU C 367 28.01 41.00 -2.37
N ARG C 368 26.94 40.61 -3.06
CA ARG C 368 26.56 39.22 -3.03
C ARG C 368 27.30 38.39 -4.08
N SER C 369 27.50 38.95 -5.28
CA SER C 369 28.10 38.14 -6.34
C SER C 369 29.58 37.94 -6.10
N PHE C 370 30.27 38.95 -5.58
CA PHE C 370 31.72 38.90 -5.43
C PHE C 370 32.16 38.63 -3.99
N TRP C 371 31.82 39.49 -3.03
CA TRP C 371 32.38 39.28 -1.69
C TRP C 371 31.88 37.99 -1.07
N LEU C 372 30.60 37.66 -1.26
CA LEU C 372 30.07 36.40 -0.76
C LEU C 372 30.22 35.23 -1.75
N ALA C 373 30.70 35.48 -2.98
CA ALA C 373 30.90 34.47 -4.00
C ALA C 373 29.64 33.63 -4.21
N ASP C 374 28.54 34.34 -4.51
CA ASP C 374 27.20 33.77 -4.64
C ASP C 374 26.61 34.22 -5.99
N PRO C 375 26.81 33.43 -7.03
CA PRO C 375 26.23 33.77 -8.34
C PRO C 375 24.79 33.33 -8.48
N THR C 376 24.12 32.96 -7.39
CA THR C 376 22.73 32.54 -7.49
C THR C 376 21.74 33.63 -7.04
N GLY C 377 22.24 34.82 -6.70
CA GLY C 377 21.38 35.90 -6.26
C GLY C 377 20.74 36.65 -7.41
N PRO C 378 19.65 37.36 -7.13
CA PRO C 378 19.02 38.20 -8.15
C PRO C 378 19.99 39.19 -8.77
N GLY C 379 19.83 39.39 -10.08
CA GLY C 379 20.69 40.26 -10.86
C GLY C 379 20.67 39.88 -12.31
N LEU C 380 20.57 40.85 -13.23
CA LEU C 380 20.42 40.50 -14.64
C LEU C 380 21.61 39.70 -15.19
N ARG C 381 22.84 40.05 -14.78
CA ARG C 381 23.99 39.29 -15.26
C ARG C 381 23.94 37.86 -14.76
N ASN C 382 23.67 37.66 -13.48
CA ASN C 382 23.57 36.29 -12.96
C ASN C 382 22.45 35.53 -13.65
N ALA C 383 21.32 36.19 -13.90
CA ALA C 383 20.25 35.55 -14.64
C ALA C 383 20.72 35.19 -16.04
N LEU C 384 21.40 36.11 -16.71
CA LEU C 384 21.79 35.84 -18.08
C LEU C 384 22.82 34.71 -18.18
N ARG C 385 23.70 34.58 -17.18
CA ARG C 385 24.80 33.65 -17.33
C ARG C 385 24.32 32.21 -17.35
N SER C 386 23.40 31.85 -16.45
CA SER C 386 22.94 30.47 -16.41
C SER C 386 21.97 30.19 -17.56
N THR C 387 21.09 31.15 -17.86
CA THR C 387 20.09 30.92 -18.90
C THR C 387 20.73 30.66 -20.26
N LEU C 388 21.86 31.31 -20.55
CA LEU C 388 22.53 31.06 -21.83
C LEU C 388 23.04 29.64 -21.91
N HIS C 389 23.49 29.09 -20.79
CA HIS C 389 24.02 27.74 -20.78
C HIS C 389 22.96 26.68 -20.54
N ARG C 390 21.67 27.05 -20.60
CA ARG C 390 20.59 26.07 -20.46
C ARG C 390 19.58 26.18 -21.60
N LEU C 391 19.95 26.84 -22.69
CA LEU C 391 19.01 27.02 -23.78
C LEU C 391 18.77 25.73 -24.54
N TRP C 392 19.67 24.74 -24.41
CA TRP C 392 19.48 23.45 -25.07
C TRP C 392 18.27 22.73 -24.52
N LEU C 393 17.74 23.15 -23.38
CA LEU C 393 16.54 22.56 -22.85
C LEU C 393 15.27 23.03 -23.56
N MET C 394 15.36 23.75 -24.68
CA MET C 394 14.14 24.16 -25.37
C MET C 394 13.46 23.00 -26.07
N GLU C 395 14.24 21.94 -26.38
CA GLU C 395 13.66 20.70 -26.92
C GLU C 395 12.72 20.03 -25.93
N ASN C 396 12.83 20.32 -24.64
CA ASN C 396 12.21 19.50 -23.60
C ASN C 396 11.21 20.23 -22.71
N VAL C 397 11.31 21.56 -22.58
CA VAL C 397 10.38 22.31 -21.74
C VAL C 397 10.36 23.72 -22.26
N HIS C 398 9.33 24.47 -21.90
CA HIS C 398 9.35 25.90 -22.16
C HIS C 398 10.37 26.54 -21.24
N VAL C 399 11.41 27.11 -21.82
CA VAL C 399 12.51 27.65 -21.04
C VAL C 399 12.20 29.09 -20.64
N ASP C 400 12.23 29.37 -19.34
CA ASP C 400 11.85 30.68 -18.84
C ASP C 400 13.07 31.44 -18.38
N PRO C 401 13.40 32.57 -18.99
CA PRO C 401 14.56 33.36 -18.58
C PRO C 401 14.27 34.37 -17.48
N ASP C 402 13.06 34.33 -16.92
CA ASP C 402 12.48 35.30 -16.00
C ASP C 402 12.06 36.58 -16.73
N VAL C 403 11.44 37.52 -16.00
CA VAL C 403 10.67 38.59 -16.63
C VAL C 403 11.57 39.51 -17.43
N VAL C 404 10.95 40.23 -18.36
CA VAL C 404 11.58 41.24 -19.20
C VAL C 404 11.20 42.59 -18.64
N TYR C 405 12.16 43.49 -18.58
CA TYR C 405 11.92 44.83 -18.08
C TYR C 405 11.74 45.78 -19.27
N PHE C 406 10.75 46.65 -19.16
CA PHE C 406 10.55 47.74 -20.10
C PHE C 406 10.55 49.10 -19.46
N ARG C 407 10.21 49.20 -18.17
CA ARG C 407 10.15 50.45 -17.45
C ARG C 407 11.54 50.95 -17.14
N THR C 408 11.64 52.26 -16.98
CA THR C 408 12.82 52.87 -16.39
C THR C 408 12.53 53.47 -15.02
N ARG C 409 11.27 53.73 -14.71
CA ARG C 409 10.89 54.06 -13.34
C ARG C 409 11.15 52.86 -12.47
N PHE C 410 11.73 53.08 -11.30
CA PHE C 410 11.95 52.03 -10.28
C PHE C 410 12.70 50.85 -10.87
N ASN C 411 13.85 51.16 -11.46
CA ASN C 411 14.66 50.18 -12.18
C ASN C 411 16.01 50.80 -12.49
N LEU C 412 17.09 50.23 -11.94
CA LEU C 412 18.44 50.68 -12.22
C LEU C 412 19.03 50.13 -13.51
N LEU C 413 18.33 49.25 -14.23
CA LEU C 413 18.90 48.71 -15.45
C LEU C 413 19.04 49.78 -16.51
N SER C 414 20.08 49.63 -17.33
CA SER C 414 20.23 50.52 -18.48
C SER C 414 19.34 50.03 -19.63
N PRO C 415 19.07 50.89 -20.62
CA PRO C 415 18.28 50.44 -21.78
C PRO C 415 18.96 49.37 -22.60
N GLU C 416 20.28 49.45 -22.73
CA GLU C 416 21.02 48.44 -23.46
C GLU C 416 21.03 47.12 -22.67
N GLU C 417 21.04 47.21 -21.34
CA GLU C 417 20.97 46.02 -20.50
C GLU C 417 19.65 45.30 -20.70
N MET C 418 18.53 46.03 -20.60
CA MET C 418 17.22 45.42 -20.76
C MET C 418 17.05 44.75 -22.12
N ARG C 419 17.69 45.26 -23.16
CA ARG C 419 17.52 44.62 -24.46
C ARG C 419 18.17 43.23 -24.50
N LEU C 420 19.17 42.98 -23.65
CA LEU C 420 19.79 41.65 -23.60
C LEU C 420 18.80 40.60 -23.07
N GLN C 421 18.00 40.99 -22.09
CA GLN C 421 17.01 40.07 -21.54
C GLN C 421 15.85 39.92 -22.51
N GLU C 422 15.43 41.04 -23.11
CA GLU C 422 14.32 40.99 -24.06
C GLU C 422 14.65 40.09 -25.24
N ALA C 423 15.91 40.06 -25.68
CA ALA C 423 16.31 39.18 -26.78
C ALA C 423 16.12 37.71 -26.41
N LEU C 424 16.52 37.34 -25.19
CA LEU C 424 16.35 35.97 -24.74
C LEU C 424 14.88 35.58 -24.60
N ALA C 425 14.01 36.51 -24.24
CA ALA C 425 12.60 36.13 -24.19
C ALA C 425 12.07 35.85 -25.58
N HIS C 426 12.56 36.59 -26.59
CA HIS C 426 12.19 36.28 -27.95
C HIS C 426 12.72 34.91 -28.35
N PHE C 427 13.97 34.61 -28.04
CA PHE C 427 14.56 33.37 -28.49
C PHE C 427 13.88 32.15 -27.88
N THR C 428 13.57 32.19 -26.59
CA THR C 428 12.87 31.08 -25.92
C THR C 428 11.37 31.08 -26.14
N GLY C 429 10.79 32.23 -26.50
CA GLY C 429 9.34 32.36 -26.63
C GLY C 429 8.58 32.63 -25.35
N PHE C 430 9.25 32.58 -24.19
CA PHE C 430 8.58 32.80 -22.91
C PHE C 430 8.57 34.28 -22.62
N LYS C 431 7.42 34.92 -22.77
CA LYS C 431 7.32 36.38 -22.67
C LYS C 431 6.53 36.73 -21.43
N ALA C 432 7.19 37.26 -20.40
CA ALA C 432 6.50 37.76 -19.21
C ALA C 432 7.13 39.07 -18.75
N THR C 433 6.41 39.75 -17.86
CA THR C 433 6.88 41.02 -17.31
C THR C 433 6.19 41.26 -15.98
N SER C 434 6.76 42.18 -15.21
CA SER C 434 6.12 42.66 -14.00
C SER C 434 5.79 44.13 -14.07
N ASP C 435 6.07 44.81 -15.17
CA ASP C 435 5.92 46.26 -15.19
C ASP C 435 4.45 46.61 -15.04
N PRO C 436 4.04 47.35 -14.02
CA PRO C 436 2.70 47.88 -13.99
C PRO C 436 2.57 48.96 -15.05
N PRO C 437 1.55 48.91 -15.89
CA PRO C 437 1.42 49.94 -16.95
C PRO C 437 1.48 51.37 -16.45
N SER C 438 0.98 51.66 -15.24
CA SER C 438 1.13 52.99 -14.63
C SER C 438 2.57 53.49 -14.69
N TRP C 439 3.54 52.60 -14.58
CA TRP C 439 4.94 52.97 -14.45
C TRP C 439 5.61 53.17 -15.80
N LEU C 440 4.89 52.90 -16.89
CA LEU C 440 5.46 52.95 -18.22
C LEU C 440 5.14 54.29 -18.87
N LEU C 441 6.19 54.98 -19.35
CA LEU C 441 6.04 56.15 -20.19
C LEU C 441 5.38 55.73 -21.51
N PRO C 442 4.83 56.67 -22.26
CA PRO C 442 4.16 56.28 -23.54
C PRO C 442 5.04 55.45 -24.46
N GLU C 443 6.27 55.91 -24.73
CA GLU C 443 7.19 55.16 -25.57
C GLU C 443 7.51 53.78 -25.01
N GLU C 444 7.32 53.57 -23.71
CA GLU C 444 7.57 52.26 -23.12
C GLU C 444 6.39 51.32 -23.35
N LYS C 445 5.17 51.79 -23.11
CA LYS C 445 3.99 50.96 -23.36
C LYS C 445 3.96 50.48 -24.81
N GLY C 446 4.39 51.33 -25.75
CA GLY C 446 4.46 50.90 -27.12
C GLY C 446 5.38 49.71 -27.30
N ARG C 447 6.57 49.77 -26.70
CA ARG C 447 7.51 48.68 -26.88
C ARG C 447 6.97 47.39 -26.28
N LEU C 448 6.29 47.50 -25.14
CA LEU C 448 5.77 46.29 -24.48
C LEU C 448 4.72 45.62 -25.34
N GLU C 449 3.88 46.40 -26.02
CA GLU C 449 2.88 45.78 -26.88
C GLU C 449 3.49 45.19 -28.14
N ALA C 450 4.51 45.82 -28.72
CA ALA C 450 5.18 45.19 -29.85
C ALA C 450 5.87 43.88 -29.43
N PHE C 451 6.38 43.83 -28.20
CA PHE C 451 7.04 42.64 -27.68
C PHE C 451 6.08 41.46 -27.60
N LEU C 452 4.88 41.71 -27.05
CA LEU C 452 3.85 40.68 -26.89
C LEU C 452 3.21 40.29 -28.22
N ALA C 453 2.88 41.29 -29.07
CA ALA C 453 2.02 41.06 -30.23
C ALA C 453 2.78 40.53 -31.43
N ARG C 454 4.08 40.77 -31.52
CA ARG C 454 4.86 40.32 -32.65
C ARG C 454 5.63 39.04 -32.32
N GLU C 455 5.91 38.26 -33.35
CA GLU C 455 6.70 37.05 -33.24
C GLU C 455 8.03 37.30 -33.97
N VAL C 456 8.93 38.02 -33.30
CA VAL C 456 10.23 38.37 -33.87
C VAL C 456 11.03 37.10 -34.15
N PRO C 457 11.46 36.86 -35.39
CA PRO C 457 12.31 35.69 -35.68
C PRO C 457 13.74 35.93 -35.25
N VAL C 458 14.34 34.89 -34.66
CA VAL C 458 15.62 34.97 -33.98
C VAL C 458 16.44 33.71 -34.30
N ARG C 459 17.73 33.90 -34.58
CA ARG C 459 18.62 32.82 -34.97
C ARG C 459 19.86 32.85 -34.09
N ARG C 460 20.54 31.72 -34.01
CA ARG C 460 21.71 31.58 -33.16
C ARG C 460 22.95 31.39 -34.04
N LEU C 461 23.92 32.29 -33.88
CA LEU C 461 25.16 32.26 -34.65
C LEU C 461 26.30 31.57 -33.92
N GLY C 462 26.25 31.51 -32.59
CA GLY C 462 27.28 30.89 -31.79
C GLY C 462 26.80 30.56 -30.39
N PRO C 463 27.72 30.18 -29.50
CA PRO C 463 27.34 30.03 -28.07
C PRO C 463 26.72 31.29 -27.46
N TYR C 464 27.29 32.47 -27.71
CA TYR C 464 26.79 33.69 -27.08
C TYR C 464 26.45 34.80 -28.08
N ARG C 465 26.19 34.46 -29.35
CA ARG C 465 25.87 35.44 -30.37
C ARG C 465 24.57 35.05 -31.05
N PHE C 466 23.61 35.95 -31.05
CA PHE C 466 22.29 35.70 -31.63
C PHE C 466 21.98 36.76 -32.67
N ARG C 467 21.00 36.47 -33.52
CA ARG C 467 20.45 37.49 -34.40
C ARG C 467 18.94 37.52 -34.13
N VAL C 468 18.49 38.53 -33.38
CA VAL C 468 17.07 38.78 -33.15
C VAL C 468 16.57 39.83 -34.13
N GLY C 469 15.58 39.44 -34.95
CA GLY C 469 15.16 40.21 -36.10
C GLY C 469 16.29 40.34 -37.10
N GLU C 470 16.79 41.57 -37.25
CA GLU C 470 17.97 41.82 -38.06
C GLU C 470 19.11 42.42 -37.26
N GLU C 471 18.90 42.63 -35.95
CA GLU C 471 19.93 43.15 -35.05
C GLU C 471 20.74 41.97 -34.49
N GLU C 472 22.05 42.12 -34.43
CA GLU C 472 22.91 41.10 -33.84
C GLU C 472 23.22 41.44 -32.39
N VAL C 473 23.06 40.46 -31.50
CA VAL C 473 23.22 40.61 -30.05
C VAL C 473 24.31 39.64 -29.59
N ASP C 474 25.36 40.16 -28.95
CA ASP C 474 26.48 39.34 -28.48
C ASP C 474 26.64 39.44 -26.97
N TYR C 475 26.70 38.28 -26.30
CA TYR C 475 26.79 38.21 -24.85
C TYR C 475 28.19 37.83 -24.36
N ALA C 476 29.18 37.79 -25.25
CA ALA C 476 30.52 37.41 -24.84
C ALA C 476 31.14 38.34 -23.81
N PRO C 477 31.01 39.69 -23.90
CA PRO C 477 31.59 40.56 -22.86
C PRO C 477 31.25 40.17 -21.42
N LEU C 478 30.03 39.69 -21.12
CA LEU C 478 29.69 39.32 -19.75
C LEU C 478 30.43 38.06 -19.25
N LEU C 479 31.26 37.44 -20.10
CA LEU C 479 31.97 36.18 -19.79
C LEU C 479 33.46 36.27 -20.16
C1 GLA D . -7.10 -39.34 29.59
C2 GLA D . -7.54 -38.33 30.65
C3 GLA D . -7.35 -36.94 30.17
C4 GLA D . -5.91 -36.75 29.81
C5 GLA D . -5.38 -37.76 28.77
C6 GLA D . -3.88 -37.61 28.58
O2 GLA D . -8.93 -38.54 30.93
O3 GLA D . -7.70 -36.02 31.27
O4 GLA D . -5.20 -36.95 31.04
O5 GLA D . -5.67 -39.16 29.11
O6 GLA D . -3.61 -36.35 27.96
C1 GLA D . -2.27 -35.88 28.13
C2 GLA D . -2.09 -34.59 27.33
C3 GLA D . -2.21 -34.81 25.87
C4 GLA D . -1.34 -35.93 25.39
C5 GLA D . -1.51 -37.19 26.27
C6 GLA D . -0.66 -38.38 25.92
O2 GLA D . -3.10 -33.62 27.66
O3 GLA D . -1.93 -33.54 25.20
O4 GLA D . 0.03 -35.46 25.30
O5 GLA D . -1.29 -36.93 27.70
O6 GLA D . -1.25 -39.47 26.59
C1 GLA E . -26.32 -3.94 -18.97
C2 GLA E . -25.89 -2.71 -19.78
C3 GLA E . -24.48 -2.82 -20.26
C4 GLA E . -23.57 -2.97 -19.07
C5 GLA E . -23.95 -4.06 -18.04
C6 GLA E . -23.23 -3.80 -16.71
O2 GLA E . -26.79 -2.46 -20.89
O3 GLA E . -24.16 -1.64 -21.09
O4 GLA E . -23.70 -1.74 -18.36
O5 GLA E . -25.42 -4.18 -17.78
O6 GLA E . -21.93 -4.40 -16.64
C1 GLA E . -21.15 -3.85 -15.55
C2 GLA E . -19.83 -4.59 -15.38
C3 GLA E . -20.04 -5.96 -14.88
C4 GLA E . -20.73 -5.94 -13.55
C5 GLA E . -22.06 -5.20 -13.64
C6 GLA E . -22.57 -4.96 -12.26
O2 GLA E . -19.14 -4.62 -16.65
O3 GLA E . -18.77 -6.64 -14.68
O4 GLA E . -19.89 -5.35 -12.54
O5 GLA E . -21.95 -3.88 -14.27
O6 GLA E . -23.90 -4.52 -12.41
C1 GLA F . 16.08 35.29 -2.34
C2 GLA F . 17.01 34.13 -2.58
C3 GLA F . 17.24 33.92 -4.03
C4 GLA F . 15.96 33.94 -4.87
C5 GLA F . 14.78 34.79 -4.37
C6 GLA F . 13.44 34.16 -4.68
O2 GLA F . 18.28 34.43 -1.97
O3 GLA F . 18.03 32.68 -4.12
O4 GLA F . 15.51 32.60 -5.02
O5 GLA F . 14.74 34.98 -2.92
O6 GLA F . 13.17 33.93 -6.06
C1 GLA F . 11.90 33.24 -6.20
C2 GLA F . 11.43 33.38 -7.65
C3 GLA F . 10.78 34.68 -7.95
C4 GLA F . 9.66 35.01 -7.02
C5 GLA F . 10.07 34.92 -5.54
C6 GLA F . 8.85 34.96 -4.65
O2 GLA F . 12.60 33.26 -8.48
O3 GLA F . 10.23 34.64 -9.30
O4 GLA F . 8.60 34.10 -7.33
O5 GLA F . 10.88 33.73 -5.19
O6 GLA F . 9.21 34.96 -3.28
#